data_8DJB
#
_entry.id   8DJB
#
_cell.length_a   1.00
_cell.length_b   1.00
_cell.length_c   1.00
_cell.angle_alpha   90.00
_cell.angle_beta   90.00
_cell.angle_gamma   90.00
#
_symmetry.space_group_name_H-M   'P 1'
#
loop_
_entity.id
_entity.type
_entity.pdbx_description
1 polymer 'Calcium-gated potassium channel MthK'
2 non-polymer 'POTASSIUM ION'
#
_entity_poly.entity_id   1
_entity_poly.type   'polypeptide(L)'
_entity_poly.pdbx_seq_one_letter_code
;MVLVIEIIRKHLPRVLKVPATRILLLVLAVIIYGTAGFHFIEGESWTVSLYWTFVTIATVGYGDYSPSTPLGMYFTVTLI
VLGIGTFAVLVERLLEFLINREQMKLMGLIDVAKSRHVVICGWSESTLECLRELRGSEVFVLAEDENVRKKVLRSGANFV
HGDPTRVSDLEKANVRGARAVIVDLESDSETIHCILGIRKIDESVRIIAEAERYENIEQLRMAGADQVISPFVISGRLMS
RSIDDGYEAMFVQDVLAEESTRRMVEVPIPEGSKLEGVSVLDADIHDVTGVIIIGVGRGDELIIDPPRDYSFRAGDIILG
IGKPEEIERLKNYISA
;
_entity_poly.pdbx_strand_id   A,B,D,F,H,G,C,E
#
loop_
_chem_comp.id
_chem_comp.type
_chem_comp.name
_chem_comp.formula
K non-polymer 'POTASSIUM ION' 'K 1'
#
# COMPACT_ATOMS: atom_id res chain seq x y z
N ALA A 20 -8.10 -20.83 29.12
CA ALA A 20 -8.67 -21.46 27.93
C ALA A 20 -9.60 -22.59 28.31
N THR A 21 -9.37 -23.19 29.48
CA THR A 21 -10.21 -24.28 29.98
C THR A 21 -11.03 -23.84 31.19
N ARG A 22 -11.07 -22.54 31.45
CA ARG A 22 -11.84 -22.00 32.55
C ARG A 22 -13.34 -22.21 32.33
N ILE A 23 -13.76 -22.13 31.06
CA ILE A 23 -15.17 -22.33 30.74
C ILE A 23 -15.61 -23.74 31.07
N LEU A 24 -14.74 -24.73 30.89
CA LEU A 24 -15.08 -26.10 31.25
C LEU A 24 -15.33 -26.23 32.74
N LEU A 25 -14.47 -25.61 33.54
CA LEU A 25 -14.69 -25.59 34.99
C LEU A 25 -15.98 -24.86 35.35
N LEU A 26 -16.26 -23.75 34.69
CA LEU A 26 -17.48 -23.00 34.98
C LEU A 26 -18.73 -23.82 34.68
N VAL A 27 -18.75 -24.49 33.52
CA VAL A 27 -19.91 -25.30 33.17
C VAL A 27 -20.03 -26.55 34.04
N LEU A 28 -18.90 -27.16 34.44
CA LEU A 28 -18.98 -28.25 35.40
C LEU A 28 -19.53 -27.78 36.74
N ALA A 29 -19.14 -26.57 37.18
CA ALA A 29 -19.69 -26.02 38.41
C ALA A 29 -21.19 -25.79 38.31
N VAL A 30 -21.66 -25.28 37.17
CA VAL A 30 -23.10 -25.09 36.99
C VAL A 30 -23.84 -26.42 37.00
N ILE A 31 -23.28 -27.43 36.33
CA ILE A 31 -23.93 -28.75 36.31
C ILE A 31 -23.99 -29.32 37.72
N ILE A 32 -22.90 -29.19 38.48
CA ILE A 32 -22.86 -29.71 39.85
C ILE A 32 -23.87 -28.97 40.72
N TYR A 33 -23.92 -27.65 40.57
CA TYR A 33 -24.82 -26.79 41.30
C TYR A 33 -26.26 -27.13 41.02
N GLY A 34 -26.52 -27.59 39.80
CA GLY A 34 -27.88 -27.91 39.45
C GLY A 34 -28.22 -29.24 40.05
N THR A 35 -27.33 -30.19 39.84
CA THR A 35 -27.56 -31.54 40.33
C THR A 35 -27.78 -31.56 41.85
N ALA A 36 -27.02 -30.74 42.57
CA ALA A 36 -27.12 -30.68 44.04
C ALA A 36 -28.26 -29.79 44.51
N GLY A 37 -29.22 -29.49 43.63
CA GLY A 37 -30.38 -28.71 44.02
C GLY A 37 -31.56 -29.59 44.40
N PHE A 38 -31.84 -30.59 43.57
CA PHE A 38 -32.95 -31.50 43.82
C PHE A 38 -32.77 -32.24 45.13
N HIS A 39 -31.62 -32.88 45.30
CA HIS A 39 -31.32 -33.64 46.51
C HIS A 39 -31.21 -32.76 47.76
N PHE A 40 -30.75 -31.52 47.57
CA PHE A 40 -30.59 -30.59 48.69
C PHE A 40 -31.80 -29.70 48.91
N ILE A 41 -32.91 -30.03 48.25
CA ILE A 41 -34.13 -29.24 48.38
C ILE A 41 -35.35 -30.13 48.62
N GLU A 42 -35.68 -30.94 47.61
CA GLU A 42 -36.81 -31.85 47.70
C GLU A 42 -36.34 -33.25 48.04
N GLY A 43 -35.05 -33.50 47.82
CA GLY A 43 -34.47 -34.80 48.11
C GLY A 43 -35.16 -35.92 47.36
N GLU A 44 -35.40 -35.71 46.07
CA GLU A 44 -36.05 -36.72 45.25
C GLU A 44 -35.20 -37.97 45.12
N SER A 45 -34.11 -37.85 44.34
CA SER A 45 -33.20 -38.97 44.13
C SER A 45 -31.86 -38.44 43.61
N TRP A 46 -30.77 -38.98 44.16
CA TRP A 46 -29.45 -38.53 43.75
C TRP A 46 -29.12 -38.93 42.30
N THR A 47 -29.99 -39.73 41.67
CA THR A 47 -29.77 -40.15 40.29
C THR A 47 -30.66 -39.38 39.32
N VAL A 48 -31.86 -39.00 39.76
CA VAL A 48 -32.81 -38.30 38.90
C VAL A 48 -32.44 -36.83 38.86
N SER A 49 -31.64 -36.38 39.84
CA SER A 49 -31.24 -34.98 39.90
C SER A 49 -30.22 -34.69 38.81
N LEU A 50 -29.34 -35.66 38.60
CA LEU A 50 -28.31 -35.57 37.58
C LEU A 50 -28.95 -35.49 36.21
N TYR A 51 -29.98 -36.29 36.00
CA TYR A 51 -30.72 -36.33 34.75
C TYR A 51 -31.47 -35.01 34.54
N TRP A 52 -32.33 -34.65 35.48
CA TRP A 52 -33.09 -33.42 35.36
C TRP A 52 -32.23 -32.19 35.09
N THR A 53 -31.07 -32.12 35.71
CA THR A 53 -30.16 -31.02 35.42
C THR A 53 -29.66 -31.03 33.99
N PHE A 54 -29.41 -32.21 33.41
CA PHE A 54 -28.98 -32.29 32.03
C PHE A 54 -30.10 -32.01 31.03
N VAL A 55 -31.32 -32.47 31.29
CA VAL A 55 -32.40 -32.19 30.35
C VAL A 55 -32.81 -30.71 30.41
N THR A 56 -32.71 -30.08 31.58
CA THR A 56 -33.06 -28.67 31.70
C THR A 56 -32.09 -27.75 30.98
N ILE A 57 -30.78 -28.03 31.06
CA ILE A 57 -29.80 -27.21 30.38
C ILE A 57 -29.94 -27.29 28.85
N ALA A 58 -30.16 -28.49 28.32
CA ALA A 58 -30.30 -28.69 26.88
C ALA A 58 -31.71 -28.37 26.40
N THR A 59 -32.44 -27.61 27.18
CA THR A 59 -33.76 -27.18 26.81
C THR A 59 -34.66 -28.28 26.30
N VAL A 60 -34.27 -29.53 26.51
CA VAL A 60 -35.09 -30.64 26.04
C VAL A 60 -36.43 -30.64 26.77
N GLY A 61 -36.44 -30.36 28.06
CA GLY A 61 -37.69 -30.24 28.78
C GLY A 61 -38.74 -31.32 28.71
N TYR A 62 -38.38 -32.55 29.03
CA TYR A 62 -39.36 -33.62 29.01
C TYR A 62 -40.58 -33.28 29.87
N GLY A 63 -40.35 -32.97 31.13
CA GLY A 63 -41.42 -32.65 32.05
C GLY A 63 -41.87 -33.79 32.95
N ASP A 64 -41.13 -34.91 32.95
CA ASP A 64 -41.51 -36.04 33.80
C ASP A 64 -41.47 -35.68 35.27
N TYR A 65 -40.40 -34.96 35.65
CA TYR A 65 -40.17 -34.53 37.02
C TYR A 65 -40.05 -33.01 37.14
N SER A 66 -41.18 -32.34 37.30
CA SER A 66 -41.20 -30.90 37.40
C SER A 66 -41.34 -30.46 38.85
N PRO A 67 -40.75 -29.32 39.22
CA PRO A 67 -40.87 -28.85 40.60
C PRO A 67 -42.28 -28.42 40.94
N SER A 68 -42.60 -28.51 42.23
CA SER A 68 -43.91 -28.11 42.73
C SER A 68 -43.86 -27.00 43.77
N THR A 69 -42.82 -26.92 44.59
CA THR A 69 -42.72 -25.85 45.57
C THR A 69 -42.38 -24.54 44.87
N PRO A 70 -42.84 -23.40 45.41
CA PRO A 70 -42.46 -22.11 44.82
C PRO A 70 -40.95 -21.89 44.82
N LEU A 71 -40.30 -22.32 45.89
CA LEU A 71 -38.85 -22.21 45.99
C LEU A 71 -38.21 -23.07 44.90
N GLY A 72 -38.71 -24.29 44.73
CA GLY A 72 -38.19 -25.19 43.72
C GLY A 72 -38.36 -24.67 42.30
N MET A 73 -39.51 -24.06 42.00
CA MET A 73 -39.72 -23.52 40.66
C MET A 73 -38.97 -22.22 40.42
N TYR A 74 -38.61 -21.54 41.51
CA TYR A 74 -37.82 -20.33 41.41
C TYR A 74 -36.41 -20.79 41.07
N PHE A 75 -35.92 -21.80 41.80
CA PHE A 75 -34.61 -22.36 41.53
C PHE A 75 -34.52 -22.86 40.10
N THR A 76 -35.63 -23.34 39.55
CA THR A 76 -35.66 -23.76 38.15
C THR A 76 -35.42 -22.56 37.22
N VAL A 77 -36.05 -21.42 37.52
CA VAL A 77 -35.81 -20.22 36.72
C VAL A 77 -34.36 -19.77 36.84
N THR A 78 -33.82 -19.83 38.06
CA THR A 78 -32.41 -19.48 38.25
C THR A 78 -31.49 -20.38 37.44
N LEU A 79 -31.75 -21.70 37.46
CA LEU A 79 -30.98 -22.63 36.67
C LEU A 79 -31.11 -22.37 35.17
N ILE A 80 -32.31 -22.04 34.70
CA ILE A 80 -32.51 -21.76 33.28
C ILE A 80 -31.72 -20.53 32.86
N VAL A 81 -31.80 -19.45 33.63
CA VAL A 81 -31.08 -18.24 33.25
C VAL A 81 -29.57 -18.45 33.35
N LEU A 82 -29.11 -19.23 34.35
CA LEU A 82 -27.68 -19.52 34.45
C LEU A 82 -27.21 -20.37 33.28
N GLY A 83 -28.03 -21.33 32.85
CA GLY A 83 -27.68 -22.13 31.70
C GLY A 83 -27.63 -21.32 30.42
N ILE A 84 -28.56 -20.39 30.26
CA ILE A 84 -28.51 -19.48 29.11
C ILE A 84 -27.24 -18.63 29.15
N GLY A 85 -26.88 -18.11 30.32
CA GLY A 85 -25.66 -17.35 30.44
C GLY A 85 -24.42 -18.17 30.12
N THR A 86 -24.36 -19.41 30.58
CA THR A 86 -23.26 -20.31 30.24
C THR A 86 -23.21 -20.62 28.75
N PHE A 87 -24.36 -20.83 28.12
CA PHE A 87 -24.37 -21.08 26.70
C PHE A 87 -23.86 -19.89 25.95
N ALA A 88 -24.26 -18.69 26.36
CA ALA A 88 -23.78 -17.49 25.69
C ALA A 88 -22.26 -17.41 25.65
N VAL A 89 -21.63 -17.71 26.78
CA VAL A 89 -20.17 -17.71 26.86
C VAL A 89 -19.60 -18.82 26.00
N LEU A 90 -20.30 -19.96 25.95
CA LEU A 90 -19.85 -21.08 25.16
C LEU A 90 -19.83 -20.64 23.71
N VAL A 91 -20.92 -20.07 23.23
CA VAL A 91 -20.98 -19.63 21.83
C VAL A 91 -19.94 -18.56 21.55
N GLU A 92 -19.74 -17.67 22.51
CA GLU A 92 -18.80 -16.60 22.37
C GLU A 92 -17.38 -17.09 22.16
N ARG A 93 -16.95 -18.05 22.98
CA ARG A 93 -15.61 -18.61 22.87
C ARG A 93 -15.38 -19.27 21.52
N LEU A 94 -16.34 -20.09 21.10
CA LEU A 94 -16.22 -20.77 19.84
C LEU A 94 -16.10 -19.75 18.74
N LEU A 95 -17.03 -18.82 18.67
CA LEU A 95 -17.03 -17.79 17.64
C LEU A 95 -15.75 -17.02 17.58
N GLU A 96 -15.20 -16.67 18.72
CA GLU A 96 -13.92 -15.99 18.75
C GLU A 96 -12.82 -16.87 18.18
N PHE A 97 -12.82 -18.16 18.54
CA PHE A 97 -11.83 -19.09 17.98
C PHE A 97 -11.96 -19.21 16.47
N LEU A 98 -13.18 -19.34 15.96
CA LEU A 98 -13.37 -19.46 14.52
C LEU A 98 -12.94 -18.19 13.80
N ILE A 99 -13.29 -17.02 14.34
CA ILE A 99 -12.90 -15.77 13.71
C ILE A 99 -11.38 -15.63 13.68
N ASN A 100 -10.73 -15.96 14.80
CA ASN A 100 -9.27 -15.89 14.84
C ASN A 100 -8.63 -16.83 13.83
N ARG A 101 -9.12 -18.08 13.77
CA ARG A 101 -8.58 -19.04 12.83
C ARG A 101 -8.73 -18.57 11.39
N GLU A 102 -9.94 -18.11 11.04
CA GLU A 102 -10.20 -17.71 9.66
C GLU A 102 -9.40 -16.47 9.27
N GLN A 103 -9.33 -15.51 10.19
CA GLN A 103 -8.60 -14.27 9.93
C GLN A 103 -7.10 -14.51 9.84
N MET A 104 -6.61 -15.52 10.58
CA MET A 104 -5.19 -15.84 10.57
C MET A 104 -4.77 -16.67 9.38
N LYS A 105 -5.56 -17.65 9.01
CA LYS A 105 -5.23 -18.54 7.89
C LYS A 105 -5.64 -18.00 6.52
N LEU A 106 -6.24 -16.82 6.49
CA LEU A 106 -6.56 -16.14 5.24
C LEU A 106 -5.37 -15.41 4.65
N MET A 107 -4.57 -14.80 5.50
CA MET A 107 -3.41 -14.05 5.07
C MET A 107 -2.11 -14.82 5.27
N GLY A 108 -2.17 -16.13 5.27
CA GLY A 108 -0.99 -16.94 5.48
C GLY A 108 -0.85 -17.35 6.93
N LEU A 109 0.35 -17.20 7.47
CA LEU A 109 0.62 -17.39 8.90
C LEU A 109 0.12 -18.75 9.38
N ILE A 110 0.26 -19.75 8.54
CA ILE A 110 -0.20 -21.07 8.87
C ILE A 110 0.88 -22.09 8.54
N ASP A 111 1.16 -22.99 9.47
CA ASP A 111 2.17 -24.01 9.28
C ASP A 111 1.62 -25.13 8.42
N VAL A 112 2.50 -25.75 7.63
CA VAL A 112 2.12 -26.80 6.71
C VAL A 112 2.37 -28.15 7.36
N ALA A 113 1.38 -29.04 7.27
CA ALA A 113 1.46 -30.36 7.87
C ALA A 113 1.53 -31.49 6.85
N LYS A 114 1.67 -31.16 5.57
CA LYS A 114 1.76 -32.19 4.56
C LYS A 114 3.15 -32.79 4.47
N SER A 115 3.30 -33.88 3.73
CA SER A 115 4.60 -34.53 3.62
C SER A 115 4.92 -35.00 2.21
N ARG A 116 4.21 -34.53 1.20
CA ARG A 116 4.56 -34.88 -0.17
C ARG A 116 4.13 -33.79 -1.11
N HIS A 117 4.17 -32.54 -0.66
CA HIS A 117 3.77 -31.39 -1.44
C HIS A 117 4.94 -30.90 -2.30
N VAL A 118 4.71 -29.80 -3.01
CA VAL A 118 5.74 -29.16 -3.84
C VAL A 118 5.78 -27.70 -3.40
N VAL A 119 6.93 -27.25 -2.90
CA VAL A 119 7.07 -25.88 -2.43
C VAL A 119 7.66 -25.02 -3.54
N ILE A 120 7.04 -23.85 -3.75
CA ILE A 120 7.49 -22.92 -4.78
C ILE A 120 7.89 -21.63 -4.09
N CYS A 121 9.14 -21.20 -4.27
CA CYS A 121 9.62 -19.96 -3.70
C CYS A 121 9.60 -18.87 -4.77
N GLY A 122 8.83 -17.82 -4.53
CA GLY A 122 8.65 -16.77 -5.51
C GLY A 122 7.53 -17.08 -6.49
N TRP A 123 7.12 -16.04 -7.22
CA TRP A 123 6.01 -16.16 -8.17
C TRP A 123 6.30 -15.29 -9.38
N SER A 124 6.54 -15.94 -10.52
CA SER A 124 6.74 -15.26 -11.80
C SER A 124 5.92 -15.99 -12.87
N GLU A 125 6.15 -15.60 -14.12
CA GLU A 125 5.47 -16.26 -15.24
C GLU A 125 5.95 -17.68 -15.45
N SER A 126 7.20 -18.00 -15.10
CA SER A 126 7.72 -19.36 -15.18
C SER A 126 7.04 -20.31 -14.22
N THR A 127 6.77 -19.86 -12.99
CA THR A 127 6.09 -20.71 -12.00
C THR A 127 4.60 -20.80 -12.23
N LEU A 128 4.02 -19.89 -13.02
CA LEU A 128 2.62 -20.00 -13.41
C LEU A 128 2.40 -21.03 -14.51
N GLU A 129 3.37 -21.24 -15.40
CA GLU A 129 3.26 -22.24 -16.44
C GLU A 129 3.47 -23.65 -15.92
N CYS A 130 4.24 -23.84 -14.85
CA CYS A 130 4.39 -25.15 -14.25
C CYS A 130 3.25 -25.50 -13.32
N LEU A 131 2.40 -24.53 -12.97
CA LEU A 131 1.20 -24.82 -12.20
C LEU A 131 0.12 -25.50 -13.04
N ARG A 132 0.22 -25.40 -14.36
CA ARG A 132 -0.80 -25.99 -15.20
C ARG A 132 -0.59 -27.48 -15.43
N GLU A 133 0.59 -27.98 -15.13
CA GLU A 133 0.88 -29.41 -15.19
C GLU A 133 1.03 -30.05 -13.80
N LEU A 134 0.68 -29.34 -12.74
CA LEU A 134 0.77 -29.87 -11.38
C LEU A 134 -0.57 -29.75 -10.69
N ARG A 135 -0.77 -30.58 -9.68
CA ARG A 135 -2.00 -30.54 -8.90
C ARG A 135 -2.09 -29.24 -8.11
N GLY A 136 -3.26 -28.62 -8.11
CA GLY A 136 -3.42 -27.34 -7.43
C GLY A 136 -3.29 -27.46 -5.92
N SER A 137 -3.77 -28.56 -5.35
CA SER A 137 -3.76 -28.75 -3.91
C SER A 137 -2.43 -29.25 -3.37
N GLU A 138 -1.45 -29.58 -4.20
CA GLU A 138 -0.20 -30.04 -3.63
C GLU A 138 0.87 -29.00 -3.67
N VAL A 139 0.67 -27.90 -4.38
CA VAL A 139 1.68 -26.86 -4.51
C VAL A 139 1.44 -25.79 -3.45
N PHE A 140 2.52 -25.35 -2.80
CA PHE A 140 2.49 -24.28 -1.81
C PHE A 140 3.43 -23.19 -2.27
N VAL A 141 2.93 -21.96 -2.37
CA VAL A 141 3.73 -20.82 -2.81
C VAL A 141 4.14 -20.02 -1.59
N LEU A 142 5.45 -19.79 -1.45
CA LEU A 142 6.01 -19.10 -0.30
C LEU A 142 6.52 -17.73 -0.76
N ALA A 143 5.75 -16.69 -0.46
CA ALA A 143 6.10 -15.32 -0.79
C ALA A 143 5.67 -14.42 0.36
N GLU A 144 5.78 -13.12 0.15
CA GLU A 144 5.34 -12.16 1.14
C GLU A 144 4.62 -10.93 0.60
N ASP A 145 4.53 -10.78 -0.71
CA ASP A 145 3.77 -9.68 -1.27
C ASP A 145 2.28 -9.96 -1.19
N GLU A 146 1.49 -8.88 -1.19
CA GLU A 146 0.05 -9.03 -1.05
C GLU A 146 -0.63 -9.39 -2.38
N ASN A 147 -0.18 -8.79 -3.48
CA ASN A 147 -0.74 -9.12 -4.78
C ASN A 147 -0.43 -10.57 -5.17
N VAL A 148 0.72 -11.09 -4.75
CA VAL A 148 1.07 -12.48 -5.04
C VAL A 148 0.05 -13.42 -4.40
N ARG A 149 -0.47 -13.08 -3.21
CA ARG A 149 -1.47 -13.92 -2.58
C ARG A 149 -2.72 -14.04 -3.44
N LYS A 150 -3.23 -12.91 -3.95
CA LYS A 150 -4.41 -12.95 -4.80
C LYS A 150 -4.12 -13.69 -6.10
N LYS A 151 -2.95 -13.48 -6.69
CA LYS A 151 -2.59 -14.18 -7.91
C LYS A 151 -2.55 -15.69 -7.69
N VAL A 152 -1.95 -16.13 -6.58
CA VAL A 152 -1.87 -17.55 -6.28
C VAL A 152 -3.25 -18.14 -6.04
N LEU A 153 -4.09 -17.42 -5.29
CA LEU A 153 -5.44 -17.91 -5.01
C LEU A 153 -6.24 -18.04 -6.30
N ARG A 154 -6.13 -17.07 -7.20
CA ARG A 154 -6.80 -17.20 -8.49
C ARG A 154 -6.25 -18.37 -9.29
N SER A 155 -4.93 -18.59 -9.24
CA SER A 155 -4.33 -19.69 -9.97
C SER A 155 -4.84 -21.04 -9.45
N GLY A 156 -4.99 -21.16 -8.14
CA GLY A 156 -5.51 -22.39 -7.57
C GLY A 156 -4.53 -23.14 -6.69
N ALA A 157 -3.64 -22.40 -6.03
CA ALA A 157 -2.63 -23.00 -5.16
C ALA A 157 -2.82 -22.46 -3.74
N ASN A 158 -1.93 -22.89 -2.85
CA ASN A 158 -1.97 -22.48 -1.45
C ASN A 158 -0.84 -21.49 -1.19
N PHE A 159 -1.14 -20.43 -0.44
CA PHE A 159 -0.21 -19.35 -0.20
C PHE A 159 0.29 -19.40 1.24
N VAL A 160 1.61 -19.32 1.42
CA VAL A 160 2.25 -19.28 2.73
C VAL A 160 3.04 -17.98 2.80
N HIS A 161 2.80 -17.20 3.84
CA HIS A 161 3.44 -15.90 4.00
C HIS A 161 4.77 -16.07 4.72
N GLY A 162 5.87 -15.82 4.03
CA GLY A 162 7.18 -15.88 4.65
C GLY A 162 8.27 -15.43 3.70
N ASP A 163 9.48 -15.33 4.20
CA ASP A 163 10.61 -14.92 3.40
C ASP A 163 11.35 -16.16 2.94
N PRO A 164 11.41 -16.43 1.65
CA PRO A 164 12.11 -17.63 1.16
C PRO A 164 13.56 -17.70 1.60
N THR A 165 14.18 -16.56 1.91
CA THR A 165 15.58 -16.55 2.31
C THR A 165 15.78 -16.87 3.78
N ARG A 166 14.72 -16.88 4.58
CA ARG A 166 14.85 -17.16 6.01
C ARG A 166 14.68 -18.66 6.27
N VAL A 167 15.62 -19.23 7.02
CA VAL A 167 15.51 -20.63 7.41
C VAL A 167 14.32 -20.85 8.33
N SER A 168 13.99 -19.88 9.18
CA SER A 168 12.84 -20.00 10.06
C SER A 168 11.53 -20.06 9.28
N ASP A 169 11.39 -19.23 8.24
CA ASP A 169 10.19 -19.25 7.40
C ASP A 169 10.23 -20.39 6.38
N LEU A 170 11.39 -20.98 6.14
CA LEU A 170 11.47 -22.15 5.28
C LEU A 170 10.94 -23.41 5.96
N GLU A 171 11.06 -23.50 7.28
CA GLU A 171 10.51 -24.63 8.02
C GLU A 171 9.01 -24.54 8.18
N LYS A 172 8.44 -23.34 8.09
CA LYS A 172 6.98 -23.20 8.12
C LYS A 172 6.37 -23.86 6.90
N ALA A 173 7.02 -23.74 5.74
CA ALA A 173 6.56 -24.38 4.52
C ALA A 173 6.86 -25.86 4.48
N ASN A 174 7.52 -26.40 5.52
CA ASN A 174 7.82 -27.82 5.63
C ASN A 174 8.63 -28.31 4.43
N VAL A 175 9.80 -27.67 4.23
CA VAL A 175 10.72 -28.06 3.17
C VAL A 175 11.33 -29.43 3.41
N ARG A 176 11.45 -29.82 4.67
CA ARG A 176 12.02 -31.11 5.04
C ARG A 176 11.35 -32.26 4.36
N GLY A 177 10.03 -32.25 4.42
CA GLY A 177 9.22 -33.30 3.86
C GLY A 177 8.70 -33.07 2.46
N ALA A 178 9.09 -31.98 1.80
CA ALA A 178 8.57 -31.69 0.48
C ALA A 178 9.13 -32.66 -0.56
N ARG A 179 8.32 -32.96 -1.58
CA ARG A 179 8.79 -33.82 -2.67
C ARG A 179 9.87 -33.12 -3.48
N ALA A 180 9.65 -31.85 -3.82
CA ALA A 180 10.62 -31.07 -4.57
C ALA A 180 10.35 -29.59 -4.31
N VAL A 181 11.40 -28.79 -4.43
CA VAL A 181 11.33 -27.35 -4.20
C VAL A 181 11.77 -26.64 -5.47
N ILE A 182 10.99 -25.65 -5.89
CA ILE A 182 11.29 -24.85 -7.07
C ILE A 182 11.59 -23.44 -6.62
N VAL A 183 12.80 -22.96 -6.93
CA VAL A 183 13.27 -21.66 -6.48
C VAL A 183 13.35 -20.73 -7.67
N ASP A 184 12.55 -19.67 -7.65
CA ASP A 184 12.59 -18.63 -8.68
C ASP A 184 12.21 -17.31 -8.01
N LEU A 185 13.23 -16.55 -7.60
CA LEU A 185 13.03 -15.32 -6.86
C LEU A 185 13.33 -14.12 -7.76
N GLU A 186 13.25 -12.92 -7.18
CA GLU A 186 13.41 -11.70 -7.95
C GLU A 186 14.84 -11.43 -8.36
N SER A 187 15.82 -12.11 -7.77
CA SER A 187 17.22 -11.87 -8.08
C SER A 187 18.03 -13.14 -7.85
N ASP A 188 19.16 -13.21 -8.55
CA ASP A 188 20.07 -14.35 -8.38
C ASP A 188 20.66 -14.41 -6.98
N SER A 189 20.91 -13.27 -6.33
CA SER A 189 21.37 -13.28 -4.95
C SER A 189 20.35 -13.96 -4.04
N GLU A 190 19.07 -13.60 -4.20
CA GLU A 190 18.03 -14.23 -3.40
C GLU A 190 17.89 -15.71 -3.72
N THR A 191 18.03 -16.07 -4.99
CA THR A 191 17.97 -17.48 -5.37
C THR A 191 19.08 -18.29 -4.71
N ILE A 192 20.30 -17.75 -4.73
CA ILE A 192 21.43 -18.44 -4.11
C ILE A 192 21.22 -18.56 -2.61
N HIS A 193 20.76 -17.48 -1.97
CA HIS A 193 20.53 -17.51 -0.54
C HIS A 193 19.45 -18.53 -0.17
N CYS A 194 18.38 -18.60 -0.97
CA CYS A 194 17.32 -19.56 -0.71
C CYS A 194 17.81 -20.99 -0.88
N ILE A 195 18.65 -21.23 -1.90
CA ILE A 195 19.20 -22.57 -2.10
C ILE A 195 20.08 -22.97 -0.92
N LEU A 196 20.92 -22.04 -0.45
CA LEU A 196 21.76 -22.33 0.71
C LEU A 196 20.91 -22.62 1.94
N GLY A 197 19.84 -21.84 2.15
CA GLY A 197 18.97 -22.09 3.28
C GLY A 197 18.27 -23.43 3.21
N ILE A 198 17.81 -23.82 2.02
CA ILE A 198 17.14 -25.11 1.87
C ILE A 198 18.13 -26.25 2.12
N ARG A 199 19.35 -26.13 1.58
CA ARG A 199 20.35 -27.17 1.80
C ARG A 199 20.78 -27.22 3.26
N LYS A 200 20.63 -26.11 3.98
CA LYS A 200 20.91 -26.13 5.41
C LYS A 200 19.89 -26.98 6.16
N ILE A 201 18.65 -27.03 5.68
CA ILE A 201 17.60 -27.80 6.34
C ILE A 201 17.69 -29.26 5.90
N ASP A 202 17.55 -29.52 4.61
CA ASP A 202 17.56 -30.86 4.07
C ASP A 202 18.62 -30.97 2.98
N GLU A 203 19.49 -31.97 3.11
CA GLU A 203 20.57 -32.19 2.15
C GLU A 203 20.20 -33.16 1.04
N SER A 204 18.96 -33.67 1.04
CA SER A 204 18.53 -34.64 0.04
C SER A 204 17.34 -34.20 -0.80
N VAL A 205 16.64 -33.13 -0.40
CA VAL A 205 15.49 -32.68 -1.17
C VAL A 205 15.96 -32.18 -2.54
N ARG A 206 15.10 -32.32 -3.54
CA ARG A 206 15.41 -31.93 -4.91
C ARG A 206 15.08 -30.45 -5.10
N ILE A 207 16.07 -29.69 -5.59
CA ILE A 207 15.93 -28.25 -5.79
C ILE A 207 16.04 -27.96 -7.28
N ILE A 208 15.12 -27.15 -7.80
CA ILE A 208 15.11 -26.74 -9.19
C ILE A 208 15.14 -25.21 -9.18
N ALA A 209 16.20 -24.63 -9.73
CA ALA A 209 16.40 -23.19 -9.70
C ALA A 209 16.42 -22.61 -11.11
N GLU A 210 16.27 -21.28 -11.18
CA GLU A 210 16.29 -20.54 -12.42
C GLU A 210 17.33 -19.44 -12.33
N ALA A 211 18.16 -19.30 -13.36
CA ALA A 211 19.26 -18.35 -13.36
C ALA A 211 19.03 -17.26 -14.40
N GLU A 212 19.26 -16.01 -14.01
CA GLU A 212 19.19 -14.90 -14.96
C GLU A 212 20.53 -14.75 -15.70
N ARG A 213 21.60 -14.50 -14.95
CA ARG A 213 22.89 -14.23 -15.56
C ARG A 213 23.64 -15.52 -15.85
N TYR A 214 24.53 -15.45 -16.84
CA TYR A 214 25.34 -16.61 -17.19
C TYR A 214 26.43 -16.87 -16.16
N GLU A 215 26.85 -15.84 -15.42
CA GLU A 215 27.89 -15.99 -14.41
C GLU A 215 27.43 -16.80 -13.21
N ASN A 216 26.12 -16.89 -12.95
CA ASN A 216 25.60 -17.52 -11.75
C ASN A 216 25.15 -18.95 -11.98
N ILE A 217 25.30 -19.48 -13.20
CA ILE A 217 24.90 -20.87 -13.45
C ILE A 217 25.75 -21.82 -12.62
N GLU A 218 27.06 -21.60 -12.59
CA GLU A 218 27.93 -22.44 -11.78
C GLU A 218 27.76 -22.21 -10.28
N GLN A 219 27.46 -20.97 -9.86
CA GLN A 219 27.24 -20.70 -8.45
C GLN A 219 25.96 -21.34 -7.94
N LEU A 220 24.91 -21.39 -8.75
CA LEU A 220 23.70 -22.11 -8.37
C LEU A 220 23.97 -23.60 -8.21
N ARG A 221 24.78 -24.19 -9.09
CA ARG A 221 25.11 -25.61 -8.94
C ARG A 221 26.00 -25.86 -7.74
N MET A 222 26.92 -24.95 -7.42
CA MET A 222 27.74 -25.10 -6.23
C MET A 222 26.95 -24.91 -4.94
N ALA A 223 25.92 -24.06 -4.96
CA ALA A 223 25.09 -23.87 -3.77
C ALA A 223 24.31 -25.13 -3.42
N GLY A 224 23.95 -25.94 -4.42
CA GLY A 224 23.27 -27.18 -4.14
C GLY A 224 22.09 -27.50 -5.04
N ALA A 225 21.84 -26.65 -6.04
CA ALA A 225 20.72 -26.87 -6.93
C ALA A 225 20.93 -28.12 -7.76
N ASP A 226 19.90 -28.97 -7.82
CA ASP A 226 19.97 -30.19 -8.62
C ASP A 226 19.85 -29.89 -10.11
N GLN A 227 18.95 -28.99 -10.48
CA GLN A 227 18.73 -28.63 -11.88
C GLN A 227 18.66 -27.11 -11.99
N VAL A 228 19.27 -26.57 -13.03
CA VAL A 228 19.34 -25.13 -13.27
C VAL A 228 18.76 -24.85 -14.65
N ILE A 229 17.94 -23.81 -14.76
CA ILE A 229 17.35 -23.42 -16.03
C ILE A 229 17.74 -22.00 -16.33
N SER A 230 18.12 -21.69 -17.55
CA SER A 230 18.60 -20.36 -17.95
C SER A 230 17.78 -19.83 -19.11
N PRO A 231 16.54 -19.40 -18.88
CA PRO A 231 15.70 -18.91 -19.98
C PRO A 231 16.25 -17.68 -20.66
N PHE A 232 16.79 -16.74 -19.89
CA PHE A 232 17.37 -15.53 -20.48
C PHE A 232 18.62 -15.86 -21.29
N VAL A 233 19.46 -16.77 -20.80
CA VAL A 233 20.65 -17.16 -21.55
C VAL A 233 20.26 -17.85 -22.86
N ILE A 234 19.24 -18.71 -22.83
CA ILE A 234 18.79 -19.35 -24.07
C ILE A 234 18.22 -18.33 -25.03
N SER A 235 17.38 -17.41 -24.53
CA SER A 235 16.69 -16.47 -25.42
C SER A 235 17.66 -15.48 -26.03
N GLY A 236 18.67 -15.03 -25.27
CA GLY A 236 19.64 -14.10 -25.83
C GLY A 236 20.40 -14.72 -26.99
N ARG A 237 20.85 -15.96 -26.82
CA ARG A 237 21.57 -16.63 -27.90
C ARG A 237 20.66 -16.91 -29.08
N LEU A 238 19.39 -17.26 -28.82
CA LEU A 238 18.46 -17.46 -29.93
C LEU A 238 18.22 -16.17 -30.69
N MET A 239 18.14 -15.04 -29.97
CA MET A 239 17.99 -13.74 -30.65
C MET A 239 19.23 -13.40 -31.46
N SER A 240 20.42 -13.71 -30.94
CA SER A 240 21.66 -13.35 -31.59
C SER A 240 21.97 -14.22 -32.81
N ARG A 241 21.13 -15.18 -33.13
CA ARG A 241 21.40 -15.98 -34.31
C ARG A 241 20.27 -15.86 -35.32
N SER A 242 19.11 -15.40 -34.90
CA SER A 242 17.96 -15.36 -35.77
C SER A 242 17.91 -14.09 -36.62
N ILE A 243 18.93 -13.24 -36.55
CA ILE A 243 18.93 -12.02 -37.36
C ILE A 243 19.03 -12.34 -38.84
N ASP A 244 19.72 -13.43 -39.20
CA ASP A 244 19.90 -13.78 -40.59
C ASP A 244 19.20 -15.10 -40.87
N ASP A 245 19.49 -16.17 -40.14
CA ASP A 245 18.99 -17.49 -40.52
C ASP A 245 17.63 -17.78 -39.88
N GLY A 246 17.58 -17.82 -38.56
CA GLY A 246 16.35 -18.10 -37.85
C GLY A 246 15.77 -19.48 -38.10
N TYR A 247 16.63 -20.51 -38.09
CA TYR A 247 16.16 -21.89 -38.21
C TYR A 247 16.30 -22.68 -36.92
N GLU A 248 17.35 -22.45 -36.14
CA GLU A 248 17.45 -23.06 -34.82
C GLU A 248 16.35 -22.59 -33.88
N ALA A 249 16.05 -21.30 -33.89
CA ALA A 249 14.98 -20.77 -33.05
C ALA A 249 13.63 -21.36 -33.43
N MET A 250 13.38 -21.55 -34.72
CA MET A 250 12.12 -22.16 -35.15
C MET A 250 11.96 -23.58 -34.61
N PHE A 251 13.01 -24.39 -34.72
CA PHE A 251 12.99 -25.73 -34.16
C PHE A 251 12.78 -25.70 -32.65
N VAL A 252 13.52 -24.84 -31.95
CA VAL A 252 13.40 -24.77 -30.51
C VAL A 252 12.00 -24.38 -30.10
N GLN A 253 11.41 -23.36 -30.73
CA GLN A 253 10.06 -22.96 -30.41
C GLN A 253 9.06 -24.08 -30.68
N ASP A 254 9.07 -24.63 -31.89
CA ASP A 254 8.08 -25.61 -32.29
C ASP A 254 8.21 -26.95 -31.57
N VAL A 255 9.36 -27.22 -30.94
CA VAL A 255 9.53 -28.47 -30.21
C VAL A 255 9.41 -28.32 -28.70
N LEU A 256 9.91 -27.22 -28.12
CA LEU A 256 9.91 -27.07 -26.67
C LEU A 256 8.87 -26.12 -26.14
N ALA A 257 8.44 -25.11 -26.91
CA ALA A 257 7.51 -24.11 -26.42
C ALA A 257 6.08 -24.46 -26.80
N GLU A 258 5.80 -24.64 -28.09
CA GLU A 258 4.45 -24.90 -28.55
C GLU A 258 4.11 -26.38 -28.63
N GLU A 259 5.07 -27.23 -28.98
CA GLU A 259 4.83 -28.66 -29.20
C GLU A 259 3.72 -28.85 -30.22
N SER A 260 3.81 -28.05 -31.27
CA SER A 260 2.88 -28.04 -32.37
C SER A 260 2.70 -29.41 -32.94
N THR A 261 3.73 -29.91 -33.58
CA THR A 261 3.64 -31.21 -34.20
C THR A 261 4.42 -32.25 -33.43
N ARG A 262 5.70 -32.03 -33.20
CA ARG A 262 6.54 -32.99 -32.52
C ARG A 262 6.72 -32.61 -31.06
N ARG A 263 7.44 -33.44 -30.33
CA ARG A 263 7.60 -33.28 -28.88
C ARG A 263 8.80 -34.10 -28.42
N MET A 264 9.53 -33.57 -27.45
CA MET A 264 10.69 -34.27 -26.89
C MET A 264 10.21 -35.07 -25.68
N VAL A 265 10.24 -36.39 -25.81
CA VAL A 265 9.69 -37.28 -24.80
C VAL A 265 10.84 -38.03 -24.14
N GLU A 266 10.59 -38.52 -22.92
CA GLU A 266 11.56 -39.34 -22.19
C GLU A 266 10.81 -40.54 -21.62
N VAL A 267 10.93 -41.68 -22.30
CA VAL A 267 10.21 -42.89 -21.92
C VAL A 267 11.19 -43.89 -21.33
N PRO A 268 10.89 -44.46 -20.16
CA PRO A 268 11.81 -45.43 -19.54
C PRO A 268 11.62 -46.82 -20.14
N ILE A 269 12.57 -47.69 -19.80
CA ILE A 269 12.57 -49.09 -20.21
C ILE A 269 12.05 -49.93 -19.05
N PRO A 270 10.93 -50.61 -19.19
CA PRO A 270 10.38 -51.40 -18.09
C PRO A 270 11.24 -52.63 -17.79
N GLU A 271 10.82 -53.37 -16.77
CA GLU A 271 11.53 -54.58 -16.37
C GLU A 271 11.47 -55.63 -17.46
N GLY A 272 12.63 -56.06 -17.92
CA GLY A 272 12.74 -57.02 -19.00
C GLY A 272 12.57 -56.38 -20.36
N SER A 273 11.32 -56.07 -20.72
CA SER A 273 11.01 -55.27 -21.91
C SER A 273 11.45 -55.97 -23.20
N LYS A 274 11.99 -57.17 -23.07
CA LYS A 274 12.50 -57.95 -24.20
C LYS A 274 13.57 -57.19 -24.98
N LEU A 275 14.17 -56.17 -24.35
CA LEU A 275 15.18 -55.35 -25.01
C LEU A 275 16.39 -55.15 -24.10
N GLU A 276 16.63 -56.06 -23.20
CA GLU A 276 17.78 -55.87 -22.37
C GLU A 276 18.93 -56.50 -23.11
N GLY A 277 20.06 -55.83 -23.06
CA GLY A 277 21.30 -56.27 -23.67
C GLY A 277 21.38 -56.07 -25.16
N VAL A 278 20.29 -55.66 -25.79
CA VAL A 278 20.26 -55.41 -27.23
C VAL A 278 20.97 -54.09 -27.51
N SER A 279 21.88 -54.11 -28.48
CA SER A 279 22.59 -52.89 -28.84
C SER A 279 21.69 -51.97 -29.65
N VAL A 280 22.09 -50.70 -29.72
CA VAL A 280 21.33 -49.71 -30.48
C VAL A 280 21.37 -50.04 -31.98
N LEU A 281 22.53 -50.49 -32.47
CA LEU A 281 22.67 -50.83 -33.87
C LEU A 281 21.74 -51.96 -34.29
N ASP A 282 21.53 -52.95 -33.42
CA ASP A 282 20.58 -54.03 -33.69
C ASP A 282 19.14 -53.66 -33.38
N ALA A 283 18.91 -52.70 -32.48
CA ALA A 283 17.55 -52.28 -32.17
C ALA A 283 16.96 -51.45 -33.31
N ASP A 284 17.73 -50.48 -33.79
CA ASP A 284 17.29 -49.54 -34.83
C ASP A 284 15.97 -48.92 -34.46
N ILE A 285 15.97 -48.13 -33.39
CA ILE A 285 14.76 -47.50 -32.93
C ILE A 285 14.22 -46.47 -33.91
N HIS A 286 15.12 -45.80 -34.62
CA HIS A 286 14.65 -44.85 -35.63
C HIS A 286 13.96 -45.56 -36.80
N ASP A 287 14.60 -46.59 -37.35
CA ASP A 287 14.04 -47.33 -38.46
C ASP A 287 12.79 -48.11 -38.09
N VAL A 288 12.60 -48.44 -36.81
CA VAL A 288 11.41 -49.17 -36.38
C VAL A 288 10.24 -48.26 -36.05
N THR A 289 10.45 -47.16 -35.33
CA THR A 289 9.34 -46.35 -34.86
C THR A 289 9.29 -44.96 -35.49
N GLY A 290 10.43 -44.38 -35.84
CA GLY A 290 10.47 -43.04 -36.38
C GLY A 290 10.86 -41.95 -35.41
N VAL A 291 11.32 -42.30 -34.21
CA VAL A 291 11.70 -41.33 -33.19
C VAL A 291 13.21 -41.18 -33.21
N ILE A 292 13.68 -39.94 -33.35
CA ILE A 292 15.11 -39.67 -33.34
C ILE A 292 15.62 -39.81 -31.92
N ILE A 293 16.58 -40.71 -31.71
CA ILE A 293 17.11 -40.97 -30.37
C ILE A 293 18.21 -39.95 -30.09
N ILE A 294 17.97 -39.07 -29.13
CA ILE A 294 18.96 -38.06 -28.77
C ILE A 294 20.02 -38.65 -27.85
N GLY A 295 19.58 -39.26 -26.75
CA GLY A 295 20.51 -39.83 -25.79
C GLY A 295 19.81 -40.79 -24.87
N VAL A 296 20.61 -41.46 -24.04
CA VAL A 296 20.13 -42.45 -23.09
C VAL A 296 20.64 -42.05 -21.72
N GLY A 297 19.73 -41.69 -20.81
CA GLY A 297 20.10 -41.31 -19.47
C GLY A 297 20.18 -42.47 -18.50
N ARG A 298 21.39 -42.90 -18.17
CA ARG A 298 21.60 -44.04 -17.27
C ARG A 298 22.18 -43.56 -15.93
N GLY A 299 21.27 -43.30 -14.98
CA GLY A 299 21.67 -42.93 -13.65
C GLY A 299 22.26 -41.54 -13.51
N ASP A 300 21.43 -40.52 -13.74
CA ASP A 300 21.80 -39.12 -13.56
C ASP A 300 23.01 -38.74 -14.43
N GLU A 301 23.03 -39.25 -15.65
CA GLU A 301 24.00 -38.82 -16.65
C GLU A 301 23.45 -39.06 -18.05
N LEU A 302 23.56 -38.07 -18.92
CA LEU A 302 22.97 -38.14 -20.26
C LEU A 302 24.06 -38.46 -21.27
N ILE A 303 23.94 -39.61 -21.91
CA ILE A 303 24.88 -40.01 -22.96
C ILE A 303 24.29 -39.61 -24.31
N ILE A 304 24.58 -38.39 -24.75
CA ILE A 304 24.05 -37.92 -26.02
C ILE A 304 24.73 -38.67 -27.17
N ASP A 305 23.90 -39.15 -28.11
CA ASP A 305 24.34 -39.93 -29.24
C ASP A 305 25.18 -41.13 -28.78
N PRO A 306 24.56 -42.13 -28.18
CA PRO A 306 25.31 -43.30 -27.71
C PRO A 306 25.92 -44.07 -28.86
N PRO A 307 27.06 -44.73 -28.64
CA PRO A 307 27.69 -45.48 -29.73
C PRO A 307 26.85 -46.68 -30.13
N ARG A 308 27.21 -47.28 -31.27
CA ARG A 308 26.51 -48.43 -31.78
C ARG A 308 26.79 -49.67 -30.94
N ASP A 309 27.84 -49.59 -30.13
CA ASP A 309 28.21 -50.67 -29.24
C ASP A 309 27.55 -50.58 -27.87
N TYR A 310 26.80 -49.51 -27.60
CA TYR A 310 26.12 -49.37 -26.33
C TYR A 310 25.06 -50.46 -26.18
N SER A 311 24.94 -50.99 -24.97
CA SER A 311 24.00 -52.06 -24.65
C SER A 311 22.94 -51.52 -23.71
N PHE A 312 21.67 -51.72 -24.05
CA PHE A 312 20.59 -51.23 -23.21
C PHE A 312 20.53 -52.02 -21.91
N ARG A 313 19.79 -51.48 -20.93
CA ARG A 313 19.64 -52.15 -19.64
C ARG A 313 18.24 -51.98 -19.12
N ALA A 314 18.07 -52.21 -17.83
CA ALA A 314 16.78 -52.03 -17.20
C ALA A 314 16.78 -50.73 -16.39
N GLY A 315 15.70 -49.97 -16.51
CA GLY A 315 15.59 -48.69 -15.87
C GLY A 315 16.18 -47.53 -16.63
N ASP A 316 16.72 -47.76 -17.82
CA ASP A 316 17.22 -46.66 -18.64
C ASP A 316 16.07 -45.82 -19.17
N ILE A 317 16.37 -44.56 -19.46
CA ILE A 317 15.39 -43.61 -19.97
C ILE A 317 15.83 -43.18 -21.37
N ILE A 318 14.93 -43.29 -22.33
CA ILE A 318 15.20 -42.95 -23.72
C ILE A 318 14.68 -41.55 -24.00
N LEU A 319 15.55 -40.68 -24.48
CA LEU A 319 15.21 -39.29 -24.78
C LEU A 319 15.20 -39.12 -26.30
N GLY A 320 14.05 -38.70 -26.84
CA GLY A 320 13.89 -38.55 -28.26
C GLY A 320 12.82 -37.53 -28.61
N ILE A 321 12.76 -37.19 -29.89
CA ILE A 321 11.78 -36.25 -30.42
C ILE A 321 10.97 -36.99 -31.47
N GLY A 322 9.64 -36.96 -31.32
CA GLY A 322 8.76 -37.61 -32.27
C GLY A 322 7.34 -37.10 -32.15
N LYS A 323 6.54 -37.46 -33.15
CA LYS A 323 5.12 -37.14 -33.15
C LYS A 323 4.41 -37.95 -32.07
N PRO A 324 3.20 -37.51 -31.65
CA PRO A 324 2.46 -38.28 -30.65
C PRO A 324 2.15 -39.70 -31.09
N GLU A 325 2.00 -39.90 -32.40
CA GLU A 325 1.82 -41.22 -32.96
C GLU A 325 3.08 -42.08 -32.83
N GLU A 326 4.23 -41.51 -33.15
CA GLU A 326 5.47 -42.28 -33.09
C GLU A 326 5.88 -42.56 -31.65
N ILE A 327 5.56 -41.65 -30.73
CA ILE A 327 5.83 -41.89 -29.32
C ILE A 327 5.02 -43.09 -28.82
N GLU A 328 3.75 -43.16 -29.23
CA GLU A 328 2.93 -44.31 -28.89
C GLU A 328 3.47 -45.58 -29.53
N ARG A 329 3.96 -45.47 -30.76
CA ARG A 329 4.54 -46.58 -31.50
C ARG A 329 5.81 -47.12 -30.87
N LEU A 330 6.51 -46.26 -30.17
CA LEU A 330 7.72 -46.64 -29.43
C LEU A 330 7.44 -47.18 -28.04
N LYS A 331 6.52 -46.56 -27.30
CA LYS A 331 6.20 -47.05 -25.97
C LYS A 331 5.61 -48.45 -26.02
N ASN A 332 4.75 -48.72 -27.00
CA ASN A 332 4.25 -50.08 -27.20
C ASN A 332 5.32 -51.01 -27.74
N TYR A 333 6.27 -50.50 -28.53
CA TYR A 333 7.33 -51.34 -29.06
C TYR A 333 8.29 -51.82 -27.98
N ILE A 334 8.60 -50.98 -26.99
CA ILE A 334 9.55 -51.38 -25.95
C ILE A 334 8.90 -52.14 -24.81
N SER A 335 7.60 -52.44 -24.91
CA SER A 335 6.95 -53.24 -23.88
C SER A 335 7.37 -54.71 -24.01
N ALA A 336 7.29 -55.42 -22.90
CA ALA A 336 7.66 -56.84 -22.87
C ALA A 336 6.66 -57.69 -23.64
N SER B 115 22.45 2.86 -41.91
CA SER B 115 21.52 2.11 -42.75
C SER B 115 21.74 0.60 -42.72
N ARG B 116 22.45 0.10 -41.74
CA ARG B 116 22.59 -1.34 -41.62
C ARG B 116 22.84 -1.72 -40.17
N HIS B 117 22.25 -0.97 -39.25
CA HIS B 117 22.39 -1.20 -37.82
C HIS B 117 21.38 -2.23 -37.33
N VAL B 118 21.37 -2.48 -36.03
CA VAL B 118 20.41 -3.38 -35.39
C VAL B 118 19.75 -2.59 -34.26
N VAL B 119 18.43 -2.41 -34.35
CA VAL B 119 17.72 -1.65 -33.34
C VAL B 119 17.16 -2.59 -32.29
N ILE B 120 17.35 -2.24 -31.02
CA ILE B 120 16.87 -3.04 -29.89
C ILE B 120 15.89 -2.18 -29.10
N CYS B 121 14.65 -2.66 -28.97
CA CYS B 121 13.64 -1.97 -28.19
C CYS B 121 13.54 -2.60 -26.80
N GLY B 122 13.82 -1.81 -25.77
CA GLY B 122 13.84 -2.32 -24.42
C GLY B 122 15.20 -2.88 -24.04
N TRP B 123 15.38 -3.10 -22.75
CA TRP B 123 16.66 -3.59 -22.21
C TRP B 123 16.38 -4.53 -21.05
N SER B 124 16.66 -5.81 -21.24
CA SER B 124 16.56 -6.83 -20.20
C SER B 124 17.81 -7.70 -20.23
N GLU B 125 17.78 -8.79 -19.46
CA GLU B 125 18.88 -9.74 -19.46
C GLU B 125 19.00 -10.51 -20.77
N SER B 126 17.89 -10.72 -21.49
CA SER B 126 17.93 -11.36 -22.79
C SER B 126 18.64 -10.54 -23.84
N THR B 127 18.43 -9.23 -23.86
CA THR B 127 19.10 -8.35 -24.82
C THR B 127 20.54 -8.06 -24.45
N LEU B 128 20.94 -8.30 -23.20
CA LEU B 128 22.33 -8.19 -22.80
C LEU B 128 23.15 -9.38 -23.24
N GLU B 129 22.56 -10.58 -23.32
CA GLU B 129 23.27 -11.76 -23.80
C GLU B 129 23.46 -11.78 -25.30
N CYS B 130 22.55 -11.14 -26.06
CA CYS B 130 22.73 -11.04 -27.50
C CYS B 130 23.67 -9.91 -27.90
N LEU B 131 24.02 -9.02 -26.96
CA LEU B 131 25.01 -8.01 -27.22
C LEU B 131 26.43 -8.58 -27.24
N ARG B 132 26.62 -9.76 -26.67
CA ARG B 132 27.96 -10.32 -26.64
C ARG B 132 28.34 -11.03 -27.93
N GLU B 133 27.38 -11.31 -28.77
CA GLU B 133 27.63 -11.88 -30.10
C GLU B 133 27.39 -10.89 -31.22
N LEU B 134 27.20 -9.61 -30.92
CA LEU B 134 26.97 -8.59 -31.93
C LEU B 134 27.98 -7.46 -31.75
N ARG B 135 28.21 -6.72 -32.83
CA ARG B 135 29.13 -5.60 -32.81
C ARG B 135 28.55 -4.49 -31.92
N GLY B 136 29.40 -3.90 -31.09
CA GLY B 136 28.93 -2.86 -30.18
C GLY B 136 28.49 -1.59 -30.88
N SER B 137 29.17 -1.24 -31.97
CA SER B 137 28.88 -0.01 -32.68
C SER B 137 27.73 -0.14 -33.67
N GLU B 138 27.16 -1.31 -33.88
CA GLU B 138 26.04 -1.38 -34.82
C GLU B 138 24.71 -1.49 -34.13
N VAL B 139 24.70 -1.73 -32.83
CA VAL B 139 23.44 -1.89 -32.10
C VAL B 139 23.03 -0.57 -31.49
N PHE B 140 21.74 -0.24 -31.61
CA PHE B 140 21.16 0.96 -31.02
C PHE B 140 20.02 0.54 -30.10
N VAL B 141 20.08 0.98 -28.85
CA VAL B 141 19.06 0.64 -27.87
C VAL B 141 18.11 1.81 -27.72
N LEU B 142 16.82 1.55 -27.89
CA LEU B 142 15.78 2.58 -27.84
C LEU B 142 14.96 2.39 -26.57
N ALA B 143 15.22 3.22 -25.56
CA ALA B 143 14.49 3.20 -24.31
C ALA B 143 14.29 4.63 -23.84
N GLU B 144 13.80 4.78 -22.62
CA GLU B 144 13.62 6.10 -22.06
C GLU B 144 13.98 6.22 -20.57
N ASP B 145 14.31 5.12 -19.91
CA ASP B 145 14.75 5.20 -18.53
C ASP B 145 16.18 5.71 -18.45
N GLU B 146 16.52 6.30 -17.31
CA GLU B 146 17.85 6.89 -17.13
C GLU B 146 18.89 5.85 -16.79
N ASN B 147 18.55 4.87 -15.94
CA ASN B 147 19.49 3.80 -15.61
C ASN B 147 19.81 2.93 -16.81
N VAL B 148 18.85 2.76 -17.72
CA VAL B 148 19.09 1.99 -18.93
C VAL B 148 20.18 2.63 -19.76
N ARG B 149 20.25 3.97 -19.79
CA ARG B 149 21.30 4.64 -20.54
C ARG B 149 22.67 4.28 -20.02
N LYS B 150 22.86 4.33 -18.69
CA LYS B 150 24.15 3.97 -18.11
C LYS B 150 24.47 2.49 -18.34
N LYS B 151 23.47 1.62 -18.20
CA LYS B 151 23.69 0.21 -18.46
C LYS B 151 24.13 -0.05 -19.89
N VAL B 152 23.47 0.60 -20.86
CA VAL B 152 23.82 0.43 -22.26
C VAL B 152 25.21 0.97 -22.54
N LEU B 153 25.54 2.13 -21.97
CA LEU B 153 26.86 2.71 -22.19
C LEU B 153 27.95 1.81 -21.63
N ARG B 154 27.73 1.24 -20.44
CA ARG B 154 28.68 0.29 -19.90
C ARG B 154 28.79 -0.96 -20.77
N SER B 155 27.66 -1.43 -21.31
CA SER B 155 27.68 -2.61 -22.16
C SER B 155 28.49 -2.36 -23.43
N GLY B 156 28.36 -1.17 -24.01
CA GLY B 156 29.12 -0.83 -25.19
C GLY B 156 28.29 -0.61 -26.44
N ALA B 157 27.07 -0.11 -26.26
CA ALA B 157 26.15 0.14 -27.36
C ALA B 157 25.79 1.62 -27.39
N ASN B 158 24.91 1.98 -28.32
CA ASN B 158 24.47 3.36 -28.49
C ASN B 158 23.04 3.49 -27.97
N PHE B 159 22.77 4.57 -27.24
CA PHE B 159 21.47 4.77 -26.60
C PHE B 159 20.70 5.86 -27.32
N VAL B 160 19.43 5.58 -27.63
CA VAL B 160 18.53 6.54 -28.26
C VAL B 160 17.34 6.70 -27.32
N HIS B 161 17.04 7.94 -26.96
CA HIS B 161 15.95 8.22 -26.01
C HIS B 161 14.64 8.35 -26.77
N GLY B 162 13.72 7.43 -26.55
CA GLY B 162 12.41 7.51 -27.16
C GLY B 162 11.49 6.42 -26.66
N ASP B 163 10.24 6.46 -27.06
CA ASP B 163 9.28 5.47 -26.66
C ASP B 163 9.15 4.46 -27.76
N PRO B 164 9.49 3.20 -27.52
CA PRO B 164 9.40 2.18 -28.57
C PRO B 164 8.01 2.03 -29.16
N THR B 165 6.97 2.43 -28.41
CA THR B 165 5.60 2.30 -28.89
C THR B 165 5.17 3.45 -29.80
N ARG B 166 5.95 4.53 -29.85
CA ARG B 166 5.59 5.68 -30.68
C ARG B 166 6.20 5.54 -32.07
N VAL B 167 5.37 5.71 -33.10
CA VAL B 167 5.87 5.69 -34.47
C VAL B 167 6.81 6.87 -34.72
N SER B 168 6.54 8.03 -34.11
CA SER B 168 7.42 9.18 -34.26
C SER B 168 8.81 8.92 -33.70
N ASP B 169 8.91 8.29 -32.54
CA ASP B 169 10.20 7.94 -31.95
C ASP B 169 10.81 6.70 -32.57
N LEU B 170 10.02 5.90 -33.30
CA LEU B 170 10.57 4.77 -34.03
C LEU B 170 11.32 5.20 -35.28
N GLU B 171 10.94 6.31 -35.89
CA GLU B 171 11.65 6.83 -37.05
C GLU B 171 12.94 7.53 -36.67
N LYS B 172 13.05 8.00 -35.42
CA LYS B 172 14.32 8.57 -34.95
C LYS B 172 15.40 7.50 -34.92
N ALA B 173 15.04 6.28 -34.54
CA ALA B 173 15.98 5.17 -34.53
C ALA B 173 16.24 4.60 -35.92
N ASN B 174 15.58 5.13 -36.95
CA ASN B 174 15.77 4.71 -38.34
C ASN B 174 15.50 3.22 -38.50
N VAL B 175 14.28 2.83 -38.13
CA VAL B 175 13.83 1.44 -38.31
C VAL B 175 13.70 1.05 -39.77
N ARG B 176 13.43 2.02 -40.62
CA ARG B 176 13.26 1.78 -42.05
C ARG B 176 14.44 1.08 -42.65
N GLY B 177 15.61 1.60 -42.35
CA GLY B 177 16.85 1.07 -42.87
C GLY B 177 17.58 0.08 -42.01
N ALA B 178 17.00 -0.34 -40.88
CA ALA B 178 17.69 -1.25 -39.99
C ALA B 178 17.77 -2.65 -40.59
N ARG B 179 18.85 -3.36 -40.27
CA ARG B 179 19.00 -4.73 -40.73
C ARG B 179 17.97 -5.65 -40.06
N ALA B 180 17.82 -5.51 -38.75
CA ALA B 180 16.84 -6.28 -38.00
C ALA B 180 16.49 -5.54 -36.72
N VAL B 181 15.29 -5.78 -36.21
CA VAL B 181 14.80 -5.14 -35.00
C VAL B 181 14.45 -6.21 -33.99
N ILE B 182 14.92 -6.04 -32.75
CA ILE B 182 14.66 -6.96 -31.67
C ILE B 182 13.77 -6.25 -30.64
N VAL B 183 12.59 -6.81 -30.40
CA VAL B 183 11.60 -6.20 -29.53
C VAL B 183 11.49 -7.03 -28.25
N ASP B 184 11.84 -6.42 -27.12
CA ASP B 184 11.68 -7.06 -25.82
C ASP B 184 11.41 -5.95 -24.80
N LEU B 185 10.13 -5.72 -24.53
CA LEU B 185 9.69 -4.63 -23.67
C LEU B 185 9.22 -5.19 -22.33
N GLU B 186 8.72 -4.30 -21.47
CA GLU B 186 8.35 -4.69 -20.12
C GLU B 186 7.05 -5.48 -20.06
N SER B 187 6.26 -5.49 -21.14
CA SER B 187 4.98 -6.19 -21.14
C SER B 187 4.64 -6.63 -22.55
N ASP B 188 3.81 -7.66 -22.65
CA ASP B 188 3.34 -8.16 -23.93
C ASP B 188 2.50 -7.14 -24.67
N SER B 189 1.72 -6.33 -23.96
CA SER B 189 0.97 -5.25 -24.61
C SER B 189 1.91 -4.29 -25.31
N GLU B 190 2.98 -3.87 -24.63
CA GLU B 190 3.95 -2.98 -25.23
C GLU B 190 4.67 -3.64 -26.39
N THR B 191 4.98 -4.94 -26.27
CA THR B 191 5.63 -5.64 -27.37
C THR B 191 4.74 -5.68 -28.61
N ILE B 192 3.45 -5.98 -28.42
CA ILE B 192 2.53 -6.01 -29.55
C ILE B 192 2.39 -4.63 -30.17
N HIS B 193 2.28 -3.59 -29.34
CA HIS B 193 2.15 -2.24 -29.86
C HIS B 193 3.40 -1.83 -30.65
N CYS B 194 4.58 -2.19 -30.15
CA CYS B 194 5.82 -1.87 -30.85
C CYS B 194 5.91 -2.61 -32.18
N ILE B 195 5.48 -3.88 -32.21
CA ILE B 195 5.50 -4.63 -33.46
C ILE B 195 4.56 -3.99 -34.48
N LEU B 196 3.35 -3.60 -34.03
CA LEU B 196 2.42 -2.94 -34.93
C LEU B 196 3.00 -1.64 -35.46
N GLY B 197 3.64 -0.85 -34.58
CA GLY B 197 4.24 0.39 -35.02
C GLY B 197 5.36 0.19 -36.04
N ILE B 198 6.20 -0.82 -35.81
CA ILE B 198 7.30 -1.10 -36.74
C ILE B 198 6.74 -1.56 -38.09
N ARG B 199 5.73 -2.43 -38.07
CA ARG B 199 5.13 -2.88 -39.32
C ARG B 199 4.41 -1.74 -40.04
N LYS B 200 3.97 -0.73 -39.29
CA LYS B 200 3.39 0.45 -39.91
C LYS B 200 4.42 1.22 -40.72
N ILE B 201 5.68 1.21 -40.28
CA ILE B 201 6.75 1.94 -40.96
C ILE B 201 7.28 1.10 -42.12
N ASP B 202 7.81 -0.08 -41.80
CA ASP B 202 8.41 -0.96 -42.81
C ASP B 202 7.74 -2.32 -42.75
N GLU B 203 7.27 -2.80 -43.89
CA GLU B 203 6.61 -4.09 -43.98
C GLU B 203 7.55 -5.23 -44.34
N SER B 204 8.85 -4.95 -44.49
CA SER B 204 9.82 -5.97 -44.87
C SER B 204 10.94 -6.16 -43.86
N VAL B 205 11.10 -5.27 -42.89
CA VAL B 205 12.17 -5.42 -41.91
C VAL B 205 11.91 -6.65 -41.06
N ARG B 206 12.98 -7.28 -40.59
CA ARG B 206 12.88 -8.51 -39.80
C ARG B 206 12.71 -8.15 -38.33
N ILE B 207 11.67 -8.70 -37.70
CA ILE B 207 11.33 -8.42 -36.31
C ILE B 207 11.49 -9.71 -35.52
N ILE B 208 12.17 -9.60 -34.37
CA ILE B 208 12.36 -10.72 -33.46
C ILE B 208 11.81 -10.30 -32.11
N ALA B 209 10.76 -10.98 -31.64
CA ALA B 209 10.07 -10.61 -30.42
C ALA B 209 10.20 -11.70 -29.36
N GLU B 210 9.90 -11.33 -28.12
CA GLU B 210 9.91 -12.24 -26.99
C GLU B 210 8.55 -12.19 -26.30
N ALA B 211 8.01 -13.37 -25.97
CA ALA B 211 6.68 -13.47 -25.39
C ALA B 211 6.76 -14.01 -23.96
N GLU B 212 6.02 -13.37 -23.05
CA GLU B 212 5.92 -13.88 -21.69
C GLU B 212 4.84 -14.96 -21.60
N ARG B 213 3.60 -14.60 -21.92
CA ARG B 213 2.48 -15.51 -21.76
C ARG B 213 2.32 -16.41 -22.98
N TYR B 214 1.74 -17.58 -22.76
CA TYR B 214 1.48 -18.51 -23.85
C TYR B 214 0.34 -18.04 -24.74
N GLU B 215 -0.57 -17.23 -24.21
CA GLU B 215 -1.70 -16.74 -24.99
C GLU B 215 -1.29 -15.74 -26.06
N ASN B 216 -0.15 -15.08 -25.91
CA ASN B 216 0.27 -14.01 -26.80
C ASN B 216 1.22 -14.47 -27.89
N ILE B 217 1.56 -15.76 -27.94
CA ILE B 217 2.48 -16.25 -28.97
C ILE B 217 1.85 -16.08 -30.35
N GLU B 218 0.57 -16.45 -30.49
CA GLU B 218 -0.12 -16.27 -31.76
C GLU B 218 -0.41 -14.80 -32.07
N GLN B 219 -0.67 -13.98 -31.06
CA GLN B 219 -0.91 -12.56 -31.31
C GLN B 219 0.35 -11.84 -31.76
N LEU B 220 1.52 -12.22 -31.23
CA LEU B 220 2.77 -11.66 -31.74
C LEU B 220 3.01 -12.04 -33.19
N ARG B 221 2.69 -13.27 -33.58
CA ARG B 221 2.86 -13.67 -34.98
C ARG B 221 1.85 -12.98 -35.89
N MET B 222 0.63 -12.75 -35.41
CA MET B 222 -0.35 -12.01 -36.20
C MET B 222 -0.01 -10.54 -36.33
N ALA B 223 0.64 -9.95 -35.31
CA ALA B 223 1.02 -8.55 -35.40
C ALA B 223 2.09 -8.33 -36.47
N GLY B 224 2.94 -9.32 -36.72
CA GLY B 224 3.93 -9.20 -37.77
C GLY B 224 5.31 -9.68 -37.42
N ALA B 225 5.48 -10.24 -36.23
CA ALA B 225 6.80 -10.70 -35.80
C ALA B 225 7.25 -11.88 -36.66
N ASP B 226 8.49 -11.82 -37.13
CA ASP B 226 9.03 -12.92 -37.93
C ASP B 226 9.40 -14.11 -37.07
N GLN B 227 10.00 -13.87 -35.91
CA GLN B 227 10.40 -14.93 -34.99
C GLN B 227 9.96 -14.56 -33.58
N VAL B 228 9.47 -15.56 -32.84
CA VAL B 228 8.96 -15.37 -31.49
C VAL B 228 9.71 -16.33 -30.57
N ILE B 229 10.13 -15.84 -29.40
CA ILE B 229 10.83 -16.65 -28.43
C ILE B 229 10.05 -16.64 -27.13
N SER B 230 9.89 -17.77 -26.48
CA SER B 230 9.09 -17.92 -25.27
C SER B 230 9.92 -18.52 -24.15
N PRO B 231 10.84 -17.75 -23.55
CA PRO B 231 11.70 -18.30 -22.50
C PRO B 231 10.92 -18.75 -21.27
N PHE B 232 9.92 -17.97 -20.86
CA PHE B 232 9.12 -18.35 -19.70
C PHE B 232 8.31 -19.61 -19.98
N VAL B 233 7.74 -19.72 -21.18
CA VAL B 233 6.98 -20.92 -21.53
C VAL B 233 7.89 -22.15 -21.56
N ILE B 234 9.10 -22.02 -22.09
CA ILE B 234 10.03 -23.14 -22.08
C ILE B 234 10.43 -23.52 -20.65
N SER B 235 10.75 -22.51 -19.83
CA SER B 235 11.25 -22.79 -18.49
C SER B 235 10.17 -23.39 -17.59
N GLY B 236 8.92 -22.93 -17.73
CA GLY B 236 7.86 -23.51 -16.93
C GLY B 236 7.65 -24.98 -17.21
N ARG B 237 7.64 -25.35 -18.50
CA ARG B 237 7.49 -26.76 -18.86
C ARG B 237 8.70 -27.56 -18.43
N LEU B 238 9.91 -27.00 -18.53
CA LEU B 238 11.09 -27.72 -18.06
C LEU B 238 11.03 -27.94 -16.55
N MET B 239 10.54 -26.95 -15.80
CA MET B 239 10.38 -27.11 -14.36
C MET B 239 9.33 -28.18 -14.04
N SER B 240 8.25 -28.22 -14.81
CA SER B 240 7.15 -29.13 -14.53
C SER B 240 7.46 -30.57 -14.92
N ARG B 241 8.63 -30.85 -15.45
CA ARG B 241 8.96 -32.22 -15.76
C ARG B 241 10.17 -32.70 -15.02
N SER B 242 10.97 -31.78 -14.47
CA SER B 242 12.21 -32.14 -13.82
C SER B 242 12.02 -32.53 -12.36
N ILE B 243 10.77 -32.56 -11.87
CA ILE B 243 10.54 -32.93 -10.48
C ILE B 243 10.93 -34.38 -10.22
N ASP B 244 10.76 -35.25 -11.22
CA ASP B 244 11.06 -36.66 -11.05
C ASP B 244 12.23 -37.05 -11.95
N ASP B 245 12.16 -36.80 -13.25
CA ASP B 245 13.17 -37.35 -14.16
C ASP B 245 14.35 -36.40 -14.33
N GLY B 246 14.09 -35.21 -14.87
CA GLY B 246 15.13 -34.22 -15.09
C GLY B 246 16.19 -34.64 -16.08
N TYR B 247 15.79 -35.23 -17.20
CA TYR B 247 16.71 -35.58 -18.28
C TYR B 247 16.55 -34.71 -19.52
N GLU B 248 15.34 -34.31 -19.86
CA GLU B 248 15.13 -33.34 -20.93
C GLU B 248 15.74 -31.98 -20.61
N ALA B 249 15.57 -31.51 -19.38
CA ALA B 249 16.15 -30.23 -18.97
C ALA B 249 17.67 -30.27 -19.01
N MET B 250 18.27 -31.40 -18.65
CA MET B 250 19.72 -31.52 -18.71
C MET B 250 20.23 -31.39 -20.14
N PHE B 251 19.59 -32.09 -21.08
CA PHE B 251 19.96 -31.96 -22.49
C PHE B 251 19.77 -30.53 -22.99
N VAL B 252 18.63 -29.93 -22.66
CA VAL B 252 18.36 -28.57 -23.12
C VAL B 252 19.40 -27.60 -22.59
N GLN B 253 19.72 -27.67 -21.31
CA GLN B 253 20.73 -26.80 -20.73
C GLN B 253 22.09 -27.02 -21.39
N ASP B 254 22.56 -28.27 -21.42
CA ASP B 254 23.91 -28.55 -21.91
C ASP B 254 24.07 -28.33 -23.40
N VAL B 255 22.99 -28.25 -24.16
CA VAL B 255 23.10 -28.03 -25.60
C VAL B 255 22.78 -26.60 -26.01
N LEU B 256 21.81 -25.93 -25.38
CA LEU B 256 21.40 -24.60 -25.80
C LEU B 256 21.89 -23.48 -24.89
N ALA B 257 22.10 -23.73 -23.61
CA ALA B 257 22.48 -22.68 -22.66
C ALA B 257 23.99 -22.62 -22.48
N GLU B 258 24.61 -23.73 -22.09
CA GLU B 258 26.04 -23.74 -21.82
C GLU B 258 26.89 -24.12 -23.02
N GLU B 259 26.39 -25.02 -23.88
CA GLU B 259 27.16 -25.54 -25.01
C GLU B 259 28.49 -26.12 -24.52
N SER B 260 28.37 -26.85 -23.43
CA SER B 260 29.48 -27.51 -22.78
C SER B 260 30.27 -28.35 -23.73
N THR B 261 29.66 -29.42 -24.18
CA THR B 261 30.34 -30.32 -25.08
C THR B 261 29.83 -30.20 -26.49
N ARG B 262 28.52 -30.39 -26.69
CA ARG B 262 27.94 -30.35 -28.01
C ARG B 262 27.28 -28.99 -28.28
N ARG B 263 26.75 -28.83 -29.49
CA ARG B 263 26.20 -27.55 -29.92
C ARG B 263 25.30 -27.80 -31.12
N MET B 264 24.21 -27.03 -31.21
CA MET B 264 23.28 -27.14 -32.33
C MET B 264 23.70 -26.13 -33.38
N VAL B 265 24.17 -26.63 -34.51
CA VAL B 265 24.72 -25.80 -35.55
C VAL B 265 23.79 -25.83 -36.77
N GLU B 266 23.90 -24.78 -37.61
CA GLU B 266 23.13 -24.71 -38.85
C GLU B 266 24.09 -24.29 -39.95
N VAL B 267 24.54 -25.27 -40.73
CA VAL B 267 25.53 -25.03 -41.79
C VAL B 267 24.85 -25.13 -43.15
N PRO B 268 25.03 -24.15 -44.03
CA PRO B 268 24.40 -24.19 -45.35
C PRO B 268 25.19 -25.06 -46.32
N ILE B 269 24.56 -25.33 -47.45
CA ILE B 269 25.16 -26.11 -48.54
C ILE B 269 25.63 -25.14 -49.60
N PRO B 270 26.93 -25.07 -49.89
CA PRO B 270 27.43 -24.12 -50.89
C PRO B 270 27.01 -24.51 -52.30
N GLU B 271 27.41 -23.67 -53.26
CA GLU B 271 27.10 -23.89 -54.65
C GLU B 271 27.77 -25.16 -55.17
N GLY B 272 26.97 -26.10 -55.65
CA GLY B 272 27.49 -27.37 -56.11
C GLY B 272 27.74 -28.33 -54.98
N SER B 273 28.85 -28.14 -54.27
CA SER B 273 29.14 -28.86 -53.03
C SER B 273 29.29 -30.37 -53.25
N LYS B 274 29.20 -30.79 -54.52
CA LYS B 274 29.28 -32.20 -54.90
C LYS B 274 28.22 -33.04 -54.18
N LEU B 275 27.18 -32.40 -53.66
CA LEU B 275 26.15 -33.11 -52.93
C LEU B 275 24.76 -32.66 -53.38
N GLU B 276 24.64 -32.19 -54.60
CA GLU B 276 23.34 -31.81 -55.03
C GLU B 276 22.69 -33.05 -55.59
N GLY B 277 21.41 -33.21 -55.27
CA GLY B 277 20.59 -34.30 -55.74
C GLY B 277 20.81 -35.60 -55.00
N VAL B 278 21.81 -35.67 -54.13
CA VAL B 278 22.09 -36.87 -53.36
C VAL B 278 21.06 -36.99 -52.25
N SER B 279 20.48 -38.18 -52.11
CA SER B 279 19.49 -38.40 -51.06
C SER B 279 20.17 -38.54 -49.70
N VAL B 280 19.38 -38.37 -48.65
CA VAL B 280 19.91 -38.51 -47.30
C VAL B 280 20.34 -39.95 -47.02
N LEU B 281 19.57 -40.92 -47.51
CA LEU B 281 19.91 -42.32 -47.32
C LEU B 281 21.25 -42.69 -47.94
N ASP B 282 21.58 -42.12 -49.11
CA ASP B 282 22.87 -42.35 -49.72
C ASP B 282 23.97 -41.45 -49.16
N ALA B 283 23.63 -40.30 -48.61
CA ALA B 283 24.64 -39.43 -48.02
C ALA B 283 25.15 -40.00 -46.70
N ASP B 284 24.24 -40.41 -45.83
CA ASP B 284 24.56 -40.92 -44.49
C ASP B 284 25.44 -39.95 -43.75
N ILE B 285 24.91 -38.77 -43.47
CA ILE B 285 25.67 -37.75 -42.79
C ILE B 285 26.02 -38.14 -41.37
N HIS B 286 25.17 -38.90 -40.71
CA HIS B 286 25.50 -39.37 -39.36
C HIS B 286 26.65 -40.37 -39.38
N ASP B 287 26.56 -41.38 -40.25
CA ASP B 287 27.60 -42.39 -40.33
C ASP B 287 28.92 -41.85 -40.88
N VAL B 288 28.89 -40.74 -41.61
CA VAL B 288 30.11 -40.14 -42.14
C VAL B 288 30.78 -39.19 -41.17
N THR B 289 30.04 -38.29 -40.52
CA THR B 289 30.64 -37.25 -39.70
C THR B 289 30.36 -37.40 -38.22
N GLY B 290 29.21 -37.94 -37.84
CA GLY B 290 28.83 -38.06 -36.45
C GLY B 290 27.86 -37.01 -35.94
N VAL B 291 27.28 -36.20 -36.82
CA VAL B 291 26.35 -35.14 -36.45
C VAL B 291 24.93 -35.65 -36.68
N ILE B 292 24.11 -35.58 -35.63
CA ILE B 292 22.72 -35.99 -35.73
C ILE B 292 21.95 -34.94 -36.53
N ILE B 293 21.36 -35.35 -37.64
CA ILE B 293 20.65 -34.42 -38.52
C ILE B 293 19.23 -34.26 -37.99
N ILE B 294 18.90 -33.06 -37.50
CA ILE B 294 17.57 -32.80 -36.97
C ILE B 294 16.59 -32.51 -38.12
N GLY B 295 16.94 -31.56 -38.98
CA GLY B 295 16.07 -31.19 -40.07
C GLY B 295 16.81 -30.40 -41.12
N VAL B 296 16.13 -30.13 -42.23
CA VAL B 296 16.68 -29.40 -43.36
C VAL B 296 15.74 -28.24 -43.65
N GLY B 297 16.22 -27.01 -43.46
CA GLY B 297 15.43 -25.83 -43.72
C GLY B 297 15.54 -25.34 -45.15
N ARG B 298 14.50 -25.59 -45.96
CA ARG B 298 14.50 -25.17 -47.36
C ARG B 298 13.49 -24.05 -47.60
N GLY B 299 13.99 -22.82 -47.50
CA GLY B 299 13.17 -21.65 -47.78
C GLY B 299 12.13 -21.34 -46.73
N ASP B 300 12.57 -20.97 -45.54
CA ASP B 300 11.70 -20.53 -44.45
C ASP B 300 10.69 -21.61 -44.07
N GLU B 301 11.14 -22.86 -44.06
CA GLU B 301 10.35 -23.96 -43.53
C GLU B 301 11.27 -25.09 -43.08
N LEU B 302 11.04 -25.63 -41.89
CA LEU B 302 11.91 -26.61 -41.29
C LEU B 302 11.28 -27.99 -41.45
N ILE B 303 11.95 -28.87 -42.20
CA ILE B 303 11.49 -30.23 -42.38
C ILE B 303 12.20 -31.12 -41.37
N ILE B 304 11.62 -31.27 -40.18
CA ILE B 304 12.24 -32.08 -39.14
C ILE B 304 12.17 -33.54 -39.54
N ASP B 305 13.31 -34.23 -39.42
CA ASP B 305 13.46 -35.64 -39.78
C ASP B 305 13.01 -35.86 -41.23
N PRO B 306 13.78 -35.40 -42.20
CA PRO B 306 13.39 -35.57 -43.61
C PRO B 306 13.39 -37.03 -44.00
N PRO B 307 12.54 -37.43 -44.94
CA PRO B 307 12.49 -38.84 -45.35
C PRO B 307 13.77 -39.25 -46.07
N ARG B 308 13.92 -40.55 -46.25
CA ARG B 308 15.09 -41.11 -46.91
C ARG B 308 15.05 -40.81 -48.40
N ASP B 309 13.89 -40.43 -48.89
CA ASP B 309 13.72 -40.07 -50.30
C ASP B 309 13.96 -38.59 -50.57
N TYR B 310 14.19 -37.79 -49.54
CA TYR B 310 14.46 -36.38 -49.74
C TYR B 310 15.76 -36.18 -50.52
N SER B 311 15.77 -35.21 -51.42
CA SER B 311 16.91 -34.91 -52.27
C SER B 311 17.45 -33.54 -51.88
N PHE B 312 18.75 -33.47 -51.63
CA PHE B 312 19.36 -32.20 -51.25
C PHE B 312 19.38 -31.24 -52.44
N ARG B 313 19.62 -29.96 -52.16
CA ARG B 313 19.68 -28.95 -53.20
C ARG B 313 20.77 -27.94 -52.92
N ALA B 314 20.69 -26.80 -53.57
CA ALA B 314 21.65 -25.74 -53.34
C ALA B 314 20.99 -24.65 -52.49
N GLY B 315 21.74 -24.16 -51.51
CA GLY B 315 21.22 -23.17 -50.59
C GLY B 315 20.47 -23.73 -49.40
N ASP B 316 20.36 -25.05 -49.28
CA ASP B 316 19.70 -25.63 -48.11
C ASP B 316 20.59 -25.46 -46.88
N ILE B 317 19.94 -25.46 -45.71
CA ILE B 317 20.63 -25.31 -44.44
C ILE B 317 20.41 -26.58 -43.63
N ILE B 318 21.50 -27.15 -43.13
CA ILE B 318 21.47 -28.39 -42.37
C ILE B 318 21.51 -28.05 -40.88
N LEU B 319 20.53 -28.53 -40.14
CA LEU B 319 20.43 -28.29 -38.70
C LEU B 319 20.75 -29.58 -37.97
N GLY B 320 21.77 -29.54 -37.11
CA GLY B 320 22.21 -30.72 -36.39
C GLY B 320 22.91 -30.35 -35.09
N ILE B 321 23.14 -31.38 -34.27
CA ILE B 321 23.82 -31.24 -33.00
C ILE B 321 25.08 -32.10 -33.06
N GLY B 322 26.23 -31.50 -32.76
CA GLY B 322 27.48 -32.23 -32.77
C GLY B 322 28.56 -31.48 -32.02
N LYS B 323 29.65 -32.19 -31.76
CA LYS B 323 30.82 -31.61 -31.13
C LYS B 323 31.50 -30.63 -32.08
N PRO B 324 32.33 -29.72 -31.57
CA PRO B 324 33.03 -28.77 -32.46
C PRO B 324 33.91 -29.48 -33.47
N GLU B 325 34.44 -30.64 -33.11
CA GLU B 325 35.20 -31.46 -34.04
C GLU B 325 34.33 -32.03 -35.15
N GLU B 326 33.16 -32.56 -34.80
CA GLU B 326 32.29 -33.16 -35.81
C GLU B 326 31.68 -32.09 -36.72
N ILE B 327 31.42 -30.90 -36.17
CA ILE B 327 30.92 -29.80 -37.00
C ILE B 327 31.96 -29.43 -38.05
N GLU B 328 33.23 -29.37 -37.66
CA GLU B 328 34.29 -29.10 -38.62
C GLU B 328 34.41 -30.23 -39.64
N ARG B 329 34.22 -31.46 -39.19
CA ARG B 329 34.26 -32.66 -40.03
C ARG B 329 33.15 -32.68 -41.06
N LEU B 330 32.04 -32.06 -40.73
CA LEU B 330 30.91 -31.93 -41.64
C LEU B 330 31.02 -30.76 -42.60
N LYS B 331 31.45 -29.59 -42.10
CA LYS B 331 31.59 -28.43 -42.97
C LYS B 331 32.63 -28.68 -44.06
N ASN B 332 33.74 -29.33 -43.72
CA ASN B 332 34.71 -29.73 -44.73
C ASN B 332 34.19 -30.85 -45.61
N TYR B 333 33.35 -31.73 -45.08
CA TYR B 333 32.81 -32.82 -45.88
C TYR B 333 31.85 -32.34 -46.96
N ILE B 334 31.03 -31.32 -46.67
CA ILE B 334 30.07 -30.84 -47.65
C ILE B 334 30.65 -29.81 -48.60
N SER B 335 31.95 -29.53 -48.52
CA SER B 335 32.58 -28.62 -49.47
C SER B 335 32.74 -29.30 -50.83
N ALA B 336 32.80 -28.49 -51.88
CA ALA B 336 32.95 -29.00 -53.23
C ALA B 336 34.35 -29.58 -53.45
N SER C 115 5.42 39.06 -26.62
CA SER C 115 4.16 39.74 -26.35
C SER C 115 3.02 39.26 -27.25
N ARG C 116 3.15 38.13 -27.89
CA ARG C 116 2.05 37.60 -28.67
C ARG C 116 2.14 36.08 -28.75
N HIS C 117 2.65 35.46 -27.70
CA HIS C 117 2.82 34.02 -27.63
C HIS C 117 1.53 33.35 -27.15
N VAL C 118 1.58 32.03 -26.98
CA VAL C 118 0.47 31.25 -26.45
C VAL C 118 1.02 30.44 -25.28
N VAL C 119 0.48 30.68 -24.09
CA VAL C 119 0.95 29.98 -22.90
C VAL C 119 0.08 28.76 -22.64
N ILE C 120 0.74 27.62 -22.38
CA ILE C 120 0.05 26.36 -22.11
C ILE C 120 0.41 25.93 -20.70
N CYS C 121 -0.58 25.76 -19.84
CA CYS C 121 -0.36 25.30 -18.48
C CYS C 121 -0.67 23.81 -18.41
N GLY C 122 0.34 23.01 -18.05
CA GLY C 122 0.20 21.57 -18.03
C GLY C 122 0.49 20.95 -19.38
N TRP C 123 0.66 19.63 -19.37
CA TRP C 123 1.02 18.88 -20.58
C TRP C 123 0.32 17.53 -20.53
N SER C 124 -0.64 17.33 -21.43
CA SER C 124 -1.33 16.07 -21.60
C SER C 124 -1.43 15.74 -23.09
N GLU C 125 -2.21 14.71 -23.41
CA GLU C 125 -2.43 14.35 -24.81
C GLU C 125 -3.28 15.38 -25.55
N SER C 126 -4.16 16.10 -24.86
CA SER C 126 -4.94 17.16 -25.46
C SER C 126 -4.10 18.35 -25.90
N THR C 127 -3.12 18.74 -25.11
CA THR C 127 -2.24 19.86 -25.47
C THR C 127 -1.18 19.45 -26.48
N LEU C 128 -0.92 18.17 -26.67
CA LEU C 128 -0.04 17.70 -27.73
C LEU C 128 -0.71 17.73 -29.10
N GLU C 129 -2.02 17.52 -29.16
CA GLU C 129 -2.75 17.58 -30.43
C GLU C 129 -2.97 19.01 -30.92
N CYS C 130 -3.06 19.98 -30.01
CA CYS C 130 -3.17 21.37 -30.41
C CYS C 130 -1.82 21.99 -30.76
N LEU C 131 -0.71 21.31 -30.44
CA LEU C 131 0.60 21.77 -30.88
C LEU C 131 0.84 21.51 -32.35
N ARG C 132 0.07 20.63 -32.95
CA ARG C 132 0.28 20.32 -34.35
C ARG C 132 -0.36 21.33 -35.29
N GLU C 133 -1.27 22.14 -34.78
CA GLU C 133 -1.87 23.22 -35.54
C GLU C 133 -1.40 24.60 -35.10
N LEU C 134 -0.36 24.68 -34.27
CA LEU C 134 0.17 25.96 -33.81
C LEU C 134 1.66 26.02 -34.10
N ARG C 135 2.17 27.25 -34.17
CA ARG C 135 3.59 27.45 -34.41
C ARG C 135 4.40 26.97 -33.22
N GLY C 136 5.50 26.26 -33.49
CA GLY C 136 6.31 25.71 -32.40
C GLY C 136 6.99 26.78 -31.58
N SER C 137 7.43 27.86 -32.22
CA SER C 137 8.16 28.91 -31.53
C SER C 137 7.27 29.91 -30.82
N GLU C 138 5.95 29.83 -30.93
CA GLU C 138 5.15 30.80 -30.22
C GLU C 138 4.51 30.22 -28.98
N VAL C 139 4.56 28.91 -28.80
CA VAL C 139 3.92 28.27 -27.65
C VAL C 139 4.94 28.09 -26.55
N PHE C 140 4.54 28.40 -25.32
CA PHE C 140 5.36 28.22 -24.13
C PHE C 140 4.61 27.32 -23.16
N VAL C 141 5.26 26.24 -22.74
CA VAL C 141 4.65 25.28 -21.82
C VAL C 141 5.17 25.54 -20.41
N LEU C 142 4.25 25.74 -19.47
CA LEU C 142 4.60 26.07 -18.09
C LEU C 142 4.27 24.85 -17.21
N ALA C 143 5.30 24.11 -16.83
CA ALA C 143 5.16 22.96 -15.95
C ALA C 143 6.35 22.93 -15.00
N GLU C 144 6.46 21.84 -14.26
CA GLU C 144 7.59 21.68 -13.36
C GLU C 144 8.17 20.27 -13.30
N ASP C 145 7.55 19.30 -13.96
CA ASP C 145 8.12 17.97 -14.01
C ASP C 145 9.30 17.92 -14.97
N GLU C 146 10.18 16.96 -14.74
CA GLU C 146 11.40 16.85 -15.57
C GLU C 146 11.13 16.14 -16.88
N ASN C 147 10.32 15.08 -16.87
CA ASN C 147 9.97 14.39 -18.10
C ASN C 147 9.16 15.27 -19.05
N VAL C 148 8.34 16.18 -18.50
CA VAL C 148 7.58 17.10 -19.32
C VAL C 148 8.51 17.99 -20.13
N ARG C 149 9.65 18.38 -19.56
CA ARG C 149 10.60 19.21 -20.29
C ARG C 149 11.11 18.49 -21.54
N LYS C 150 11.52 17.22 -21.40
CA LYS C 150 11.98 16.46 -22.55
C LYS C 150 10.87 16.25 -23.56
N LYS C 151 9.65 15.96 -23.09
CA LYS C 151 8.53 15.79 -24.01
C LYS C 151 8.27 17.05 -24.81
N VAL C 152 8.27 18.21 -24.13
CA VAL C 152 8.03 19.47 -24.81
C VAL C 152 9.14 19.78 -25.80
N LEU C 153 10.39 19.54 -25.41
CA LEU C 153 11.50 19.80 -26.32
C LEU C 153 11.43 18.92 -27.56
N ARG C 154 11.07 17.65 -27.39
CA ARG C 154 10.87 16.77 -28.54
C ARG C 154 9.71 17.25 -29.40
N SER C 155 8.63 17.73 -28.77
CA SER C 155 7.49 18.22 -29.54
C SER C 155 7.85 19.44 -30.38
N GLY C 156 8.67 20.33 -29.81
CA GLY C 156 9.11 21.50 -30.56
C GLY C 156 8.62 22.82 -30.00
N ALA C 157 8.43 22.88 -28.68
CA ALA C 157 7.96 24.09 -28.01
C ALA C 157 9.01 24.54 -27.01
N ASN C 158 8.68 25.61 -26.28
CA ASN C 158 9.57 26.19 -25.28
C ASN C 158 9.04 25.85 -23.89
N PHE C 159 9.94 25.47 -23.00
CA PHE C 159 9.58 25.02 -21.66
C PHE C 159 9.96 26.08 -20.63
N VAL C 160 9.01 26.40 -19.75
CA VAL C 160 9.22 27.34 -18.65
C VAL C 160 8.93 26.59 -17.36
N HIS C 161 9.89 26.62 -16.43
CA HIS C 161 9.76 25.87 -15.18
C HIS C 161 9.06 26.74 -14.16
N GLY C 162 7.84 26.34 -13.76
CA GLY C 162 7.12 27.06 -12.73
C GLY C 162 5.85 26.35 -12.35
N ASP C 163 5.16 26.84 -11.35
CA ASP C 163 3.92 26.26 -10.90
C ASP C 163 2.78 27.05 -11.51
N PRO C 164 1.96 26.43 -12.35
CA PRO C 164 0.85 27.17 -12.97
C PRO C 164 -0.10 27.79 -11.98
N THR C 165 -0.15 27.27 -10.75
CA THR C 165 -1.06 27.81 -9.74
C THR C 165 -0.50 29.03 -9.02
N ARG C 166 0.79 29.32 -9.17
CA ARG C 166 1.40 30.46 -8.51
C ARG C 166 1.32 31.71 -9.39
N VAL C 167 0.83 32.80 -8.81
CA VAL C 167 0.80 34.07 -9.52
C VAL C 167 2.21 34.57 -9.82
N SER C 168 3.17 34.32 -8.92
CA SER C 168 4.54 34.73 -9.17
C SER C 168 5.16 34.00 -10.36
N ASP C 169 4.90 32.70 -10.49
CA ASP C 169 5.39 31.94 -11.64
C ASP C 169 4.55 32.14 -12.88
N LEU C 170 3.33 32.66 -12.74
CA LEU C 170 2.52 33.01 -13.90
C LEU C 170 3.01 34.26 -14.60
N GLU C 171 3.61 35.20 -13.87
CA GLU C 171 4.19 36.40 -14.47
C GLU C 171 5.50 36.11 -15.18
N LYS C 172 6.20 35.05 -14.79
CA LYS C 172 7.42 34.65 -15.50
C LYS C 172 7.09 34.24 -16.92
N ALA C 173 5.97 33.56 -17.11
CA ALA C 173 5.52 33.17 -18.44
C ALA C 173 4.90 34.31 -19.22
N ASN C 174 4.80 35.50 -18.62
CA ASN C 174 4.27 36.70 -19.28
C ASN C 174 2.85 36.45 -19.79
N VAL C 175 1.97 36.10 -18.85
CA VAL C 175 0.55 35.92 -19.15
C VAL C 175 -0.14 37.22 -19.53
N ARG C 176 0.36 38.33 -19.03
CA ARG C 176 -0.20 39.64 -19.30
C ARG C 176 -0.31 39.92 -20.77
N GLY C 177 0.78 39.68 -21.46
CA GLY C 177 0.88 39.94 -22.88
C GLY C 177 0.58 38.77 -23.80
N ALA C 178 0.17 37.64 -23.25
CA ALA C 178 -0.07 36.46 -24.09
C ALA C 178 -1.31 36.64 -24.94
N ARG C 179 -1.29 36.05 -26.14
CA ARG C 179 -2.45 36.09 -27.02
C ARG C 179 -3.60 35.28 -26.42
N ALA C 180 -3.32 34.08 -25.94
CA ALA C 180 -4.31 33.22 -25.32
C ALA C 180 -3.60 32.23 -24.41
N VAL C 181 -4.31 31.78 -23.39
CA VAL C 181 -3.79 30.84 -22.41
C VAL C 181 -4.67 29.59 -22.41
N ILE C 182 -4.03 28.43 -22.47
CA ILE C 182 -4.72 27.15 -22.45
C ILE C 182 -4.38 26.44 -21.14
N VAL C 183 -5.40 26.14 -20.35
CA VAL C 183 -5.21 25.56 -19.02
C VAL C 183 -5.71 24.13 -19.06
N ASP C 184 -4.80 23.19 -18.83
CA ASP C 184 -5.15 21.77 -18.72
C ASP C 184 -4.16 21.12 -17.75
N LEU C 185 -4.58 21.04 -16.49
CA LEU C 185 -3.71 20.55 -15.42
C LEU C 185 -4.15 19.15 -14.99
N GLU C 186 -3.48 18.62 -13.97
CA GLU C 186 -3.74 17.24 -13.55
C GLU C 186 -5.05 17.07 -12.80
N SER C 187 -5.68 18.16 -12.35
CA SER C 187 -6.92 18.08 -11.59
C SER C 187 -7.74 19.34 -11.82
N ASP C 188 -9.05 19.19 -11.60
CA ASP C 188 -9.96 20.33 -11.71
C ASP C 188 -9.69 21.39 -10.66
N SER C 189 -9.26 21.00 -9.46
CA SER C 189 -8.88 21.98 -8.45
C SER C 189 -7.73 22.85 -8.94
N GLU C 190 -6.70 22.21 -9.52
CA GLU C 190 -5.57 22.97 -10.05
C GLU C 190 -6.00 23.84 -11.23
N THR C 191 -6.90 23.33 -12.07
CA THR C 191 -7.37 24.13 -13.20
C THR C 191 -8.11 25.38 -12.71
N ILE C 192 -8.98 25.22 -11.71
CA ILE C 192 -9.71 26.37 -11.18
C ILE C 192 -8.75 27.37 -10.54
N HIS C 193 -7.77 26.86 -9.77
CA HIS C 193 -6.80 27.75 -9.13
C HIS C 193 -5.99 28.52 -10.17
N CYS C 194 -5.58 27.84 -11.25
CA CYS C 194 -4.83 28.50 -12.30
C CYS C 194 -5.66 29.56 -13.01
N ILE C 195 -6.94 29.27 -13.25
CA ILE C 195 -7.81 30.26 -13.88
C ILE C 195 -7.97 31.48 -12.99
N LEU C 196 -8.17 31.26 -11.69
CA LEU C 196 -8.27 32.38 -10.76
C LEU C 196 -6.99 33.21 -10.75
N GLY C 197 -5.84 32.54 -10.74
CA GLY C 197 -4.58 33.26 -10.77
C GLY C 197 -4.38 34.07 -12.03
N ILE C 198 -4.75 33.52 -13.18
CA ILE C 198 -4.61 34.24 -14.44
C ILE C 198 -5.54 35.45 -14.48
N ARG C 199 -6.78 35.26 -14.01
CA ARG C 199 -7.72 36.39 -13.98
C ARG C 199 -7.28 37.44 -12.97
N LYS C 200 -6.50 37.04 -11.96
CA LYS C 200 -5.95 38.02 -11.04
C LYS C 200 -4.93 38.92 -11.73
N ILE C 201 -4.20 38.39 -12.71
CA ILE C 201 -3.19 39.17 -13.43
C ILE C 201 -3.85 39.99 -14.52
N ASP C 202 -4.50 39.33 -15.47
CA ASP C 202 -5.12 39.99 -16.60
C ASP C 202 -6.60 39.60 -16.66
N GLU C 203 -7.47 40.61 -16.73
CA GLU C 203 -8.91 40.38 -16.79
C GLU C 203 -9.45 40.33 -18.21
N SER C 204 -8.58 40.46 -19.23
CA SER C 204 -9.01 40.46 -20.62
C SER C 204 -8.40 39.34 -21.45
N VAL C 205 -7.37 38.65 -20.97
CA VAL C 205 -6.76 37.58 -21.74
C VAL C 205 -7.76 36.45 -21.92
N ARG C 206 -7.64 35.74 -23.04
CA ARG C 206 -8.55 34.64 -23.37
C ARG C 206 -8.04 33.35 -22.74
N ILE C 207 -8.91 32.69 -21.98
CA ILE C 207 -8.57 31.45 -21.28
C ILE C 207 -9.40 30.32 -21.85
N ILE C 208 -8.74 29.20 -22.14
CA ILE C 208 -9.41 28.00 -22.65
C ILE C 208 -9.05 26.87 -21.68
N ALA C 209 -10.06 26.32 -21.02
CA ALA C 209 -9.86 25.31 -19.99
C ALA C 209 -10.51 23.98 -20.39
N GLU C 210 -10.10 22.92 -19.70
CA GLU C 210 -10.63 21.58 -19.90
C GLU C 210 -11.14 21.05 -18.57
N ALA C 211 -12.33 20.45 -18.59
CA ALA C 211 -12.99 19.98 -17.39
C ALA C 211 -13.11 18.45 -17.41
N GLU C 212 -12.77 17.81 -16.28
CA GLU C 212 -12.98 16.38 -16.15
C GLU C 212 -14.41 16.08 -15.72
N ARG C 213 -14.81 16.58 -14.56
CA ARG C 213 -16.11 16.27 -14.00
C ARG C 213 -17.18 17.20 -14.54
N TYR C 214 -18.42 16.70 -14.55
CA TYR C 214 -19.55 17.52 -15.00
C TYR C 214 -19.92 18.59 -13.99
N GLU C 215 -19.61 18.38 -12.71
CA GLU C 215 -19.92 19.35 -11.68
C GLU C 215 -19.10 20.63 -11.78
N ASN C 216 -17.93 20.57 -12.42
CA ASN C 216 -17.00 21.70 -12.45
C ASN C 216 -17.11 22.53 -13.72
N ILE C 217 -18.02 22.18 -14.63
CA ILE C 217 -18.17 22.97 -15.85
C ILE C 217 -18.63 24.38 -15.53
N GLU C 218 -19.62 24.52 -14.64
CA GLU C 218 -20.07 25.84 -14.23
C GLU C 218 -19.06 26.56 -13.36
N GLN C 219 -18.30 25.85 -12.53
CA GLN C 219 -17.29 26.51 -11.71
C GLN C 219 -16.13 27.04 -12.54
N LEU C 220 -15.74 26.33 -13.61
CA LEU C 220 -14.75 26.86 -14.52
C LEU C 220 -15.23 28.14 -15.21
N ARG C 221 -16.50 28.19 -15.61
CA ARG C 221 -17.02 29.40 -16.23
C ARG C 221 -17.14 30.54 -15.23
N MET C 222 -17.49 30.25 -13.97
CA MET C 222 -17.53 31.29 -12.96
C MET C 222 -16.14 31.79 -12.58
N ALA C 223 -15.12 30.94 -12.63
CA ALA C 223 -13.76 31.38 -12.33
C ALA C 223 -13.26 32.39 -13.35
N GLY C 224 -13.70 32.28 -14.60
CA GLY C 224 -13.30 33.24 -15.61
C GLY C 224 -12.92 32.65 -16.95
N ALA C 225 -13.06 31.34 -17.11
CA ALA C 225 -12.69 30.70 -18.36
C ALA C 225 -13.62 31.15 -19.49
N ASP C 226 -13.03 31.53 -20.62
CA ASP C 226 -13.82 31.94 -21.77
C ASP C 226 -14.47 30.75 -22.47
N GLN C 227 -13.72 29.65 -22.62
CA GLN C 227 -14.22 28.46 -23.27
C GLN C 227 -13.86 27.24 -22.44
N VAL C 228 -14.79 26.29 -22.33
CA VAL C 228 -14.62 25.09 -21.52
C VAL C 228 -14.86 23.88 -22.42
N ILE C 229 -14.00 22.88 -22.30
CA ILE C 229 -14.12 21.66 -23.09
C ILE C 229 -14.26 20.49 -22.13
N SER C 230 -15.16 19.56 -22.40
CA SER C 230 -15.45 18.43 -21.52
C SER C 230 -15.29 17.12 -22.29
N PRO C 231 -14.06 16.69 -22.58
CA PRO C 231 -13.87 15.45 -23.36
C PRO C 231 -14.40 14.22 -22.65
N PHE C 232 -14.18 14.12 -21.34
CA PHE C 232 -14.68 12.98 -20.59
C PHE C 232 -16.20 12.95 -20.54
N VAL C 233 -16.82 14.12 -20.37
CA VAL C 233 -18.28 14.18 -20.37
C VAL C 233 -18.85 13.79 -21.72
N ILE C 234 -18.22 14.23 -22.81
CA ILE C 234 -18.68 13.84 -24.14
C ILE C 234 -18.50 12.34 -24.35
N SER C 235 -17.34 11.80 -23.98
CA SER C 235 -17.04 10.39 -24.26
C SER C 235 -17.91 9.46 -23.43
N GLY C 236 -18.21 9.83 -22.18
CA GLY C 236 -19.07 8.98 -21.38
C GLY C 236 -20.46 8.85 -21.95
N ARG C 237 -21.03 9.98 -22.38
CA ARG C 237 -22.35 9.95 -22.99
C ARG C 237 -22.33 9.22 -24.32
N LEU C 238 -21.25 9.38 -25.11
CA LEU C 238 -21.17 8.63 -26.36
C LEU C 238 -21.07 7.13 -26.09
N MET C 239 -20.35 6.72 -25.05
CA MET C 239 -20.28 5.32 -24.69
C MET C 239 -21.64 4.79 -24.23
N SER C 240 -22.38 5.61 -23.49
CA SER C 240 -23.65 5.18 -22.91
C SER C 240 -24.77 5.11 -23.95
N ARG C 241 -24.51 5.45 -25.20
CA ARG C 241 -25.55 5.35 -26.20
C ARG C 241 -25.18 4.40 -27.30
N SER C 242 -23.90 4.08 -27.43
CA SER C 242 -23.44 3.24 -28.52
C SER C 242 -23.55 1.75 -28.23
N ILE C 243 -24.14 1.38 -27.09
CA ILE C 243 -24.28 -0.03 -26.76
C ILE C 243 -25.24 -0.72 -27.72
N ASP C 244 -26.26 0.00 -28.21
CA ASP C 244 -27.25 -0.57 -29.10
C ASP C 244 -27.15 0.08 -30.47
N ASP C 245 -27.24 1.40 -30.57
CA ASP C 245 -27.36 2.04 -31.88
C ASP C 245 -26.00 2.37 -32.47
N GLY C 246 -25.24 3.24 -31.80
CA GLY C 246 -23.94 3.64 -32.27
C GLY C 246 -23.94 4.39 -33.59
N TYR C 247 -24.87 5.33 -33.76
CA TYR C 247 -24.90 6.18 -34.94
C TYR C 247 -24.50 7.63 -34.65
N GLU C 248 -24.85 8.17 -33.49
CA GLU C 248 -24.37 9.49 -33.09
C GLU C 248 -22.86 9.50 -32.90
N ALA C 249 -22.30 8.47 -32.26
CA ALA C 249 -20.86 8.39 -32.07
C ALA C 249 -20.12 8.30 -33.40
N MET C 250 -20.68 7.59 -34.37
CA MET C 250 -20.04 7.48 -35.68
C MET C 250 -19.96 8.85 -36.36
N PHE C 251 -21.06 9.61 -36.33
CA PHE C 251 -21.06 10.97 -36.89
C PHE C 251 -20.06 11.85 -36.15
N VAL C 252 -20.07 11.81 -34.82
CA VAL C 252 -19.17 12.65 -34.04
C VAL C 252 -17.72 12.33 -34.38
N GLN C 253 -17.37 11.05 -34.40
CA GLN C 253 -15.99 10.66 -34.73
C GLN C 253 -15.61 11.12 -36.14
N ASP C 254 -16.42 10.76 -37.14
CA ASP C 254 -16.06 11.04 -38.53
C ASP C 254 -16.11 12.52 -38.88
N VAL C 255 -16.74 13.36 -38.07
CA VAL C 255 -16.79 14.78 -38.36
C VAL C 255 -15.84 15.61 -37.50
N LEU C 256 -15.65 15.27 -36.22
CA LEU C 256 -14.83 16.07 -35.33
C LEU C 256 -13.47 15.48 -35.02
N ALA C 257 -13.31 14.16 -35.06
CA ALA C 257 -12.04 13.52 -34.69
C ALA C 257 -11.20 13.24 -35.91
N GLU C 258 -11.72 12.50 -36.90
CA GLU C 258 -10.93 12.12 -38.06
C GLU C 258 -11.06 13.10 -39.21
N GLU C 259 -12.24 13.71 -39.39
CA GLU C 259 -12.51 14.58 -40.54
C GLU C 259 -12.22 13.85 -41.84
N SER C 260 -12.67 12.61 -41.87
CA SER C 260 -12.52 11.71 -42.98
C SER C 260 -13.01 12.33 -44.25
N THR C 261 -14.32 12.51 -44.34
CA THR C 261 -14.89 13.07 -45.54
C THR C 261 -15.34 14.50 -45.34
N ARG C 262 -16.20 14.73 -44.35
CA ARG C 262 -16.74 16.06 -44.11
C ARG C 262 -15.98 16.73 -42.97
N ARG C 263 -16.36 17.98 -42.69
CA ARG C 263 -15.67 18.80 -41.71
C ARG C 263 -16.58 19.95 -41.30
N MET C 264 -16.51 20.33 -40.02
CA MET C 264 -17.31 21.45 -39.50
C MET C 264 -16.45 22.71 -39.62
N VAL C 265 -16.87 23.62 -40.49
CA VAL C 265 -16.09 24.81 -40.79
C VAL C 265 -16.83 26.03 -40.27
N GLU C 266 -16.08 27.11 -40.04
CA GLU C 266 -16.65 28.39 -39.60
C GLU C 266 -16.03 29.48 -40.47
N VAL C 267 -16.77 29.92 -41.47
CA VAL C 267 -16.29 30.92 -42.42
C VAL C 267 -16.98 32.25 -42.19
N PRO C 268 -16.25 33.35 -42.05
CA PRO C 268 -16.88 34.64 -41.82
C PRO C 268 -17.39 35.28 -43.11
N ILE C 269 -18.17 36.33 -42.94
CA ILE C 269 -18.74 37.10 -44.04
C ILE C 269 -17.89 38.36 -44.21
N PRO C 270 -17.22 38.55 -45.35
CA PRO C 270 -16.37 39.73 -45.53
C PRO C 270 -17.20 41.00 -45.66
N GLU C 271 -16.48 42.11 -45.80
CA GLU C 271 -17.11 43.42 -45.93
C GLU C 271 -17.92 43.49 -47.22
N GLY C 272 -19.21 43.76 -47.09
CA GLY C 272 -20.12 43.82 -48.22
C GLY C 272 -20.56 42.43 -48.66
N SER C 273 -19.69 41.72 -49.37
CA SER C 273 -19.89 40.30 -49.70
C SER C 273 -21.12 40.09 -50.59
N LYS C 274 -21.77 41.19 -50.96
CA LYS C 274 -22.98 41.16 -51.78
C LYS C 274 -24.07 40.32 -51.14
N LEU C 275 -23.97 40.08 -49.83
CA LEU C 275 -24.94 39.27 -49.12
C LEU C 275 -25.38 39.94 -47.81
N GLU C 276 -25.29 41.25 -47.75
CA GLU C 276 -25.72 41.87 -46.55
C GLU C 276 -27.20 42.11 -46.70
N GLY C 277 -27.93 41.88 -45.62
CA GLY C 277 -29.35 42.08 -45.53
C GLY C 277 -30.18 40.99 -46.18
N VAL C 278 -29.55 40.07 -46.88
CA VAL C 278 -30.25 38.96 -47.53
C VAL C 278 -30.66 37.94 -46.47
N SER C 279 -31.91 37.53 -46.50
CA SER C 279 -32.40 36.55 -45.54
C SER C 279 -31.90 35.15 -45.91
N VAL C 280 -31.95 34.25 -44.93
CA VAL C 280 -31.51 32.87 -45.16
C VAL C 280 -32.44 32.18 -46.15
N LEU C 281 -33.75 32.44 -46.06
CA LEU C 281 -34.72 31.84 -46.97
C LEU C 281 -34.46 32.22 -48.42
N ASP C 282 -34.05 33.46 -48.68
CA ASP C 282 -33.70 33.89 -50.02
C ASP C 282 -32.29 33.52 -50.43
N ALA C 283 -31.38 33.33 -49.47
CA ALA C 283 -30.02 32.93 -49.80
C ALA C 283 -29.97 31.46 -50.23
N ASP C 284 -30.61 30.59 -49.46
CA ASP C 284 -30.60 29.15 -49.69
C ASP C 284 -29.19 28.64 -49.83
N ILE C 285 -28.42 28.75 -48.76
CA ILE C 285 -27.04 28.31 -48.78
C ILE C 285 -26.90 26.81 -48.97
N HIS C 286 -27.84 26.04 -48.46
CA HIS C 286 -27.78 24.60 -48.68
C HIS C 286 -28.04 24.25 -50.14
N ASP C 287 -29.10 24.79 -50.73
CA ASP C 287 -29.44 24.52 -52.11
C ASP C 287 -28.42 25.08 -53.10
N VAL C 288 -27.65 26.10 -52.70
CA VAL C 288 -26.64 26.66 -53.58
C VAL C 288 -25.29 25.94 -53.49
N THR C 289 -24.81 25.63 -52.29
CA THR C 289 -23.46 25.09 -52.15
C THR C 289 -23.43 23.66 -51.66
N GLY C 290 -24.39 23.23 -50.86
CA GLY C 290 -24.41 21.91 -50.30
C GLY C 290 -23.93 21.79 -48.87
N VAL C 291 -23.74 22.91 -48.17
CA VAL C 291 -23.24 22.92 -46.80
C VAL C 291 -24.43 23.11 -45.86
N ILE C 292 -24.58 22.19 -44.91
CA ILE C 292 -25.67 22.29 -43.94
C ILE C 292 -25.33 23.41 -42.95
N ILE C 293 -26.20 24.41 -42.87
CA ILE C 293 -25.97 25.56 -42.01
C ILE C 293 -26.46 25.21 -40.60
N ILE C 294 -25.52 25.12 -39.66
CA ILE C 294 -25.88 24.79 -38.29
C ILE C 294 -26.36 26.04 -37.55
N GLY C 295 -25.56 27.10 -37.58
CA GLY C 295 -25.93 28.33 -36.89
C GLY C 295 -25.09 29.49 -37.37
N VAL C 296 -25.45 30.67 -36.89
CA VAL C 296 -24.79 31.92 -37.25
C VAL C 296 -24.34 32.59 -35.97
N GLY C 297 -23.04 32.71 -35.76
CA GLY C 297 -22.50 33.35 -34.57
C GLY C 297 -22.33 34.85 -34.73
N ARG C 298 -23.23 35.64 -34.14
CA ARG C 298 -23.16 37.10 -34.23
C ARG C 298 -22.79 37.72 -32.89
N GLY C 299 -21.49 37.93 -32.71
CA GLY C 299 -20.98 38.59 -31.52
C GLY C 299 -21.04 37.76 -30.26
N ASP C 300 -20.26 36.68 -30.21
CA ASP C 300 -20.14 35.84 -29.02
C ASP C 300 -21.48 35.25 -28.59
N GLU C 301 -22.29 34.86 -29.57
CA GLU C 301 -23.51 34.11 -29.31
C GLU C 301 -23.88 33.29 -30.53
N LEU C 302 -24.21 32.02 -30.33
CA LEU C 302 -24.47 31.10 -31.43
C LEU C 302 -25.98 30.92 -31.57
N ILE C 303 -26.52 31.35 -32.72
CA ILE C 303 -27.93 31.17 -33.01
C ILE C 303 -28.11 29.90 -33.83
N ILE C 304 -28.28 28.77 -33.14
CA ILE C 304 -28.44 27.50 -33.84
C ILE C 304 -29.78 27.47 -34.56
N ASP C 305 -29.75 27.06 -35.84
CA ASP C 305 -30.92 27.01 -36.70
C ASP C 305 -31.62 28.36 -36.73
N PRO C 306 -31.04 29.37 -37.38
CA PRO C 306 -31.66 30.69 -37.42
C PRO C 306 -32.96 30.66 -38.19
N PRO C 307 -33.92 31.52 -37.84
CA PRO C 307 -35.20 31.53 -38.56
C PRO C 307 -35.03 31.99 -40.01
N ARG C 308 -36.08 31.80 -40.79
CA ARG C 308 -36.08 32.18 -42.19
C ARG C 308 -36.15 33.69 -42.33
N ASP C 309 -36.53 34.37 -41.26
CA ASP C 309 -36.60 35.81 -41.23
C ASP C 309 -35.30 36.47 -40.80
N TYR C 310 -34.29 35.69 -40.40
CA TYR C 310 -33.01 36.25 -40.00
C TYR C 310 -32.35 36.94 -41.19
N SER C 311 -31.72 38.08 -40.91
CA SER C 311 -31.05 38.88 -41.94
C SER C 311 -29.55 38.85 -41.67
N PHE C 312 -28.76 38.53 -42.69
CA PHE C 312 -27.32 38.47 -42.54
C PHE C 312 -26.74 39.87 -42.36
N ARG C 313 -25.50 39.94 -41.89
CA ARG C 313 -24.83 41.22 -41.68
C ARG C 313 -23.38 41.13 -42.07
N ALA C 314 -22.60 42.09 -41.61
CA ALA C 314 -21.17 42.09 -41.87
C ALA C 314 -20.43 41.63 -40.62
N GLY C 315 -19.44 40.76 -40.82
CA GLY C 315 -18.70 40.20 -39.72
C GLY C 315 -19.31 38.97 -39.09
N ASP C 316 -20.45 38.50 -39.58
CA ASP C 316 -21.03 37.27 -39.07
C ASP C 316 -20.19 36.06 -39.47
N ILE C 317 -20.29 35.00 -38.69
CA ILE C 317 -19.55 33.77 -38.92
C ILE C 317 -20.56 32.66 -39.17
N ILE C 318 -20.39 31.94 -40.27
CA ILE C 318 -21.28 30.86 -40.66
C ILE C 318 -20.67 29.53 -40.23
N LEU C 319 -21.44 28.76 -39.46
CA LEU C 319 -20.99 27.46 -38.95
C LEU C 319 -21.76 26.37 -39.70
N GLY C 320 -21.03 25.49 -40.37
CA GLY C 320 -21.64 24.43 -41.15
C GLY C 320 -20.73 23.23 -41.30
N ILE C 321 -21.30 22.15 -41.80
CA ILE C 321 -20.59 20.91 -42.06
C ILE C 321 -20.67 20.62 -43.55
N GLY C 322 -19.52 20.41 -44.20
CA GLY C 322 -19.49 20.12 -45.61
C GLY C 322 -18.16 19.51 -46.02
N LYS C 323 -18.15 18.99 -47.24
CA LYS C 323 -16.93 18.46 -47.83
C LYS C 323 -15.96 19.58 -48.14
N PRO C 324 -14.67 19.28 -48.31
CA PRO C 324 -13.70 20.33 -48.65
C PRO C 324 -14.03 21.04 -49.96
N GLU C 325 -14.67 20.32 -50.88
CA GLU C 325 -15.16 20.92 -52.12
C GLU C 325 -16.29 21.90 -51.88
N GLU C 326 -17.27 21.52 -51.05
CA GLU C 326 -18.42 22.39 -50.80
C GLU C 326 -18.02 23.60 -49.97
N ILE C 327 -17.04 23.43 -49.08
CA ILE C 327 -16.55 24.57 -48.30
C ILE C 327 -15.91 25.60 -49.22
N GLU C 328 -15.14 25.14 -50.20
CA GLU C 328 -14.56 26.03 -51.19
C GLU C 328 -15.66 26.68 -52.03
N ARG C 329 -16.69 25.92 -52.37
CA ARG C 329 -17.84 26.40 -53.13
C ARG C 329 -18.63 27.47 -52.42
N LEU C 330 -18.61 27.42 -51.10
CA LEU C 330 -19.27 28.42 -50.27
C LEU C 330 -18.42 29.65 -50.00
N LYS C 331 -17.13 29.47 -49.72
CA LYS C 331 -16.26 30.61 -49.48
C LYS C 331 -16.15 31.50 -50.70
N ASN C 332 -16.07 30.90 -51.89
CA ASN C 332 -16.09 31.67 -53.12
C ASN C 332 -17.47 32.25 -53.40
N TYR C 333 -18.54 31.57 -52.98
CA TYR C 333 -19.89 32.08 -53.21
C TYR C 333 -20.19 33.33 -52.38
N ILE C 334 -19.70 33.39 -51.15
CA ILE C 334 -19.99 34.54 -50.28
C ILE C 334 -19.02 35.70 -50.51
N SER C 335 -18.11 35.58 -51.47
CA SER C 335 -17.22 36.69 -51.77
C SER C 335 -17.97 37.80 -52.52
N ALA C 336 -17.47 39.02 -52.40
CA ALA C 336 -18.10 40.17 -53.06
C ALA C 336 -17.91 40.10 -54.58
N SER D 115 30.07 35.97 8.19
CA SER D 115 30.05 36.01 9.65
C SER D 115 28.88 36.83 10.23
N ARG D 116 27.87 37.11 9.44
CA ARG D 116 26.71 37.80 9.97
C ARG D 116 25.48 37.45 9.16
N HIS D 117 25.43 36.22 8.65
CA HIS D 117 24.32 35.74 7.83
C HIS D 117 23.21 35.20 8.71
N VAL D 118 22.16 34.66 8.08
CA VAL D 118 21.04 34.03 8.77
C VAL D 118 20.89 32.64 8.17
N VAL D 119 21.05 31.60 9.00
CA VAL D 119 20.95 30.24 8.51
C VAL D 119 19.53 29.72 8.73
N ILE D 120 18.97 29.09 7.70
CA ILE D 120 17.62 28.53 7.75
C ILE D 120 17.73 27.04 7.52
N CYS D 121 17.26 26.25 8.48
CA CYS D 121 17.26 24.80 8.35
C CYS D 121 15.87 24.34 7.92
N GLY D 122 15.79 23.69 6.77
CA GLY D 122 14.52 23.28 6.21
C GLY D 122 13.87 24.38 5.38
N TRP D 123 12.86 23.98 4.60
CA TRP D 123 12.17 24.90 3.70
C TRP D 123 10.69 24.54 3.66
N SER D 124 9.85 25.41 4.21
CA SER D 124 8.41 25.27 4.16
C SER D 124 7.79 26.62 3.79
N GLU D 125 6.47 26.71 3.90
CA GLU D 125 5.77 27.96 3.63
C GLU D 125 6.05 29.02 4.69
N SER D 126 6.34 28.62 5.92
CA SER D 126 6.70 29.57 6.97
C SER D 126 8.03 30.26 6.72
N THR D 127 9.03 29.53 6.22
CA THR D 127 10.34 30.11 5.93
C THR D 127 10.35 30.89 4.61
N LEU D 128 9.36 30.68 3.75
CA LEU D 128 9.20 31.50 2.56
C LEU D 128 8.61 32.87 2.85
N GLU D 129 7.75 32.99 3.86
CA GLU D 129 7.18 34.26 4.25
C GLU D 129 8.16 35.15 5.01
N CYS D 130 9.11 34.55 5.73
CA CYS D 130 10.14 35.33 6.41
C CYS D 130 11.27 35.74 5.47
N LEU D 131 11.33 35.16 4.27
CA LEU D 131 12.30 35.60 3.27
C LEU D 131 11.90 36.92 2.63
N ARG D 132 10.65 37.31 2.75
CA ARG D 132 10.22 38.55 2.13
C ARG D 132 10.53 39.78 2.97
N GLU D 133 10.86 39.59 4.23
CA GLU D 133 11.31 40.66 5.10
C GLU D 133 12.79 40.60 5.44
N LEU D 134 13.55 39.74 4.76
CA LEU D 134 14.97 39.60 5.00
C LEU D 134 15.73 39.79 3.69
N ARG D 135 17.01 40.16 3.82
CA ARG D 135 17.85 40.33 2.65
C ARG D 135 18.11 38.98 1.97
N GLY D 136 18.02 38.96 0.65
CA GLY D 136 18.18 37.71 -0.08
C GLY D 136 19.60 37.16 0.01
N SER D 137 20.60 38.04 0.03
CA SER D 137 22.00 37.63 0.03
C SER D 137 22.51 37.29 1.42
N GLU D 138 21.76 37.48 2.48
CA GLU D 138 22.30 37.13 3.78
C GLU D 138 21.74 35.83 4.32
N VAL D 139 20.70 35.30 3.69
CA VAL D 139 20.07 34.07 4.17
C VAL D 139 20.67 32.88 3.43
N PHE D 140 20.97 31.83 4.20
CA PHE D 140 21.47 30.57 3.66
C PHE D 140 20.54 29.45 4.07
N VAL D 141 20.05 28.69 3.09
CA VAL D 141 19.12 27.59 3.35
C VAL D 141 19.89 26.28 3.32
N LEU D 142 19.78 25.51 4.40
CA LEU D 142 20.51 24.25 4.55
C LEU D 142 19.51 23.10 4.44
N ALA D 143 19.48 22.44 3.29
CA ALA D 143 18.63 21.29 3.05
C ALA D 143 19.40 20.28 2.22
N GLU D 144 18.70 19.25 1.76
CA GLU D 144 19.32 18.26 0.90
C GLU D 144 18.46 17.75 -0.24
N ASP D 145 17.20 18.17 -0.31
CA ASP D 145 16.36 17.80 -1.43
C ASP D 145 16.73 18.61 -2.68
N GLU D 146 16.42 18.05 -3.85
CA GLU D 146 16.78 18.71 -5.09
C GLU D 146 15.79 19.80 -5.47
N ASN D 147 14.49 19.55 -5.28
CA ASN D 147 13.48 20.57 -5.56
C ASN D 147 13.62 21.78 -4.66
N VAL D 148 14.06 21.57 -3.41
CA VAL D 148 14.28 22.69 -2.50
C VAL D 148 15.34 23.63 -3.05
N ARG D 149 16.36 23.10 -3.72
CA ARG D 149 17.39 23.97 -4.29
C ARG D 149 16.80 24.92 -5.33
N LYS D 150 15.97 24.39 -6.24
CA LYS D 150 15.35 25.23 -7.25
C LYS D 150 14.39 26.24 -6.61
N LYS D 151 13.63 25.80 -5.60
CA LYS D 151 12.73 26.72 -4.92
C LYS D 151 13.49 27.86 -4.25
N VAL D 152 14.59 27.54 -3.58
CA VAL D 152 15.39 28.56 -2.90
C VAL D 152 16.01 29.51 -3.92
N LEU D 153 16.53 28.97 -5.03
CA LEU D 153 17.13 29.82 -6.04
C LEU D 153 16.11 30.77 -6.65
N ARG D 154 14.89 30.28 -6.91
CA ARG D 154 13.84 31.15 -7.40
C ARG D 154 13.47 32.20 -6.36
N SER D 155 13.44 31.82 -5.08
CA SER D 155 13.11 32.77 -4.02
C SER D 155 14.14 33.89 -3.94
N GLY D 156 15.42 33.54 -4.10
CA GLY D 156 16.47 34.54 -4.08
C GLY D 156 17.44 34.41 -2.91
N ALA D 157 17.67 33.19 -2.45
CA ALA D 157 18.56 32.91 -1.34
C ALA D 157 19.69 32.01 -1.81
N ASN D 158 20.56 31.64 -0.87
CA ASN D 158 21.70 30.77 -1.15
C ASN D 158 21.43 29.39 -0.57
N PHE D 159 21.75 28.35 -1.34
CA PHE D 159 21.46 26.98 -0.96
C PHE D 159 22.74 26.25 -0.57
N VAL D 160 22.70 25.58 0.57
CA VAL D 160 23.82 24.77 1.07
C VAL D 160 23.31 23.36 1.23
N HIS D 161 24.00 22.40 0.62
CA HIS D 161 23.57 21.00 0.64
C HIS D 161 24.14 20.31 1.87
N GLY D 162 23.27 19.93 2.80
CA GLY D 162 23.71 19.20 3.98
C GLY D 162 22.54 18.73 4.81
N ASP D 163 22.80 17.97 5.84
CA ASP D 163 21.77 17.48 6.72
C ASP D 163 21.72 18.37 7.94
N PRO D 164 20.63 19.07 8.18
CA PRO D 164 20.54 19.96 9.35
C PRO D 164 20.78 19.25 10.67
N THR D 165 20.57 17.93 10.72
CA THR D 165 20.77 17.19 11.96
C THR D 165 22.22 16.80 12.21
N ARG D 166 23.08 16.93 11.21
CA ARG D 166 24.49 16.56 11.37
C ARG D 166 25.30 17.75 11.85
N VAL D 167 26.09 17.55 12.90
CA VAL D 167 26.99 18.59 13.37
C VAL D 167 28.06 18.91 12.33
N SER D 168 28.53 17.90 11.60
CA SER D 168 29.52 18.14 10.55
C SER D 168 28.99 19.03 9.44
N ASP D 169 27.74 18.81 9.01
CA ASP D 169 27.12 19.65 7.99
C ASP D 169 26.61 20.97 8.56
N LEU D 170 26.46 21.07 9.87
CA LEU D 170 26.10 22.34 10.48
C LEU D 170 27.26 23.33 10.51
N GLU D 171 28.49 22.84 10.59
CA GLU D 171 29.66 23.71 10.54
C GLU D 171 29.96 24.19 9.13
N LYS D 172 29.50 23.47 8.10
CA LYS D 172 29.65 23.94 6.73
C LYS D 172 28.86 25.22 6.51
N ALA D 173 27.67 25.30 7.12
CA ALA D 173 26.84 26.49 7.04
C ALA D 173 27.33 27.61 7.96
N ASN D 174 28.39 27.38 8.72
CA ASN D 174 28.99 28.38 9.60
C ASN D 174 27.96 28.91 10.60
N VAL D 175 27.40 27.99 11.38
CA VAL D 175 26.46 28.34 12.44
C VAL D 175 27.12 29.12 13.57
N ARG D 176 28.40 28.91 13.78
CA ARG D 176 29.15 29.58 14.82
C ARG D 176 29.05 31.07 14.74
N GLY D 177 29.26 31.58 13.54
CA GLY D 177 29.23 33.00 13.29
C GLY D 177 27.93 33.58 12.79
N ALA D 178 26.87 32.77 12.72
CA ALA D 178 25.61 33.26 12.20
C ALA D 178 24.95 34.23 13.17
N ARG D 179 24.22 35.21 12.63
CA ARG D 179 23.49 36.15 13.45
C ARG D 179 22.34 35.45 14.18
N ALA D 180 21.58 34.64 13.46
CA ALA D 180 20.48 33.88 14.04
C ALA D 180 20.20 32.67 13.16
N VAL D 181 19.66 31.62 13.77
CA VAL D 181 19.34 30.38 13.08
C VAL D 181 17.86 30.10 13.25
N ILE D 182 17.19 29.77 12.13
CA ILE D 182 15.77 29.45 12.12
C ILE D 182 15.62 27.99 11.77
N VAL D 183 15.01 27.23 12.67
CA VAL D 183 14.88 25.77 12.52
C VAL D 183 13.43 25.44 12.26
N ASP D 184 13.15 24.89 11.08
CA ASP D 184 11.81 24.42 10.73
C ASP D 184 11.98 23.24 9.79
N LEU D 185 11.94 22.03 10.36
CA LEU D 185 12.19 20.81 9.62
C LEU D 185 10.88 20.04 9.42
N GLU D 186 10.98 18.87 8.81
CA GLU D 186 9.79 18.10 8.47
C GLU D 186 9.13 17.44 9.67
N SER D 187 9.82 17.37 10.81
CA SER D 187 9.27 16.71 11.98
C SER D 187 9.85 17.34 13.25
N ASP D 188 9.10 17.20 14.34
CA ASP D 188 9.56 17.70 15.63
C ASP D 188 10.81 16.96 16.13
N SER D 189 10.94 15.67 15.83
CA SER D 189 12.15 14.95 16.18
C SER D 189 13.37 15.58 15.50
N GLU D 190 13.25 15.86 14.20
CA GLU D 190 14.34 16.50 13.48
C GLU D 190 14.61 17.89 14.00
N THR D 191 13.56 18.64 14.36
CA THR D 191 13.77 19.98 14.91
C THR D 191 14.53 19.92 16.23
N ILE D 192 14.16 18.99 17.11
CA ILE D 192 14.86 18.85 18.39
C ILE D 192 16.30 18.44 18.16
N HIS D 193 16.53 17.49 17.25
CA HIS D 193 17.90 17.06 16.98
C HIS D 193 18.75 18.20 16.43
N CYS D 194 18.17 19.01 15.54
CA CYS D 194 18.90 20.14 14.98
C CYS D 194 19.22 21.18 16.05
N ILE D 195 18.27 21.44 16.96
CA ILE D 195 18.52 22.38 18.03
C ILE D 195 19.64 21.88 18.94
N LEU D 196 19.62 20.59 19.27
CA LEU D 196 20.69 20.02 20.09
C LEU D 196 22.04 20.15 19.38
N GLY D 197 22.07 19.86 18.08
CA GLY D 197 23.31 19.98 17.34
C GLY D 197 23.84 21.40 17.28
N ILE D 198 22.95 22.38 17.10
CA ILE D 198 23.38 23.77 17.06
C ILE D 198 23.90 24.22 18.41
N ARG D 199 23.21 23.82 19.49
CA ARG D 199 23.68 24.18 20.83
C ARG D 199 24.99 23.47 21.16
N LYS D 200 25.25 22.33 20.52
CA LYS D 200 26.54 21.68 20.69
C LYS D 200 27.67 22.51 20.11
N ILE D 201 27.40 23.25 19.04
CA ILE D 201 28.42 24.06 18.38
C ILE D 201 28.56 25.39 19.10
N ASP D 202 27.47 26.16 19.15
CA ASP D 202 27.49 27.49 19.76
C ASP D 202 26.40 27.55 20.82
N GLU D 203 26.77 27.97 22.03
CA GLU D 203 25.84 28.08 23.15
C GLU D 203 25.24 29.47 23.28
N SER D 204 25.58 30.39 22.39
CA SER D 204 25.08 31.76 22.46
C SER D 204 24.30 32.21 21.25
N VAL D 205 24.34 31.47 20.14
CA VAL D 205 23.60 31.87 18.95
C VAL D 205 22.11 31.80 19.23
N ARG D 206 21.34 32.66 18.56
CA ARG D 206 19.90 32.75 18.75
C ARG D 206 19.20 31.74 17.84
N ILE D 207 18.36 30.89 18.42
CA ILE D 207 17.65 29.85 17.69
C ILE D 207 16.16 30.14 17.75
N ILE D 208 15.50 30.06 16.60
CA ILE D 208 14.06 30.26 16.49
C ILE D 208 13.49 28.99 15.87
N ALA D 209 12.65 28.28 16.61
CA ALA D 209 12.10 27.01 16.17
C ALA D 209 10.59 27.07 16.01
N GLU D 210 10.06 26.07 15.31
CA GLU D 210 8.62 25.94 15.08
C GLU D 210 8.18 24.56 15.56
N ALA D 211 7.07 24.51 16.28
CA ALA D 211 6.57 23.27 16.88
C ALA D 211 5.25 22.88 16.25
N GLU D 212 5.11 21.59 15.90
CA GLU D 212 3.82 21.08 15.43
C GLU D 212 2.93 20.69 16.60
N ARG D 213 3.39 19.76 17.42
CA ARG D 213 2.57 19.23 18.50
C ARG D 213 2.70 20.10 19.75
N TYR D 214 1.65 20.06 20.58
CA TYR D 214 1.65 20.82 21.83
C TYR D 214 2.57 20.19 22.86
N GLU D 215 2.81 18.88 22.77
CA GLU D 215 3.68 18.18 23.71
C GLU D 215 5.14 18.58 23.58
N ASN D 216 5.56 19.08 22.42
CA ASN D 216 6.97 19.34 22.15
C ASN D 216 7.35 20.80 22.37
N ILE D 217 6.41 21.65 22.80
CA ILE D 217 6.75 23.05 23.05
C ILE D 217 7.76 23.16 24.18
N GLU D 218 7.55 22.44 25.27
CA GLU D 218 8.50 22.44 26.37
C GLU D 218 9.81 21.74 26.03
N GLN D 219 9.76 20.68 25.21
CA GLN D 219 10.98 20.00 24.83
C GLN D 219 11.86 20.86 23.92
N LEU D 220 11.24 21.64 23.03
CA LEU D 220 12.02 22.59 22.23
C LEU D 220 12.70 23.64 23.10
N ARG D 221 12.01 24.14 24.13
CA ARG D 221 12.63 25.11 25.03
C ARG D 221 13.73 24.49 25.88
N MET D 222 13.57 23.23 26.29
CA MET D 222 14.61 22.55 27.04
C MET D 222 15.82 22.23 26.17
N ALA D 223 15.61 21.96 24.87
CA ALA D 223 16.74 21.67 23.99
C ALA D 223 17.63 22.90 23.81
N GLY D 224 17.07 24.10 23.88
CA GLY D 224 17.87 25.30 23.78
C GLY D 224 17.30 26.39 22.89
N ALA D 225 16.10 26.19 22.37
CA ALA D 225 15.50 27.18 21.48
C ALA D 225 15.18 28.45 22.26
N ASP D 226 15.56 29.60 21.69
CA ASP D 226 15.28 30.87 22.33
C ASP D 226 13.81 31.26 22.17
N GLN D 227 13.24 31.05 20.98
CA GLN D 227 11.85 31.37 20.70
C GLN D 227 11.19 30.20 20.00
N VAL D 228 9.95 29.91 20.37
CA VAL D 228 9.19 28.78 19.83
C VAL D 228 7.88 29.33 19.27
N ILE D 229 7.50 28.86 18.09
CA ILE D 229 6.26 29.29 17.46
C ILE D 229 5.40 28.06 17.21
N SER D 230 4.12 28.12 17.49
CA SER D 230 3.19 26.99 17.38
C SER D 230 2.03 27.34 16.47
N PRO D 231 2.24 27.41 15.15
CA PRO D 231 1.14 27.78 14.24
C PRO D 231 -0.01 26.80 14.26
N PHE D 232 0.29 25.51 14.30
CA PHE D 232 -0.78 24.51 14.35
C PHE D 232 -1.56 24.58 15.65
N VAL D 233 -0.88 24.79 16.77
CA VAL D 233 -1.57 24.92 18.04
C VAL D 233 -2.45 26.16 18.07
N ILE D 234 -1.99 27.27 17.50
CA ILE D 234 -2.82 28.46 17.44
C ILE D 234 -4.02 28.24 16.53
N SER D 235 -3.81 27.63 15.36
CA SER D 235 -4.89 27.49 14.39
C SER D 235 -5.94 26.50 14.86
N GLY D 236 -5.53 25.43 15.55
CA GLY D 236 -6.52 24.49 16.06
C GLY D 236 -7.45 25.12 17.07
N ARG D 237 -6.89 25.89 18.00
CA ARG D 237 -7.72 26.58 18.99
C ARG D 237 -8.58 27.64 18.34
N LEU D 238 -8.06 28.35 17.33
CA LEU D 238 -8.88 29.33 16.64
C LEU D 238 -10.04 28.66 15.90
N MET D 239 -9.80 27.49 15.31
CA MET D 239 -10.87 26.74 14.67
C MET D 239 -11.90 26.27 15.67
N SER D 240 -11.45 25.83 16.86
CA SER D 240 -12.34 25.27 17.86
C SER D 240 -13.17 26.33 18.57
N ARG D 241 -13.01 27.60 18.25
CA ARG D 241 -13.83 28.61 18.88
C ARG D 241 -14.66 29.37 17.88
N SER D 242 -14.30 29.30 16.61
CA SER D 242 -14.99 30.08 15.59
C SER D 242 -16.23 29.40 15.05
N ILE D 243 -16.61 28.24 15.61
CA ILE D 243 -17.80 27.54 15.13
C ILE D 243 -19.06 28.35 15.43
N ASP D 244 -19.07 29.10 16.54
CA ASP D 244 -20.24 29.86 16.93
C ASP D 244 -19.92 31.35 16.87
N ASP D 245 -18.88 31.82 17.55
CA ASP D 245 -18.68 33.26 17.68
C ASP D 245 -17.82 33.82 16.54
N GLY D 246 -16.57 33.36 16.45
CA GLY D 246 -15.67 33.82 15.42
C GLY D 246 -15.31 35.29 15.50
N TYR D 247 -15.03 35.78 16.71
CA TYR D 247 -14.56 37.15 16.88
C TYR D 247 -13.10 37.25 17.28
N GLU D 248 -12.59 36.32 18.10
CA GLU D 248 -11.17 36.26 18.38
C GLU D 248 -10.34 35.96 17.14
N ALA D 249 -10.79 35.03 16.30
CA ALA D 249 -10.08 34.71 15.08
C ALA D 249 -10.04 35.89 14.12
N MET D 250 -11.14 36.66 14.05
CA MET D 250 -11.15 37.85 13.19
C MET D 250 -10.11 38.86 13.63
N PHE D 251 -10.02 39.14 14.93
CA PHE D 251 -9.01 40.05 15.45
C PHE D 251 -7.61 39.52 15.17
N VAL D 252 -7.38 38.23 15.44
CA VAL D 252 -6.06 37.65 15.23
C VAL D 252 -5.65 37.76 13.77
N GLN D 253 -6.55 37.41 12.85
CA GLN D 253 -6.24 37.50 11.42
C GLN D 253 -5.94 38.94 11.02
N ASP D 254 -6.85 39.87 11.33
CA ASP D 254 -6.72 41.24 10.87
C ASP D 254 -5.58 42.00 11.53
N VAL D 255 -5.05 41.51 12.64
CA VAL D 255 -3.93 42.19 13.29
C VAL D 255 -2.58 41.52 13.05
N LEU D 256 -2.52 40.19 12.99
CA LEU D 256 -1.24 39.49 12.86
C LEU D 256 -0.98 38.92 11.47
N ALA D 257 -2.02 38.58 10.71
CA ALA D 257 -1.83 37.95 9.41
C ALA D 257 -1.87 38.98 8.29
N GLU D 258 -2.95 39.74 8.18
CA GLU D 258 -3.11 40.69 7.09
C GLU D 258 -2.58 42.08 7.42
N GLU D 259 -2.71 42.52 8.68
CA GLU D 259 -2.35 43.88 9.08
C GLU D 259 -3.08 44.91 8.21
N SER D 260 -4.35 44.60 8.01
CA SER D 260 -5.25 45.41 7.23
C SER D 260 -5.24 46.83 7.67
N THR D 261 -5.78 47.07 8.85
CA THR D 261 -5.85 48.42 9.35
C THR D 261 -4.85 48.67 10.45
N ARG D 262 -4.89 47.86 11.51
CA ARG D 262 -4.00 48.04 12.64
C ARG D 262 -2.82 47.08 12.57
N ARG D 263 -1.91 47.19 13.54
CA ARG D 263 -0.68 46.42 13.54
C ARG D 263 -0.09 46.43 14.93
N MET D 264 0.52 45.30 15.32
CA MET D 264 1.15 45.19 16.65
C MET D 264 2.62 45.57 16.49
N VAL D 265 2.99 46.70 17.08
CA VAL D 265 4.31 47.27 16.92
C VAL D 265 5.07 47.16 18.23
N GLU D 266 6.40 47.18 18.16
CA GLU D 266 7.26 47.17 19.35
C GLU D 266 8.32 48.25 19.15
N VAL D 267 8.10 49.40 19.78
CA VAL D 267 8.99 50.55 19.62
C VAL D 267 9.79 50.75 20.90
N PRO D 268 11.12 50.87 20.82
CA PRO D 268 11.94 51.05 22.02
C PRO D 268 11.94 52.50 22.49
N ILE D 269 12.45 52.70 23.70
CA ILE D 269 12.59 54.01 24.31
C ILE D 269 14.04 54.46 24.15
N PRO D 270 14.30 55.55 23.43
CA PRO D 270 15.68 55.99 23.22
C PRO D 270 16.30 56.53 24.50
N GLU D 271 17.57 56.92 24.38
CA GLU D 271 18.30 57.46 25.51
C GLU D 271 17.71 58.78 25.97
N GLY D 272 17.29 58.83 27.23
CA GLY D 272 16.65 60.01 27.79
C GLY D 272 15.18 60.07 27.43
N SER D 273 14.89 60.48 26.19
CA SER D 273 13.54 60.42 25.63
C SER D 273 12.55 61.30 26.40
N LYS D 274 13.05 62.03 27.39
CA LYS D 274 12.25 62.89 28.24
C LYS D 274 11.11 62.12 28.92
N LEU D 275 11.24 60.80 28.99
CA LEU D 275 10.21 59.97 29.59
C LEU D 275 10.81 58.95 30.55
N GLU D 276 11.95 59.25 31.11
CA GLU D 276 12.51 58.31 32.02
C GLU D 276 11.92 58.63 33.38
N GLY D 277 11.57 57.59 34.10
CA GLY D 277 11.03 57.68 35.45
C GLY D 277 9.56 58.06 35.50
N VAL D 278 8.96 58.42 34.38
CA VAL D 278 7.55 58.78 34.32
C VAL D 278 6.71 57.52 34.41
N SER D 279 5.72 57.53 35.29
CA SER D 279 4.85 56.38 35.44
C SER D 279 3.87 56.31 34.27
N VAL D 280 3.28 55.12 34.10
CA VAL D 280 2.30 54.93 33.03
C VAL D 280 1.05 55.75 33.29
N LEU D 281 0.62 55.84 34.55
CA LEU D 281 -0.56 56.61 34.90
C LEU D 281 -0.40 58.09 34.56
N ASP D 282 0.79 58.66 34.74
CA ASP D 282 1.05 60.04 34.36
C ASP D 282 1.38 60.20 32.88
N ALA D 283 1.89 59.16 32.23
CA ALA D 283 2.17 59.25 30.79
C ALA D 283 0.89 59.26 29.98
N ASP D 284 -0.01 58.33 30.28
CA ASP D 284 -1.26 58.14 29.53
C ASP D 284 -1.00 58.02 28.05
N ILE D 285 -0.30 56.97 27.66
CA ILE D 285 0.03 56.76 26.28
C ILE D 285 -1.18 56.51 25.41
N HIS D 286 -2.20 55.88 25.95
CA HIS D 286 -3.42 55.68 25.19
C HIS D 286 -4.14 57.00 24.94
N ASP D 287 -4.34 57.80 25.98
CA ASP D 287 -5.03 59.08 25.84
C ASP D 287 -4.24 60.08 25.03
N VAL D 288 -2.92 59.94 24.94
CA VAL D 288 -2.10 60.86 24.15
C VAL D 288 -1.99 60.46 22.68
N THR D 289 -1.77 59.19 22.37
CA THR D 289 -1.50 58.79 21.00
C THR D 289 -2.59 57.92 20.39
N GLY D 290 -3.27 57.11 21.19
CA GLY D 290 -4.28 56.21 20.69
C GLY D 290 -3.83 54.76 20.53
N VAL D 291 -2.66 54.39 21.03
CA VAL D 291 -2.13 53.05 20.90
C VAL D 291 -2.39 52.30 22.20
N ILE D 292 -3.05 51.15 22.10
CA ILE D 292 -3.31 50.33 23.28
C ILE D 292 -2.01 49.68 23.72
N ILE D 293 -1.61 49.94 24.96
CA ILE D 293 -0.35 49.42 25.48
C ILE D 293 -0.61 48.02 26.02
N ILE D 294 -0.01 47.01 25.38
CA ILE D 294 -0.19 45.63 25.83
C ILE D 294 0.75 45.32 26.98
N GLY D 295 2.05 45.58 26.79
CA GLY D 295 3.02 45.30 27.82
C GLY D 295 4.32 46.01 27.55
N VAL D 296 5.22 45.91 28.52
CA VAL D 296 6.53 46.55 28.46
C VAL D 296 7.58 45.46 28.67
N GLY D 297 8.39 45.21 27.65
CA GLY D 297 9.43 44.21 27.75
C GLY D 297 10.76 44.76 28.27
N ARG D 298 11.07 44.49 29.54
CA ARG D 298 12.30 44.98 30.15
C ARG D 298 13.28 43.84 30.40
N GLY D 299 14.16 43.63 29.43
CA GLY D 299 15.21 42.63 29.55
C GLY D 299 14.74 41.19 29.49
N ASP D 300 14.24 40.79 28.32
CA ASP D 300 13.84 39.40 28.05
C ASP D 300 12.75 38.93 29.02
N GLU D 301 11.82 39.83 29.31
CA GLU D 301 10.61 39.46 30.07
C GLU D 301 9.50 40.44 29.74
N LEU D 302 8.31 39.91 29.47
CA LEU D 302 7.18 40.72 29.03
C LEU D 302 6.24 40.93 30.20
N ILE D 303 6.09 42.18 30.63
CA ILE D 303 5.15 42.54 31.70
C ILE D 303 3.84 42.97 31.07
N ILE D 304 2.94 42.02 30.83
CA ILE D 304 1.66 42.35 30.22
C ILE D 304 0.81 43.13 31.19
N ASP D 305 0.22 44.23 30.72
CA ASP D 305 -0.58 45.15 31.52
C ASP D 305 0.18 45.61 32.75
N PRO D 306 1.19 46.45 32.59
CA PRO D 306 1.97 46.91 33.74
C PRO D 306 1.12 47.75 34.68
N PRO D 307 1.42 47.74 35.98
CA PRO D 307 0.62 48.52 36.92
C PRO D 307 0.81 50.02 36.70
N ARG D 308 -0.05 50.80 37.34
CA ARG D 308 -0.01 52.25 37.23
C ARG D 308 1.19 52.81 37.96
N ASP D 309 1.78 52.00 38.83
CA ASP D 309 2.95 52.39 39.59
C ASP D 309 4.26 52.06 38.87
N TYR D 310 4.20 51.37 37.73
CA TYR D 310 5.41 51.05 36.98
C TYR D 310 6.08 52.32 36.49
N SER D 311 7.41 52.33 36.55
CA SER D 311 8.21 53.48 36.14
C SER D 311 9.01 53.10 34.89
N PHE D 312 8.92 53.93 33.86
CA PHE D 312 9.64 53.64 32.63
C PHE D 312 11.15 53.80 32.83
N ARG D 313 11.94 53.29 31.90
CA ARG D 313 13.38 53.39 31.98
C ARG D 313 13.98 53.64 30.61
N ALA D 314 15.27 53.39 30.49
CA ALA D 314 15.94 53.53 29.21
C ALA D 314 16.20 52.14 28.62
N GLY D 315 15.94 52.01 27.32
CA GLY D 315 16.07 50.74 26.65
C GLY D 315 14.85 49.84 26.72
N ASP D 316 13.78 50.27 27.37
CA ASP D 316 12.56 49.48 27.40
C ASP D 316 11.90 49.47 26.03
N ILE D 317 11.12 48.43 25.77
CA ILE D 317 10.42 48.24 24.51
C ILE D 317 8.92 48.26 24.79
N ILE D 318 8.18 49.09 24.08
CA ILE D 318 6.74 49.24 24.25
C ILE D 318 6.04 48.42 23.20
N LEU D 319 5.16 47.52 23.64
CA LEU D 319 4.40 46.64 22.76
C LEU D 319 2.95 47.10 22.75
N GLY D 320 2.44 47.44 21.56
CA GLY D 320 1.10 47.94 21.43
C GLY D 320 0.53 47.67 20.04
N ILE D 321 -0.77 47.90 19.92
CA ILE D 321 -1.50 47.74 18.66
C ILE D 321 -2.08 49.10 18.29
N GLY D 322 -1.80 49.56 17.07
CA GLY D 322 -2.31 50.83 16.61
C GLY D 322 -2.22 50.95 15.11
N LYS D 323 -2.90 51.97 14.58
CA LYS D 323 -2.86 52.28 13.16
C LYS D 323 -1.47 52.83 12.81
N PRO D 324 -1.10 52.80 11.51
CA PRO D 324 0.21 53.34 11.12
C PRO D 324 0.36 54.81 11.48
N GLU D 325 -0.74 55.55 11.48
CA GLU D 325 -0.74 56.94 11.92
C GLU D 325 -0.46 57.07 13.41
N GLU D 326 -1.11 56.26 14.23
CA GLU D 326 -0.92 56.35 15.68
C GLU D 326 0.46 55.85 16.09
N ILE D 327 1.00 54.87 15.36
CA ILE D 327 2.36 54.41 15.63
C ILE D 327 3.35 55.54 15.38
N GLU D 328 3.17 56.28 14.29
CA GLU D 328 4.02 57.43 14.03
C GLU D 328 3.84 58.51 15.09
N ARG D 329 2.60 58.69 15.54
CA ARG D 329 2.27 59.65 16.59
C ARG D 329 2.89 59.32 17.92
N LEU D 330 3.13 58.06 18.15
CA LEU D 330 3.79 57.59 19.37
C LEU D 330 5.31 57.61 19.28
N LYS D 331 5.88 57.19 18.15
CA LYS D 331 7.33 57.21 17.99
C LYS D 331 7.87 58.62 18.06
N ASN D 332 7.18 59.59 17.45
CA ASN D 332 7.56 60.98 17.59
C ASN D 332 7.29 61.52 18.99
N TYR D 333 6.26 61.02 19.66
CA TYR D 333 5.94 61.48 21.01
C TYR D 333 7.00 61.06 22.03
N ILE D 334 7.56 59.85 21.90
CA ILE D 334 8.54 59.38 22.86
C ILE D 334 9.95 59.84 22.54
N SER D 335 10.13 60.65 21.50
CA SER D 335 11.46 61.19 21.21
C SER D 335 11.84 62.26 22.21
N ALA D 336 13.14 62.45 22.39
CA ALA D 336 13.65 63.45 23.32
C ALA D 336 13.39 64.87 22.83
N SER E 115 47.02 -0.20 -7.06
CA SER E 115 47.33 -1.58 -6.72
C SER E 115 47.53 -1.81 -5.23
N ARG E 116 47.10 -0.89 -4.39
CA ARG E 116 47.19 -1.12 -2.95
C ARG E 116 46.11 -0.34 -2.24
N HIS E 117 44.96 -0.19 -2.88
CA HIS E 117 43.83 0.55 -2.32
C HIS E 117 42.99 -0.36 -1.45
N VAL E 118 41.88 0.17 -0.93
CA VAL E 118 40.92 -0.57 -0.12
C VAL E 118 39.56 -0.38 -0.77
N VAL E 119 38.94 -1.47 -1.21
CA VAL E 119 37.64 -1.37 -1.88
C VAL E 119 36.53 -1.61 -0.86
N ILE E 120 35.51 -0.75 -0.89
CA ILE E 120 34.37 -0.85 0.01
C ILE E 120 33.13 -1.06 -0.83
N CYS E 121 32.42 -2.16 -0.59
CA CYS E 121 31.18 -2.44 -1.30
C CYS E 121 30.00 -2.05 -0.42
N GLY E 122 29.19 -1.11 -0.89
CA GLY E 122 28.09 -0.60 -0.11
C GLY E 122 28.51 0.56 0.79
N TRP E 123 27.52 1.27 1.30
CA TRP E 123 27.74 2.44 2.13
C TRP E 123 26.69 2.50 3.22
N SER E 124 27.10 2.29 4.47
CA SER E 124 26.25 2.41 5.64
C SER E 124 26.98 3.19 6.71
N GLU E 125 26.40 3.21 7.91
CA GLU E 125 27.04 3.88 9.04
C GLU E 125 28.29 3.14 9.53
N SER E 126 28.35 1.83 9.35
CA SER E 126 29.54 1.05 9.70
C SER E 126 30.74 1.38 8.83
N THR E 127 30.53 1.57 7.53
CA THR E 127 31.62 1.92 6.62
C THR E 127 32.01 3.38 6.71
N LEU E 128 31.16 4.23 7.29
CA LEU E 128 31.53 5.62 7.55
C LEU E 128 32.44 5.77 8.75
N GLU E 129 32.30 4.90 9.76
CA GLU E 129 33.16 4.94 10.93
C GLU E 129 34.54 4.37 10.67
N CYS E 130 34.68 3.45 9.72
CA CYS E 130 35.99 2.93 9.35
C CYS E 130 36.72 3.85 8.38
N LEU E 131 36.02 4.83 7.79
CA LEU E 131 36.67 5.83 6.96
C LEU E 131 37.46 6.85 7.79
N ARG E 132 37.17 6.95 9.07
CA ARG E 132 37.86 7.92 9.90
C ARG E 132 39.22 7.43 10.37
N GLU E 133 39.47 6.14 10.27
CA GLU E 133 40.79 5.58 10.58
C GLU E 133 41.54 5.12 9.35
N LEU E 134 41.08 5.46 8.15
CA LEU E 134 41.74 5.08 6.91
C LEU E 134 42.02 6.33 6.07
N ARG E 135 43.00 6.21 5.19
CA ARG E 135 43.34 7.30 4.29
C ARG E 135 42.20 7.55 3.30
N GLY E 136 41.87 8.82 3.09
CA GLY E 136 40.77 9.15 2.21
C GLY E 136 41.04 8.81 0.76
N SER E 137 42.29 8.96 0.32
CA SER E 137 42.65 8.72 -1.07
C SER E 137 42.91 7.26 -1.39
N GLU E 138 42.90 6.35 -0.42
CA GLU E 138 43.15 4.97 -0.78
C GLU E 138 41.88 4.14 -0.80
N VAL E 139 40.78 4.68 -0.30
CA VAL E 139 39.53 3.92 -0.24
C VAL E 139 38.69 4.24 -1.46
N PHE E 140 38.11 3.20 -2.05
CA PHE E 140 37.21 3.32 -3.19
C PHE E 140 35.88 2.69 -2.83
N VAL E 141 34.80 3.45 -2.97
CA VAL E 141 33.46 2.97 -2.63
C VAL E 141 32.74 2.58 -3.92
N LEU E 142 32.26 1.34 -3.96
CA LEU E 142 31.60 0.79 -5.15
C LEU E 142 30.11 0.65 -4.85
N ALA E 143 29.32 1.57 -5.38
CA ALA E 143 27.87 1.55 -5.24
C ALA E 143 27.25 2.00 -6.55
N GLU E 144 25.95 2.20 -6.53
CA GLU E 144 25.25 2.69 -7.71
C GLU E 144 24.16 3.71 -7.44
N ASP E 145 23.86 4.00 -6.19
CA ASP E 145 22.89 5.04 -5.87
C ASP E 145 23.50 6.42 -6.06
N GLU E 146 22.65 7.41 -6.31
CA GLU E 146 23.14 8.76 -6.57
C GLU E 146 23.46 9.51 -5.29
N ASN E 147 22.64 9.35 -4.25
CA ASN E 147 22.92 9.99 -2.97
C ASN E 147 24.18 9.45 -2.33
N VAL E 148 24.49 8.17 -2.55
CA VAL E 148 25.71 7.58 -2.02
C VAL E 148 26.93 8.29 -2.60
N ARG E 149 26.87 8.70 -3.87
CA ARG E 149 28.00 9.41 -4.45
C ARG E 149 28.28 10.71 -3.72
N LYS E 150 27.24 11.50 -3.45
CA LYS E 150 27.44 12.75 -2.73
C LYS E 150 27.91 12.50 -1.30
N LYS E 151 27.37 11.48 -0.64
CA LYS E 151 27.81 11.16 0.71
C LYS E 151 29.28 10.78 0.73
N VAL E 152 29.72 9.95 -0.22
CA VAL E 152 31.10 9.53 -0.29
C VAL E 152 32.02 10.72 -0.58
N LEU E 153 31.60 11.58 -1.52
CA LEU E 153 32.42 12.74 -1.85
C LEU E 153 32.57 13.68 -0.64
N ARG E 154 31.48 13.88 0.11
CA ARG E 154 31.59 14.68 1.33
C ARG E 154 32.49 14.01 2.35
N SER E 155 32.41 12.68 2.47
CA SER E 155 33.25 11.96 3.42
C SER E 155 34.72 12.11 3.07
N GLY E 156 35.06 12.05 1.78
CA GLY E 156 36.43 12.23 1.35
C GLY E 156 37.05 11.01 0.72
N ALA E 157 36.24 10.21 0.03
CA ALA E 157 36.69 8.99 -0.62
C ALA E 157 36.40 9.09 -2.12
N ASN E 158 36.72 8.03 -2.84
CA ASN E 158 36.52 7.96 -4.28
C ASN E 158 35.34 7.04 -4.59
N PHE E 159 34.49 7.46 -5.51
CA PHE E 159 33.26 6.74 -5.83
C PHE E 159 33.39 6.06 -7.19
N VAL E 160 33.04 4.77 -7.24
CA VAL E 160 33.02 3.99 -8.46
C VAL E 160 31.61 3.48 -8.66
N HIS E 161 31.04 3.75 -9.83
CA HIS E 161 29.66 3.37 -10.11
C HIS E 161 29.62 1.95 -10.67
N GLY E 162 29.04 1.03 -9.91
CA GLY E 162 28.89 -0.33 -10.38
C GLY E 162 28.08 -1.16 -9.42
N ASP E 163 27.78 -2.39 -9.79
CA ASP E 163 27.02 -3.29 -8.96
C ASP E 163 27.99 -4.21 -8.25
N PRO E 164 28.07 -4.15 -6.92
CA PRO E 164 29.00 -5.01 -6.20
C PRO E 164 28.80 -6.49 -6.45
N THR E 165 27.61 -6.90 -6.89
CA THR E 165 27.32 -8.30 -7.13
C THR E 165 27.79 -8.76 -8.51
N ARG E 166 28.13 -7.84 -9.40
CA ARG E 166 28.57 -8.20 -10.75
C ARG E 166 30.08 -8.39 -10.79
N VAL E 167 30.52 -9.53 -11.33
CA VAL E 167 31.95 -9.76 -11.52
C VAL E 167 32.55 -8.77 -12.51
N SER E 168 31.79 -8.37 -13.53
CA SER E 168 32.29 -7.39 -14.49
C SER E 168 32.53 -6.03 -13.85
N ASP E 169 31.63 -5.58 -12.97
CA ASP E 169 31.82 -4.33 -12.26
C ASP E 169 32.77 -4.44 -11.08
N LEU E 170 33.05 -5.67 -10.62
CA LEU E 170 34.05 -5.88 -9.59
C LEU E 170 35.46 -5.71 -10.11
N GLU E 171 35.71 -6.03 -11.39
CA GLU E 171 37.01 -5.83 -12.00
C GLU E 171 37.30 -4.37 -12.32
N LYS E 172 36.25 -3.56 -12.48
CA LYS E 172 36.45 -2.12 -12.67
C LYS E 172 37.06 -1.50 -11.43
N ALA E 173 36.64 -1.96 -10.25
CA ALA E 173 37.21 -1.48 -9.00
C ALA E 173 38.57 -2.08 -8.70
N ASN E 174 39.07 -2.96 -9.57
CA ASN E 174 40.39 -3.58 -9.42
C ASN E 174 40.52 -4.30 -8.08
N VAL E 175 39.62 -5.27 -7.87
CA VAL E 175 39.65 -6.10 -6.67
C VAL E 175 40.87 -7.01 -6.63
N ARG E 176 41.38 -7.37 -7.79
CA ARG E 176 42.55 -8.24 -7.90
C ARG E 176 43.72 -7.75 -7.12
N GLY E 177 44.01 -6.48 -7.32
CA GLY E 177 45.14 -5.83 -6.68
C GLY E 177 44.86 -5.10 -5.40
N ALA E 178 43.63 -5.16 -4.89
CA ALA E 178 43.29 -4.42 -3.68
C ALA E 178 43.96 -5.04 -2.46
N ARG E 179 44.30 -4.17 -1.49
CA ARG E 179 44.88 -4.65 -0.25
C ARG E 179 43.87 -5.45 0.56
N ALA E 180 42.65 -4.93 0.68
CA ALA E 180 41.57 -5.61 1.38
C ALA E 180 40.24 -5.08 0.88
N VAL E 181 39.21 -5.91 0.97
CA VAL E 181 37.87 -5.57 0.52
C VAL E 181 36.92 -5.69 1.70
N ILE E 182 36.09 -4.67 1.88
CA ILE E 182 35.09 -4.63 2.95
C ILE E 182 33.71 -4.69 2.32
N VAL E 183 32.94 -5.72 2.66
CA VAL E 183 31.64 -5.97 2.06
C VAL E 183 30.57 -5.69 3.09
N ASP E 184 29.72 -4.70 2.83
CA ASP E 184 28.58 -4.38 3.69
C ASP E 184 27.48 -3.83 2.78
N LEU E 185 26.57 -4.70 2.37
CA LEU E 185 25.53 -4.37 1.42
C LEU E 185 24.19 -4.28 2.14
N GLU E 186 23.12 -4.04 1.37
CA GLU E 186 21.80 -3.83 1.96
C GLU E 186 21.16 -5.10 2.48
N SER E 187 21.67 -6.28 2.10
CA SER E 187 21.09 -7.53 2.51
C SER E 187 22.16 -8.61 2.56
N ASP E 188 21.89 -9.64 3.37
CA ASP E 188 22.79 -10.78 3.47
C ASP E 188 22.92 -11.55 2.17
N SER E 189 21.84 -11.64 1.39
CA SER E 189 21.92 -12.27 0.07
C SER E 189 22.93 -11.55 -0.82
N GLU E 190 22.85 -10.21 -0.84
CA GLU E 190 23.79 -9.43 -1.64
C GLU E 190 25.21 -9.56 -1.11
N THR E 191 25.37 -9.61 0.22
CA THR E 191 26.69 -9.78 0.80
C THR E 191 27.31 -11.12 0.38
N ILE E 192 26.52 -12.20 0.45
CA ILE E 192 27.01 -13.52 0.06
C ILE E 192 27.36 -13.54 -1.42
N HIS E 193 26.50 -12.95 -2.26
CA HIS E 193 26.77 -12.92 -3.70
C HIS E 193 28.05 -12.13 -3.99
N CYS E 194 28.25 -11.01 -3.31
CA CYS E 194 29.46 -10.21 -3.52
C CYS E 194 30.70 -10.97 -3.08
N ILE E 195 30.62 -11.69 -1.95
CA ILE E 195 31.76 -12.48 -1.51
C ILE E 195 32.09 -13.58 -2.51
N LEU E 196 31.07 -14.26 -3.03
CA LEU E 196 31.31 -15.28 -4.05
C LEU E 196 31.94 -14.68 -5.29
N GLY E 197 31.46 -13.51 -5.72
CA GLY E 197 32.04 -12.87 -6.89
C GLY E 197 33.49 -12.46 -6.68
N ILE E 198 33.82 -11.94 -5.50
CA ILE E 198 35.20 -11.55 -5.22
C ILE E 198 36.10 -12.77 -5.17
N ARG E 199 35.64 -13.85 -4.54
CA ARG E 199 36.45 -15.07 -4.50
C ARG E 199 36.59 -15.69 -5.87
N LYS E 200 35.64 -15.41 -6.77
CA LYS E 200 35.78 -15.87 -8.15
C LYS E 200 36.94 -15.17 -8.86
N ILE E 201 37.20 -13.91 -8.51
CA ILE E 201 38.27 -13.14 -9.13
C ILE E 201 39.60 -13.47 -8.47
N ASP E 202 39.70 -13.21 -7.17
CA ASP E 202 40.94 -13.43 -6.42
C ASP E 202 40.66 -14.34 -5.23
N GLU E 203 41.43 -15.41 -5.12
CA GLU E 203 41.28 -16.37 -4.04
C GLU E 203 42.17 -16.06 -2.83
N SER E 204 42.94 -14.97 -2.87
CA SER E 204 43.84 -14.62 -1.78
C SER E 204 43.57 -13.28 -1.16
N VAL E 205 42.74 -12.43 -1.78
CA VAL E 205 42.46 -11.11 -1.21
C VAL E 205 41.70 -11.29 0.10
N ARG E 206 41.90 -10.34 1.02
CA ARG E 206 41.28 -10.39 2.34
C ARG E 206 39.91 -9.74 2.27
N ILE E 207 38.88 -10.46 2.72
CA ILE E 207 37.50 -10.01 2.69
C ILE E 207 37.01 -9.85 4.12
N ILE E 208 36.36 -8.73 4.41
CA ILE E 208 35.77 -8.45 5.71
C ILE E 208 34.29 -8.16 5.47
N ALA E 209 33.42 -9.00 6.02
CA ALA E 209 31.99 -8.90 5.78
C ALA E 209 31.24 -8.60 7.07
N GLU E 210 30.00 -8.17 6.92
CA GLU E 210 29.10 -7.87 8.04
C GLU E 210 27.82 -8.68 7.87
N ALA E 211 27.36 -9.30 8.95
CA ALA E 211 26.19 -10.17 8.91
C ALA E 211 25.06 -9.58 9.75
N GLU E 212 23.85 -9.59 9.18
CA GLU E 212 22.67 -9.18 9.94
C GLU E 212 22.13 -10.34 10.77
N ARG E 213 21.74 -11.42 10.11
CA ARG E 213 21.11 -12.54 10.78
C ARG E 213 22.15 -13.51 11.35
N TYR E 214 21.75 -14.21 12.41
CA TYR E 214 22.65 -15.20 13.01
C TYR E 214 22.79 -16.44 12.15
N GLU E 215 21.80 -16.74 11.31
CA GLU E 215 21.84 -17.90 10.45
C GLU E 215 22.88 -17.79 9.35
N ASN E 216 23.28 -16.57 8.97
CA ASN E 216 24.17 -16.35 7.84
C ASN E 216 25.63 -16.19 8.25
N ILE E 217 25.95 -16.29 9.53
CA ILE E 217 27.34 -16.15 9.96
C ILE E 217 28.18 -17.28 9.38
N GLU E 218 27.69 -18.51 9.45
CA GLU E 218 28.39 -19.64 8.86
C GLU E 218 28.41 -19.61 7.34
N GLN E 219 27.33 -19.12 6.71
CA GLN E 219 27.31 -19.05 5.26
C GLN E 219 28.28 -18.00 4.72
N LEU E 220 28.45 -16.88 5.43
CA LEU E 220 29.48 -15.92 5.05
C LEU E 220 30.88 -16.52 5.14
N ARG E 221 31.16 -17.30 6.17
CA ARG E 221 32.46 -17.94 6.29
C ARG E 221 32.67 -19.01 5.24
N MET E 222 31.61 -19.75 4.88
CA MET E 222 31.73 -20.74 3.81
C MET E 222 31.89 -20.10 2.44
N ALA E 223 31.31 -18.91 2.22
CA ALA E 223 31.47 -18.24 0.94
C ALA E 223 32.91 -17.79 0.71
N GLY E 224 33.64 -17.47 1.77
CA GLY E 224 35.03 -17.12 1.64
C GLY E 224 35.48 -15.92 2.44
N ALA E 225 34.58 -15.37 3.27
CA ALA E 225 34.93 -14.20 4.07
C ALA E 225 35.99 -14.56 5.11
N ASP E 226 37.03 -13.73 5.19
CA ASP E 226 38.08 -13.95 6.18
C ASP E 226 37.63 -13.58 7.58
N GLN E 227 36.92 -12.46 7.72
CA GLN E 227 36.43 -12.00 9.00
C GLN E 227 34.97 -11.59 8.87
N VAL E 228 34.17 -11.93 9.88
CA VAL E 228 32.74 -11.67 9.89
C VAL E 228 32.41 -10.87 11.14
N ILE E 229 31.59 -9.84 11.01
CA ILE E 229 31.18 -9.02 12.14
C ILE E 229 29.67 -9.05 12.24
N SER E 230 29.13 -9.20 13.43
CA SER E 230 27.69 -9.34 13.67
C SER E 230 27.21 -8.28 14.65
N PRO E 231 27.10 -7.02 14.23
CA PRO E 231 26.68 -5.95 15.15
C PRO E 231 25.28 -6.16 15.68
N PHE E 232 24.35 -6.58 14.83
CA PHE E 232 22.98 -6.81 15.28
C PHE E 232 22.91 -7.97 16.26
N VAL E 233 23.66 -9.05 16.00
CA VAL E 233 23.67 -10.18 16.92
C VAL E 233 24.26 -9.78 18.27
N ILE E 234 25.32 -8.97 18.27
CA ILE E 234 25.88 -8.50 19.53
C ILE E 234 24.90 -7.61 20.27
N SER E 235 24.27 -6.67 19.55
CA SER E 235 23.39 -5.70 20.21
C SER E 235 22.13 -6.34 20.75
N GLY E 236 21.58 -7.33 20.04
CA GLY E 236 20.39 -8.00 20.55
C GLY E 236 20.65 -8.72 21.85
N ARG E 237 21.77 -9.44 21.93
CA ARG E 237 22.13 -10.13 23.16
C ARG E 237 22.45 -9.14 24.28
N LEU E 238 23.11 -8.02 23.95
CA LEU E 238 23.35 -7.02 24.97
C LEU E 238 22.06 -6.41 25.49
N MET E 239 21.08 -6.19 24.61
CA MET E 239 19.78 -5.69 25.05
C MET E 239 19.06 -6.71 25.92
N SER E 240 19.17 -7.99 25.57
CA SER E 240 18.45 -9.05 26.29
C SER E 240 19.07 -9.36 27.65
N ARG E 241 20.14 -8.71 28.04
CA ARG E 241 20.69 -8.96 29.35
C ARG E 241 20.70 -7.73 30.20
N SER E 242 20.57 -6.57 29.60
CA SER E 242 20.68 -5.31 30.33
C SER E 242 19.36 -4.89 30.97
N ILE E 243 18.31 -5.72 30.87
CA ILE E 243 17.03 -5.36 31.47
C ILE E 243 17.12 -5.32 32.99
N ASP E 244 17.97 -6.17 33.57
CA ASP E 244 18.09 -6.23 35.02
C ASP E 244 19.48 -5.79 35.43
N ASP E 245 20.55 -6.39 34.91
CA ASP E 245 21.89 -6.12 35.44
C ASP E 245 22.56 -4.96 34.72
N GLY E 246 22.79 -5.09 33.42
CA GLY E 246 23.42 -4.05 32.64
C GLY E 246 24.85 -3.75 33.04
N TYR E 247 25.65 -4.79 33.29
CA TYR E 247 27.07 -4.61 33.58
C TYR E 247 27.98 -5.09 32.45
N GLU E 248 27.62 -6.15 31.74
CA GLU E 248 28.36 -6.56 30.55
C GLU E 248 28.28 -5.52 29.45
N ALA E 249 27.10 -4.95 29.22
CA ALA E 249 26.94 -3.92 28.20
C ALA E 249 27.76 -2.68 28.53
N MET E 250 27.84 -2.30 29.81
CA MET E 250 28.64 -1.16 30.20
C MET E 250 30.12 -1.37 29.87
N PHE E 251 30.65 -2.55 30.21
CA PHE E 251 32.03 -2.87 29.87
C PHE E 251 32.24 -2.86 28.36
N VAL E 252 31.33 -3.49 27.62
CA VAL E 252 31.48 -3.57 26.17
C VAL E 252 31.48 -2.16 25.57
N GLN E 253 30.54 -1.32 25.98
CA GLN E 253 30.49 0.05 25.46
C GLN E 253 31.77 0.81 25.80
N ASP E 254 32.14 0.85 27.08
CA ASP E 254 33.26 1.66 27.52
C ASP E 254 34.61 1.15 27.03
N VAL E 255 34.71 -0.09 26.57
CA VAL E 255 35.97 -0.62 26.07
C VAL E 255 36.04 -0.68 24.55
N LEU E 256 34.95 -1.00 23.86
CA LEU E 256 34.99 -1.17 22.42
C LEU E 256 34.37 -0.02 21.63
N ALA E 257 33.40 0.69 22.19
CA ALA E 257 32.70 1.75 21.46
C ALA E 257 33.31 3.11 21.74
N GLU E 258 33.38 3.52 23.02
CA GLU E 258 33.88 4.83 23.36
C GLU E 258 35.37 4.87 23.64
N GLU E 259 35.93 3.79 24.21
CA GLU E 259 37.33 3.76 24.64
C GLU E 259 37.64 4.93 25.55
N SER E 260 36.71 5.15 26.47
CA SER E 260 36.76 6.20 27.45
C SER E 260 38.05 6.17 28.21
N THR E 261 38.22 5.14 29.03
CA THR E 261 39.42 5.04 29.82
C THR E 261 40.35 3.98 29.31
N ARG E 262 39.87 2.75 29.19
CA ARG E 262 40.71 1.65 28.75
C ARG E 262 40.48 1.36 27.27
N ARG E 263 41.23 0.38 26.75
CA ARG E 263 41.22 0.07 25.33
C ARG E 263 41.80 -1.31 25.12
N MET E 264 41.25 -2.05 24.15
CA MET E 264 41.74 -3.39 23.83
C MET E 264 42.78 -3.25 22.72
N VAL E 265 44.03 -3.54 23.06
CA VAL E 265 45.14 -3.33 22.15
C VAL E 265 45.70 -4.68 21.73
N GLU E 266 46.38 -4.70 20.58
CA GLU E 266 47.05 -5.92 20.09
C GLU E 266 48.46 -5.51 19.64
N VAL E 267 49.43 -5.77 20.50
CA VAL E 267 50.81 -5.38 20.25
C VAL E 267 51.64 -6.62 19.92
N PRO E 268 52.40 -6.60 18.83
CA PRO E 268 53.21 -7.77 18.46
C PRO E 268 54.52 -7.80 19.25
N ILE E 269 55.20 -8.94 19.14
CA ILE E 269 56.49 -9.18 19.77
C ILE E 269 57.57 -9.00 18.71
N PRO E 270 58.47 -8.04 18.84
CA PRO E 270 59.50 -7.82 17.82
C PRO E 270 60.53 -8.95 17.82
N GLU E 271 61.46 -8.83 16.88
CA GLU E 271 62.53 -9.82 16.74
C GLU E 271 63.42 -9.85 17.98
N GLY E 272 63.50 -11.01 18.62
CA GLY E 272 64.28 -11.16 19.83
C GLY E 272 63.50 -10.68 21.05
N SER E 273 63.44 -9.36 21.23
CA SER E 273 62.60 -8.73 22.25
C SER E 273 62.99 -9.14 23.67
N LYS E 274 64.06 -9.93 23.78
CA LYS E 274 64.54 -10.43 25.07
C LYS E 274 63.47 -11.21 25.82
N LEU E 275 62.43 -11.65 25.10
CA LEU E 275 61.33 -12.38 25.73
C LEU E 275 60.98 -13.62 24.93
N GLU E 276 61.92 -14.17 24.20
CA GLU E 276 61.59 -15.36 23.48
C GLU E 276 61.84 -16.51 24.42
N GLY E 277 60.94 -17.46 24.37
CA GLY E 277 61.01 -18.68 25.16
C GLY E 277 60.60 -18.52 26.60
N VAL E 278 60.37 -17.29 27.06
CA VAL E 278 59.95 -17.02 28.43
C VAL E 278 58.48 -17.39 28.57
N SER E 279 58.16 -18.15 29.61
CA SER E 279 56.79 -18.54 29.86
C SER E 279 55.99 -17.37 30.41
N VAL E 280 54.66 -17.49 30.32
CA VAL E 280 53.78 -16.44 30.85
C VAL E 280 53.89 -16.35 32.36
N LEU E 281 54.00 -17.51 33.03
CA LEU E 281 54.12 -17.52 34.48
C LEU E 281 55.37 -16.80 34.97
N ASP E 282 56.48 -16.91 34.24
CA ASP E 282 57.69 -16.18 34.59
C ASP E 282 57.71 -14.76 34.08
N ALA E 283 56.95 -14.45 33.02
CA ALA E 283 56.89 -13.09 32.53
C ALA E 283 56.07 -12.20 33.46
N ASP E 284 54.90 -12.67 33.85
CA ASP E 284 53.95 -11.91 34.68
C ASP E 284 53.71 -10.55 34.09
N ILE E 285 53.09 -10.53 32.91
CA ILE E 285 52.80 -9.29 32.23
C ILE E 285 51.80 -8.43 32.99
N HIS E 286 50.87 -9.05 33.67
CA HIS E 286 49.92 -8.27 34.47
C HIS E 286 50.61 -7.61 35.65
N ASP E 287 51.39 -8.36 36.42
CA ASP E 287 52.08 -7.82 37.57
C ASP E 287 53.17 -6.82 37.21
N VAL E 288 53.69 -6.88 35.98
CA VAL E 288 54.72 -5.94 35.56
C VAL E 288 54.15 -4.65 34.97
N THR E 289 53.14 -4.72 34.11
CA THR E 289 52.66 -3.54 33.42
C THR E 289 51.25 -3.11 33.81
N GLY E 290 50.39 -4.06 34.17
CA GLY E 290 49.02 -3.74 34.50
C GLY E 290 48.01 -4.02 33.41
N VAL E 291 48.39 -4.71 32.35
CA VAL E 291 47.51 -5.00 31.22
C VAL E 291 47.02 -6.44 31.38
N ILE E 292 45.70 -6.61 31.36
CA ILE E 292 45.11 -7.94 31.45
C ILE E 292 45.31 -8.66 30.13
N ILE E 293 46.00 -9.80 30.16
CA ILE E 293 46.30 -10.55 28.95
C ILE E 293 45.11 -11.44 28.62
N ILE E 294 44.44 -11.15 27.50
CA ILE E 294 43.28 -11.94 27.10
C ILE E 294 43.74 -13.21 26.39
N GLY E 295 44.58 -13.06 25.37
CA GLY E 295 45.04 -14.20 24.62
C GLY E 295 46.25 -13.85 23.78
N VAL E 296 46.82 -14.88 23.15
CA VAL E 296 48.01 -14.75 22.32
C VAL E 296 47.67 -15.34 20.95
N GLY E 297 47.65 -14.50 19.93
CA GLY E 297 47.38 -14.96 18.58
C GLY E 297 48.61 -15.41 17.82
N ARG E 298 48.80 -16.72 17.69
CA ARG E 298 49.96 -17.26 17.00
C ARG E 298 49.55 -17.91 15.66
N GLY E 299 49.62 -17.10 14.61
CA GLY E 299 49.35 -17.59 13.27
C GLY E 299 47.89 -17.89 12.98
N ASP E 300 47.07 -16.84 12.97
CA ASP E 300 45.65 -16.93 12.61
C ASP E 300 44.90 -17.91 13.52
N GLU E 301 45.23 -17.87 14.81
CA GLU E 301 44.47 -18.59 15.82
C GLU E 301 44.64 -17.93 17.17
N LEU E 302 43.54 -17.71 17.89
CA LEU E 302 43.56 -16.97 19.15
C LEU E 302 43.50 -17.96 20.30
N ILE E 303 44.56 -18.00 21.10
CA ILE E 303 44.59 -18.85 22.29
C ILE E 303 44.17 -18.03 23.49
N ILE E 304 42.87 -17.99 23.77
CA ILE E 304 42.36 -17.21 24.89
C ILE E 304 42.79 -17.86 26.20
N ASP E 305 43.31 -17.05 27.12
CA ASP E 305 43.82 -17.50 28.41
C ASP E 305 44.85 -18.61 28.23
N PRO E 306 46.04 -18.29 27.72
CA PRO E 306 47.06 -19.34 27.51
C PRO E 306 47.51 -19.93 28.83
N PRO E 307 47.91 -21.20 28.83
CA PRO E 307 48.36 -21.82 30.09
C PRO E 307 49.67 -21.21 30.58
N ARG E 308 50.00 -21.53 31.82
CA ARG E 308 51.21 -21.02 32.44
C ARG E 308 52.45 -21.67 31.84
N ASP E 309 52.24 -22.77 31.13
CA ASP E 309 53.32 -23.47 30.46
C ASP E 309 53.57 -22.99 29.04
N TYR E 310 52.73 -22.09 28.53
CA TYR E 310 52.92 -21.56 27.19
C TYR E 310 54.22 -20.77 27.10
N SER E 311 54.92 -20.94 25.98
CA SER E 311 56.21 -20.29 25.75
C SER E 311 56.04 -19.28 24.63
N PHE E 312 56.48 -18.05 24.87
CA PHE E 312 56.37 -17.00 23.86
C PHE E 312 57.31 -17.28 22.69
N ARG E 313 57.09 -16.59 21.58
CA ARG E 313 57.92 -16.75 20.40
C ARG E 313 58.15 -15.42 19.72
N ALA E 314 58.58 -15.47 18.47
CA ALA E 314 58.77 -14.27 17.69
C ALA E 314 57.63 -14.11 16.70
N GLY E 315 57.12 -12.88 16.59
CA GLY E 315 55.99 -12.60 15.74
C GLY E 315 54.63 -12.83 16.37
N ASP E 316 54.58 -13.25 17.64
CA ASP E 316 53.31 -13.40 18.31
C ASP E 316 52.68 -12.03 18.59
N ILE E 317 51.36 -12.02 18.71
CA ILE E 317 50.60 -10.80 18.97
C ILE E 317 49.91 -10.95 20.31
N ILE E 318 50.08 -9.98 21.19
CA ILE E 318 49.51 -9.99 22.53
C ILE E 318 48.25 -9.15 22.52
N LEU E 319 47.13 -9.76 22.95
CA LEU E 319 45.84 -9.09 23.00
C LEU E 319 45.48 -8.85 24.46
N GLY E 320 45.27 -7.57 24.80
CA GLY E 320 44.98 -7.19 26.17
C GLY E 320 44.18 -5.91 26.24
N ILE E 321 43.70 -5.61 27.44
CA ILE E 321 42.94 -4.40 27.72
C ILE E 321 43.70 -3.62 28.78
N GLY E 322 43.99 -2.34 28.50
CA GLY E 322 44.69 -1.50 29.45
C GLY E 322 44.54 -0.04 29.11
N LYS E 323 44.93 0.80 30.06
CA LYS E 323 44.94 2.23 29.87
C LYS E 323 46.03 2.62 28.87
N PRO E 324 45.93 3.82 28.26
CA PRO E 324 46.97 4.24 27.32
C PRO E 324 48.35 4.31 27.94
N GLU E 325 48.40 4.60 29.24
CA GLU E 325 49.66 4.56 30.00
C GLU E 325 50.21 3.15 30.11
N GLU E 326 49.37 2.19 30.46
CA GLU E 326 49.84 0.81 30.65
C GLU E 326 50.21 0.17 29.31
N ILE E 327 49.51 0.56 28.23
CA ILE E 327 49.87 0.06 26.92
C ILE E 327 51.27 0.53 26.54
N GLU E 328 51.58 1.80 26.82
CA GLU E 328 52.92 2.31 26.58
C GLU E 328 53.94 1.60 27.46
N ARG E 329 53.56 1.32 28.71
CA ARG E 329 54.41 0.61 29.67
C ARG E 329 54.72 -0.80 29.25
N LEU E 330 53.82 -1.40 28.50
CA LEU E 330 54.02 -2.75 27.96
C LEU E 330 54.79 -2.77 26.66
N LYS E 331 54.49 -1.85 25.73
CA LYS E 331 55.21 -1.82 24.47
C LYS E 331 56.69 -1.54 24.67
N ASN E 332 57.02 -0.62 25.60
CA ASN E 332 58.42 -0.40 25.95
C ASN E 332 59.01 -1.57 26.73
N TYR E 333 58.19 -2.27 27.52
CA TYR E 333 58.69 -3.41 28.29
C TYR E 333 59.09 -4.57 27.40
N ILE E 334 58.33 -4.84 26.33
CA ILE E 334 58.63 -5.97 25.47
C ILE E 334 59.67 -5.64 24.40
N SER E 335 60.23 -4.44 24.41
CA SER E 335 61.29 -4.11 23.47
C SER E 335 62.59 -4.80 23.86
N ALA E 336 63.45 -5.03 22.86
CA ALA E 336 64.73 -5.68 23.10
C ALA E 336 65.67 -4.78 23.88
N ALA F 20 -27.41 1.00 24.48
CA ALA F 20 -26.63 -0.20 24.71
C ALA F 20 -27.33 -1.14 25.69
N THR F 21 -28.17 -0.55 26.55
CA THR F 21 -28.93 -1.32 27.53
C THR F 21 -30.42 -1.32 27.21
N ARG F 22 -30.77 -0.87 26.02
CA ARG F 22 -32.16 -0.83 25.57
C ARG F 22 -32.70 -2.26 25.42
N ILE F 23 -31.85 -3.18 24.99
CA ILE F 23 -32.26 -4.57 24.82
C ILE F 23 -32.66 -5.19 26.15
N LEU F 24 -31.97 -4.81 27.25
CA LEU F 24 -32.35 -5.33 28.56
C LEU F 24 -33.74 -4.86 28.95
N LEU F 25 -34.04 -3.59 28.70
CA LEU F 25 -35.40 -3.09 28.94
C LEU F 25 -36.43 -3.80 28.06
N LEU F 26 -36.09 -4.03 26.79
CA LEU F 26 -37.02 -4.70 25.89
C LEU F 26 -37.34 -6.11 26.36
N VAL F 27 -36.31 -6.87 26.76
CA VAL F 27 -36.52 -8.23 27.23
C VAL F 27 -37.22 -8.27 28.57
N LEU F 28 -36.94 -7.32 29.48
CA LEU F 28 -37.72 -7.23 30.71
C LEU F 28 -39.18 -6.94 30.42
N ALA F 29 -39.46 -6.06 29.45
CA ALA F 29 -40.83 -5.78 29.07
C ALA F 29 -41.53 -7.02 28.52
N VAL F 30 -40.84 -7.82 27.70
CA VAL F 30 -41.42 -9.04 27.18
C VAL F 30 -41.70 -10.03 28.31
N ILE F 31 -40.77 -10.18 29.25
CA ILE F 31 -40.97 -11.08 30.37
C ILE F 31 -42.16 -10.64 31.21
N ILE F 32 -42.27 -9.33 31.47
CA ILE F 32 -43.39 -8.82 32.26
C ILE F 32 -44.70 -9.03 31.53
N TYR F 33 -44.70 -8.77 30.22
CA TYR F 33 -45.87 -8.95 29.37
C TYR F 33 -46.32 -10.38 29.35
N GLY F 34 -45.37 -11.30 29.48
CA GLY F 34 -45.73 -12.69 29.44
C GLY F 34 -46.32 -13.07 30.76
N THR F 35 -45.61 -12.69 31.81
CA THR F 35 -46.03 -13.03 33.16
C THR F 35 -47.44 -12.51 33.45
N ALA F 36 -47.75 -11.29 32.98
CA ALA F 36 -49.05 -10.68 33.21
C ALA F 36 -50.11 -11.16 32.23
N GLY F 37 -49.88 -12.29 31.57
CA GLY F 37 -50.86 -12.86 30.67
C GLY F 37 -51.70 -13.91 31.35
N PHE F 38 -51.06 -14.82 32.07
CA PHE F 38 -51.77 -15.89 32.77
C PHE F 38 -52.74 -15.33 33.79
N HIS F 39 -52.25 -14.47 34.66
CA HIS F 39 -53.07 -13.86 35.71
C HIS F 39 -54.16 -12.94 35.15
N PHE F 40 -53.87 -12.29 34.03
CA PHE F 40 -54.82 -11.37 33.41
C PHE F 40 -55.70 -12.04 32.35
N ILE F 41 -55.66 -13.37 32.30
CA ILE F 41 -56.46 -14.10 31.33
C ILE F 41 -57.21 -15.26 31.99
N GLU F 42 -56.44 -16.24 32.47
CA GLU F 42 -57.02 -17.40 33.14
C GLU F 42 -56.95 -17.24 34.65
N GLY F 43 -56.10 -16.33 35.10
CA GLY F 43 -55.94 -16.08 36.52
C GLY F 43 -55.56 -17.32 37.30
N GLU F 44 -54.59 -18.07 36.78
CA GLU F 44 -54.13 -19.29 37.42
C GLU F 44 -53.48 -18.98 38.78
N SER F 45 -52.28 -18.41 38.72
CA SER F 45 -51.54 -18.05 39.93
C SER F 45 -50.47 -17.03 39.59
N TRP F 46 -50.34 -16.00 40.42
CA TRP F 46 -49.34 -14.97 40.18
C TRP F 46 -47.92 -15.49 40.32
N THR F 47 -47.74 -16.73 40.79
CA THR F 47 -46.41 -17.31 40.94
C THR F 47 -46.10 -18.30 39.82
N VAL F 48 -47.12 -19.00 39.31
CA VAL F 48 -46.90 -19.99 38.26
C VAL F 48 -46.81 -19.28 36.92
N SER F 49 -47.29 -18.04 36.86
CA SER F 49 -47.24 -17.27 35.61
C SER F 49 -45.82 -16.86 35.32
N LEU F 50 -45.11 -16.49 36.38
CA LEU F 50 -43.73 -16.08 36.29
C LEU F 50 -42.88 -17.24 35.78
N TYR F 51 -43.17 -18.42 36.29
CA TYR F 51 -42.46 -19.63 35.91
C TYR F 51 -42.77 -20.00 34.46
N TRP F 52 -44.04 -20.16 34.14
CA TRP F 52 -44.43 -20.52 32.78
C TRP F 52 -43.86 -19.59 31.73
N THR F 53 -43.80 -18.30 32.03
CA THR F 53 -43.19 -17.37 31.10
C THR F 53 -41.70 -17.62 30.91
N PHE F 54 -40.99 -18.01 31.96
CA PHE F 54 -39.57 -18.33 31.84
C PHE F 54 -39.31 -19.65 31.13
N VAL F 55 -40.12 -20.68 31.38
CA VAL F 55 -39.89 -21.95 30.68
C VAL F 55 -40.26 -21.84 29.21
N THR F 56 -41.26 -21.03 28.87
CA THR F 56 -41.67 -20.88 27.48
C THR F 56 -40.62 -20.14 26.65
N ILE F 57 -40.01 -19.09 27.19
CA ILE F 57 -38.99 -18.36 26.45
C ILE F 57 -37.75 -19.21 26.19
N ALA F 58 -37.30 -19.99 27.18
CA ALA F 58 -36.13 -20.83 27.03
C ALA F 58 -36.45 -22.15 26.35
N THR F 59 -37.56 -22.17 25.63
CA THR F 59 -37.94 -23.34 24.87
C THR F 59 -37.88 -24.65 25.65
N VAL F 60 -37.75 -24.57 26.96
CA VAL F 60 -37.68 -25.79 27.75
C VAL F 60 -39.00 -26.57 27.63
N GLY F 61 -40.12 -25.88 27.64
CA GLY F 61 -41.38 -26.56 27.42
C GLY F 61 -41.77 -27.78 28.23
N TYR F 62 -41.76 -27.68 29.54
CA TYR F 62 -42.15 -28.80 30.37
C TYR F 62 -43.53 -29.33 29.97
N GLY F 63 -44.52 -28.46 30.00
CA GLY F 63 -45.89 -28.83 29.67
C GLY F 63 -46.78 -29.11 30.86
N ASP F 64 -46.33 -28.80 32.07
CA ASP F 64 -47.15 -29.04 33.25
C ASP F 64 -48.42 -28.20 33.23
N TYR F 65 -48.26 -26.94 32.85
CA TYR F 65 -49.35 -25.97 32.76
C TYR F 65 -49.52 -25.40 31.37
N SER F 66 -50.29 -26.08 30.53
CA SER F 66 -50.50 -25.65 29.17
C SER F 66 -51.85 -24.96 29.03
N PRO F 67 -51.96 -23.98 28.13
CA PRO F 67 -53.24 -23.28 27.95
C PRO F 67 -54.29 -24.19 27.33
N SER F 68 -55.55 -23.88 27.62
CA SER F 68 -56.68 -24.62 27.08
C SER F 68 -57.63 -23.79 26.25
N THR F 69 -57.82 -22.50 26.56
CA THR F 69 -58.69 -21.66 25.76
C THR F 69 -58.03 -21.34 24.42
N PRO F 70 -58.83 -21.16 23.36
CA PRO F 70 -58.22 -20.74 22.08
C PRO F 70 -57.49 -19.43 22.17
N LEU F 71 -58.02 -18.49 22.95
CA LEU F 71 -57.38 -17.20 23.15
C LEU F 71 -56.06 -17.42 23.87
N GLY F 72 -56.06 -18.26 24.91
CA GLY F 72 -54.86 -18.56 25.65
C GLY F 72 -53.78 -19.21 24.82
N MET F 73 -54.14 -20.14 23.94
CA MET F 73 -53.15 -20.81 23.11
C MET F 73 -52.68 -19.93 21.96
N TYR F 74 -53.47 -18.92 21.61
CA TYR F 74 -53.09 -17.96 20.59
C TYR F 74 -52.04 -17.07 21.25
N PHE F 75 -52.33 -16.61 22.46
CA PHE F 75 -51.39 -15.79 23.21
C PHE F 75 -50.08 -16.53 23.41
N THR F 76 -50.14 -17.86 23.52
CA THR F 76 -48.92 -18.65 23.61
C THR F 76 -48.10 -18.54 22.33
N VAL F 77 -48.77 -18.61 21.17
CA VAL F 77 -48.06 -18.45 19.90
C VAL F 77 -47.46 -17.06 19.78
N THR F 78 -48.22 -16.04 20.20
CA THR F 78 -47.70 -14.68 20.19
C THR F 78 -46.47 -14.54 21.09
N LEU F 79 -46.51 -15.11 22.29
CA LEU F 79 -45.36 -15.11 23.17
C LEU F 79 -44.17 -15.86 22.58
N ILE F 80 -44.41 -16.99 21.92
CA ILE F 80 -43.31 -17.74 21.31
C ILE F 80 -42.65 -16.93 20.21
N VAL F 81 -43.44 -16.32 19.32
CA VAL F 81 -42.84 -15.56 18.22
C VAL F 81 -42.14 -14.31 18.76
N LEU F 82 -42.70 -13.67 19.80
CA LEU F 82 -42.05 -12.52 20.39
C LEU F 82 -40.73 -12.90 21.06
N GLY F 83 -40.70 -14.07 21.72
CA GLY F 83 -39.46 -14.54 22.32
C GLY F 83 -38.41 -14.87 21.28
N ILE F 84 -38.83 -15.46 20.16
CA ILE F 84 -37.89 -15.71 19.07
C ILE F 84 -37.34 -14.39 18.52
N GLY F 85 -38.21 -13.39 18.33
CA GLY F 85 -37.74 -12.09 17.88
C GLY F 85 -36.77 -11.44 18.84
N THR F 86 -37.04 -11.53 20.15
CA THR F 86 -36.12 -11.02 21.15
C THR F 86 -34.79 -11.76 21.15
N PHE F 87 -34.82 -13.07 20.98
CA PHE F 87 -33.58 -13.83 20.93
C PHE F 87 -32.77 -13.41 19.73
N ALA F 88 -33.44 -13.22 18.58
CA ALA F 88 -32.71 -12.79 17.39
C ALA F 88 -31.91 -11.52 17.62
N VAL F 89 -32.54 -10.54 18.27
CA VAL F 89 -31.86 -9.28 18.57
C VAL F 89 -30.74 -9.53 19.58
N LEU F 90 -30.96 -10.44 20.51
CA LEU F 90 -29.97 -10.76 21.50
C LEU F 90 -28.75 -11.29 20.79
N VAL F 91 -28.94 -12.28 19.92
CA VAL F 91 -27.81 -12.85 19.20
C VAL F 91 -27.13 -11.81 18.31
N GLU F 92 -27.93 -10.96 17.71
CA GLU F 92 -27.40 -9.92 16.84
C GLU F 92 -26.46 -8.97 17.56
N ARG F 93 -26.87 -8.51 18.74
CA ARG F 93 -26.06 -7.59 19.52
C ARG F 93 -24.73 -8.22 19.92
N LEU F 94 -24.78 -9.44 20.41
CA LEU F 94 -23.60 -10.13 20.82
C LEU F 94 -22.66 -10.26 19.64
N LEU F 95 -23.16 -10.82 18.54
CA LEU F 95 -22.36 -11.00 17.33
C LEU F 95 -21.71 -9.74 16.85
N GLU F 96 -22.44 -8.65 16.88
CA GLU F 96 -21.88 -7.37 16.49
C GLU F 96 -20.75 -6.96 17.43
N PHE F 97 -20.95 -7.16 18.74
CA PHE F 97 -19.90 -6.85 19.71
C PHE F 97 -18.66 -7.70 19.48
N LEU F 98 -18.83 -9.00 19.25
CA LEU F 98 -17.68 -9.87 19.02
C LEU F 98 -16.95 -9.49 17.74
N ILE F 99 -17.68 -9.21 16.66
CA ILE F 99 -17.05 -8.81 15.41
C ILE F 99 -16.26 -7.53 15.59
N ASN F 100 -16.86 -6.55 16.27
CA ASN F 100 -16.18 -5.28 16.50
C ASN F 100 -14.90 -5.49 17.32
N ARG F 101 -15.00 -6.28 18.39
CA ARG F 101 -13.83 -6.53 19.24
C ARG F 101 -12.71 -7.21 18.44
N GLU F 102 -13.07 -8.25 17.69
CA GLU F 102 -12.05 -9.01 16.96
C GLU F 102 -11.42 -8.17 15.86
N GLN F 103 -12.24 -7.42 15.13
CA GLN F 103 -11.76 -6.58 14.05
C GLN F 103 -10.90 -5.43 14.58
N MET F 104 -11.20 -4.96 15.78
CA MET F 104 -10.44 -3.87 16.37
C MET F 104 -9.13 -4.30 17.00
N LYS F 105 -9.14 -5.41 17.71
CA LYS F 105 -7.94 -5.91 18.38
C LYS F 105 -7.02 -6.75 17.51
N LEU F 106 -7.39 -6.92 16.25
CA LEU F 106 -6.55 -7.59 15.26
C LEU F 106 -5.49 -6.68 14.67
N MET F 107 -5.87 -5.43 14.43
CA MET F 107 -4.97 -4.45 13.86
C MET F 107 -4.40 -3.49 14.90
N GLY F 108 -4.34 -3.90 16.15
CA GLY F 108 -3.85 -3.05 17.21
C GLY F 108 -4.99 -2.36 17.92
N LEU F 109 -4.85 -1.05 18.14
CA LEU F 109 -5.92 -0.21 18.68
C LEU F 109 -6.48 -0.79 19.98
N ILE F 110 -5.61 -1.35 20.78
CA ILE F 110 -6.01 -1.96 22.03
C ILE F 110 -5.10 -1.49 23.15
N ASP F 111 -5.69 -1.07 24.26
CA ASP F 111 -4.93 -0.59 25.40
C ASP F 111 -4.37 -1.78 26.19
N VAL F 112 -3.20 -1.58 26.78
CA VAL F 112 -2.51 -2.63 27.52
C VAL F 112 -2.83 -2.50 29.00
N ALA F 113 -3.18 -3.62 29.63
CA ALA F 113 -3.55 -3.64 31.04
C ALA F 113 -2.54 -4.37 31.91
N LYS F 114 -1.41 -4.77 31.36
CA LYS F 114 -0.41 -5.46 32.14
C LYS F 114 0.42 -4.50 32.98
N SER F 115 1.22 -5.03 33.89
CA SER F 115 2.03 -4.18 34.75
C SER F 115 3.44 -4.70 34.98
N ARG F 116 3.90 -5.63 34.16
CA ARG F 116 5.28 -6.08 34.29
C ARG F 116 5.79 -6.58 32.96
N HIS F 117 5.32 -5.98 31.87
CA HIS F 117 5.69 -6.36 30.52
C HIS F 117 6.97 -5.65 30.10
N VAL F 118 7.39 -5.86 28.86
CA VAL F 118 8.56 -5.22 28.27
C VAL F 118 8.09 -4.56 26.98
N VAL F 119 8.20 -3.24 26.90
CA VAL F 119 7.76 -2.52 25.71
C VAL F 119 8.94 -2.31 24.77
N ILE F 120 8.73 -2.59 23.48
CA ILE F 120 9.75 -2.44 22.46
C ILE F 120 9.25 -1.42 21.46
N CYS F 121 10.01 -0.33 21.27
CA CYS F 121 9.66 0.68 20.29
C CYS F 121 10.48 0.47 19.02
N GLY F 122 9.80 0.22 17.91
CA GLY F 122 10.46 -0.09 16.67
C GLY F 122 10.75 -1.57 16.53
N TRP F 123 11.08 -1.97 15.31
CA TRP F 123 11.34 -3.37 14.99
C TRP F 123 12.47 -3.45 13.96
N SER F 124 13.61 -3.97 14.38
CA SER F 124 14.75 -4.21 13.51
C SER F 124 15.32 -5.61 13.80
N GLU F 125 16.47 -5.90 13.22
CA GLU F 125 17.14 -7.16 13.48
C GLU F 125 17.69 -7.27 14.89
N SER F 126 18.04 -6.14 15.52
CA SER F 126 18.49 -6.13 16.90
C SER F 126 17.39 -6.52 17.88
N THR F 127 16.16 -6.05 17.67
CA THR F 127 15.05 -6.37 18.54
C THR F 127 14.49 -7.76 18.27
N LEU F 128 14.80 -8.36 17.13
CA LEU F 128 14.43 -9.74 16.86
C LEU F 128 15.34 -10.74 17.57
N GLU F 129 16.62 -10.40 17.77
CA GLU F 129 17.54 -11.26 18.49
C GLU F 129 17.32 -11.24 20.00
N CYS F 130 16.80 -10.15 20.55
CA CYS F 130 16.48 -10.09 21.97
C CYS F 130 15.13 -10.72 22.27
N LEU F 131 14.31 -11.00 21.25
CA LEU F 131 13.07 -11.72 21.44
C LEU F 131 13.29 -13.21 21.70
N ARG F 132 14.47 -13.72 21.35
CA ARG F 132 14.72 -15.13 21.53
C ARG F 132 15.15 -15.48 22.95
N GLU F 133 15.53 -14.48 23.73
CA GLU F 133 15.85 -14.67 25.14
C GLU F 133 14.79 -14.09 26.07
N LEU F 134 13.63 -13.67 25.55
CA LEU F 134 12.57 -13.11 26.36
C LEU F 134 11.28 -13.88 26.11
N ARG F 135 10.37 -13.80 27.08
CA ARG F 135 9.07 -14.46 26.97
C ARG F 135 8.26 -13.79 25.87
N GLY F 136 7.60 -14.61 25.04
CA GLY F 136 6.84 -14.06 23.93
C GLY F 136 5.62 -13.27 24.39
N SER F 137 4.98 -13.71 25.46
CA SER F 137 3.76 -13.08 25.94
C SER F 137 4.01 -11.85 26.81
N GLU F 138 5.25 -11.52 27.15
CA GLU F 138 5.44 -10.34 27.96
C GLU F 138 5.94 -9.16 27.18
N VAL F 139 6.34 -9.36 25.93
CA VAL F 139 6.88 -8.28 25.12
C VAL F 139 5.76 -7.68 24.27
N PHE F 140 5.72 -6.36 24.21
CA PHE F 140 4.77 -5.62 23.38
C PHE F 140 5.56 -4.72 22.43
N VAL F 141 5.28 -4.85 21.14
CA VAL F 141 5.97 -4.07 20.12
C VAL F 141 5.07 -2.92 19.69
N LEU F 142 5.59 -1.71 19.77
CA LEU F 142 4.84 -0.50 19.45
C LEU F 142 5.38 0.09 18.15
N ALA F 143 4.64 -0.12 17.06
CA ALA F 143 4.99 0.41 15.76
C ALA F 143 3.72 0.84 15.06
N GLU F 144 3.85 1.19 13.78
CA GLU F 144 2.69 1.56 12.99
C GLU F 144 2.69 1.04 11.56
N ASP F 145 3.76 0.41 11.12
CA ASP F 145 3.78 -0.18 9.79
C ASP F 145 2.96 -1.47 9.78
N GLU F 146 2.47 -1.84 8.59
CA GLU F 146 1.63 -3.02 8.47
C GLU F 146 2.44 -4.30 8.40
N ASN F 147 3.58 -4.28 7.68
CA ASN F 147 4.44 -5.45 7.61
C ASN F 147 5.05 -5.79 8.97
N VAL F 148 5.31 -4.78 9.79
CA VAL F 148 5.84 -5.01 11.12
C VAL F 148 4.86 -5.82 11.95
N ARG F 149 3.56 -5.60 11.78
CA ARG F 149 2.57 -6.38 12.52
C ARG F 149 2.68 -7.87 12.19
N LYS F 150 2.77 -8.21 10.91
CA LYS F 150 2.90 -9.60 10.52
C LYS F 150 4.22 -10.19 11.01
N LYS F 151 5.31 -9.41 10.92
CA LYS F 151 6.59 -9.91 11.41
C LYS F 151 6.54 -10.19 12.91
N VAL F 152 5.94 -9.28 13.68
CA VAL F 152 5.84 -9.47 15.13
C VAL F 152 4.97 -10.67 15.46
N LEU F 153 3.84 -10.82 14.75
CA LEU F 153 2.97 -11.96 15.00
C LEU F 153 3.66 -13.27 14.70
N ARG F 154 4.42 -13.33 13.61
CA ARG F 154 5.19 -14.53 13.32
C ARG F 154 6.27 -14.78 14.38
N SER F 155 6.90 -13.71 14.86
CA SER F 155 7.93 -13.87 15.89
C SER F 155 7.34 -14.42 17.18
N GLY F 156 6.13 -13.97 17.55
CA GLY F 156 5.48 -14.48 18.74
C GLY F 156 5.30 -13.46 19.84
N ALA F 157 5.12 -12.20 19.46
CA ALA F 157 4.93 -11.11 20.42
C ALA F 157 3.58 -10.45 20.16
N ASN F 158 3.29 -9.41 20.94
CA ASN F 158 2.05 -8.66 20.84
C ASN F 158 2.31 -7.32 20.18
N PHE F 159 1.43 -6.93 19.26
CA PHE F 159 1.61 -5.72 18.47
C PHE F 159 0.63 -4.65 18.92
N VAL F 160 1.15 -3.45 19.14
CA VAL F 160 0.35 -2.28 19.51
C VAL F 160 0.58 -1.22 18.45
N HIS F 161 -0.50 -0.71 17.87
CA HIS F 161 -0.41 0.27 16.79
C HIS F 161 -0.34 1.67 17.38
N GLY F 162 0.80 2.34 17.22
CA GLY F 162 0.93 3.70 17.67
C GLY F 162 2.25 4.30 17.25
N ASP F 163 2.44 5.57 17.52
CA ASP F 163 3.67 6.25 17.18
C ASP F 163 4.53 6.32 18.41
N PRO F 164 5.69 5.68 18.41
CA PRO F 164 6.56 5.70 19.60
C PRO F 164 6.94 7.11 20.04
N THR F 165 6.89 8.09 19.15
CA THR F 165 7.26 9.45 19.51
C THR F 165 6.13 10.23 20.17
N ARG F 166 4.90 9.71 20.12
CA ARG F 166 3.77 10.39 20.73
C ARG F 166 3.58 9.96 22.17
N VAL F 167 3.46 10.94 23.08
CA VAL F 167 3.19 10.64 24.48
C VAL F 167 1.81 10.01 24.63
N SER F 168 0.83 10.42 23.82
CA SER F 168 -0.49 9.83 23.89
C SER F 168 -0.49 8.36 23.51
N ASP F 169 0.26 7.98 22.47
CA ASP F 169 0.38 6.58 22.09
C ASP F 169 1.35 5.81 22.96
N LEU F 170 2.22 6.50 23.70
CA LEU F 170 3.08 5.83 24.66
C LEU F 170 2.34 5.36 25.90
N GLU F 171 1.26 6.05 26.29
CA GLU F 171 0.46 5.63 27.42
C GLU F 171 -0.46 4.46 27.06
N LYS F 172 -0.78 4.28 25.78
CA LYS F 172 -1.54 3.11 25.35
C LYS F 172 -0.76 1.84 25.60
N ALA F 173 0.55 1.87 25.37
CA ALA F 173 1.42 0.74 25.64
C ALA F 173 1.73 0.56 27.12
N ASN F 174 1.22 1.44 27.97
CA ASN F 174 1.40 1.35 29.43
C ASN F 174 2.88 1.32 29.80
N VAL F 175 3.58 2.39 29.38
CA VAL F 175 5.00 2.56 29.72
C VAL F 175 5.21 2.80 31.20
N ARG F 176 4.22 3.37 31.86
CA ARG F 176 4.31 3.67 33.28
C ARG F 176 4.64 2.46 34.11
N GLY F 177 3.91 1.39 33.84
CA GLY F 177 4.07 0.15 34.57
C GLY F 177 4.98 -0.87 33.94
N ALA F 178 5.65 -0.55 32.85
CA ALA F 178 6.51 -1.53 32.18
C ALA F 178 7.76 -1.81 33.00
N ARG F 179 8.25 -3.05 32.91
CA ARG F 179 9.49 -3.42 33.60
C ARG F 179 10.68 -2.70 32.97
N ALA F 180 10.75 -2.69 31.65
CA ALA F 180 11.82 -2.01 30.94
C ALA F 180 11.35 -1.69 29.53
N VAL F 181 11.92 -0.64 28.94
CA VAL F 181 11.57 -0.19 27.61
C VAL F 181 12.82 -0.21 26.74
N ILE F 182 12.70 -0.80 25.56
CA ILE F 182 13.80 -0.88 24.60
C ILE F 182 13.46 -0.01 23.40
N VAL F 183 14.29 0.99 23.12
CA VAL F 183 14.04 1.97 22.07
C VAL F 183 15.03 1.72 20.94
N ASP F 184 14.51 1.37 19.77
CA ASP F 184 15.34 1.20 18.57
C ASP F 184 14.46 1.58 17.37
N LEU F 185 14.56 2.83 16.94
CA LEU F 185 13.73 3.36 15.88
C LEU F 185 14.55 3.53 14.61
N GLU F 186 13.91 4.07 13.57
CA GLU F 186 14.55 4.18 12.26
C GLU F 186 15.61 5.26 12.20
N SER F 187 15.65 6.17 13.18
CA SER F 187 16.62 7.26 13.17
C SER F 187 16.93 7.69 14.59
N ASP F 188 18.11 8.29 14.75
CA ASP F 188 18.51 8.82 16.05
C ASP F 188 17.63 9.94 16.53
N SER F 189 17.11 10.77 15.62
CA SER F 189 16.16 11.80 16.02
C SER F 189 14.92 11.19 16.66
N GLU F 190 14.38 10.14 16.02
CA GLU F 190 13.21 9.47 16.57
C GLU F 190 13.54 8.80 17.89
N THR F 191 14.73 8.21 18.00
CA THR F 191 15.12 7.58 19.26
C THR F 191 15.19 8.59 20.39
N ILE F 192 15.80 9.76 20.13
CA ILE F 192 15.89 10.80 21.15
C ILE F 192 14.51 11.30 21.53
N HIS F 193 13.63 11.51 20.54
CA HIS F 193 12.29 11.98 20.82
C HIS F 193 11.52 10.97 21.65
N CYS F 194 11.66 9.68 21.34
CA CYS F 194 10.98 8.64 22.10
C CYS F 194 11.49 8.58 23.53
N ILE F 195 12.81 8.73 23.72
CA ILE F 195 13.37 8.73 25.07
C ILE F 195 12.84 9.91 25.87
N LEU F 196 12.79 11.08 25.25
CA LEU F 196 12.24 12.25 25.94
C LEU F 196 10.78 12.03 26.31
N GLY F 197 10.00 11.46 25.40
CA GLY F 197 8.60 11.19 25.70
C GLY F 197 8.41 10.19 26.83
N ILE F 198 9.23 9.14 26.85
CA ILE F 198 9.13 8.15 27.93
C ILE F 198 9.52 8.76 29.26
N ARG F 199 10.58 9.57 29.28
CA ARG F 199 10.99 10.22 30.53
C ARG F 199 9.97 11.25 30.97
N LYS F 200 9.18 11.77 30.02
CA LYS F 200 8.10 12.68 30.40
C LYS F 200 7.01 11.94 31.18
N ILE F 201 6.79 10.67 30.87
CA ILE F 201 5.76 9.87 31.53
C ILE F 201 6.29 9.33 32.85
N ASP F 202 7.36 8.53 32.79
CA ASP F 202 7.93 7.91 33.97
C ASP F 202 9.41 8.26 34.05
N GLU F 203 9.83 8.77 35.21
CA GLU F 203 11.21 9.16 35.44
C GLU F 203 12.05 8.05 36.05
N SER F 204 11.47 6.87 36.30
CA SER F 204 12.18 5.77 36.93
C SER F 204 12.25 4.51 36.08
N VAL F 205 11.48 4.41 35.00
CA VAL F 205 11.52 3.22 34.17
C VAL F 205 12.89 3.10 33.50
N ARG F 206 13.31 1.87 33.25
CA ARG F 206 14.62 1.61 32.66
C ARG F 206 14.51 1.66 31.14
N ILE F 207 15.35 2.47 30.50
CA ILE F 207 15.34 2.65 29.06
C ILE F 207 16.65 2.13 28.49
N ILE F 208 16.56 1.34 27.42
CA ILE F 208 17.72 0.81 26.72
C ILE F 208 17.60 1.25 25.28
N ALA F 209 18.56 2.06 24.82
CA ALA F 209 18.51 2.65 23.49
C ALA F 209 19.68 2.16 22.63
N GLU F 210 19.56 2.37 21.32
CA GLU F 210 20.58 2.01 20.35
C GLU F 210 20.94 3.25 19.54
N ALA F 211 22.22 3.48 19.34
CA ALA F 211 22.72 4.68 18.66
C ALA F 211 23.39 4.30 17.35
N GLU F 212 23.07 5.02 16.28
CA GLU F 212 23.77 4.84 15.00
C GLU F 212 25.06 5.64 14.98
N ARG F 213 24.95 6.96 15.12
CA ARG F 213 26.09 7.84 14.99
C ARG F 213 26.84 7.97 16.31
N TYR F 214 28.13 8.26 16.22
CA TYR F 214 28.95 8.46 17.41
C TYR F 214 28.64 9.78 18.10
N GLU F 215 28.13 10.77 17.36
CA GLU F 215 27.80 12.07 17.93
C GLU F 215 26.60 12.02 18.87
N ASN F 216 25.73 11.02 18.74
CA ASN F 216 24.49 10.96 19.48
C ASN F 216 24.57 10.09 20.72
N ILE F 217 25.73 9.49 21.00
CA ILE F 217 25.86 8.65 22.19
C ILE F 217 25.65 9.48 23.45
N GLU F 218 26.28 10.65 23.52
CA GLU F 218 26.10 11.53 24.66
C GLU F 218 24.71 12.15 24.71
N GLN F 219 24.09 12.44 23.56
CA GLN F 219 22.75 13.00 23.56
C GLN F 219 21.71 11.99 24.02
N LEU F 220 21.88 10.70 23.68
CA LEU F 220 21.01 9.68 24.21
C LEU F 220 21.12 9.57 25.73
N ARG F 221 22.33 9.67 26.27
CA ARG F 221 22.49 9.61 27.72
C ARG F 221 21.93 10.85 28.40
N MET F 222 22.05 12.02 27.77
CA MET F 222 21.45 13.23 28.34
C MET F 222 19.94 13.22 28.26
N ALA F 223 19.36 12.58 27.24
CA ALA F 223 17.90 12.50 27.14
C ALA F 223 17.30 11.66 28.27
N GLY F 224 18.05 10.67 28.76
CA GLY F 224 17.57 9.88 29.87
C GLY F 224 17.76 8.38 29.74
N ALA F 225 18.42 7.95 28.67
CA ALA F 225 18.63 6.51 28.46
C ALA F 225 19.56 5.95 29.53
N ASP F 226 19.15 4.83 30.12
CA ASP F 226 19.99 4.18 31.13
C ASP F 226 21.17 3.46 30.51
N GLN F 227 20.96 2.77 29.39
CA GLN F 227 22.01 2.04 28.70
C GLN F 227 21.94 2.35 27.21
N VAL F 228 23.12 2.52 26.59
CA VAL F 228 23.22 2.87 25.17
C VAL F 228 24.09 1.83 24.50
N ILE F 229 23.69 1.37 23.32
CA ILE F 229 24.45 0.39 22.56
C ILE F 229 24.78 0.98 21.21
N SER F 230 26.00 0.81 20.73
CA SER F 230 26.47 1.40 19.49
C SER F 230 27.01 0.32 18.56
N PRO F 231 26.14 -0.49 17.94
CA PRO F 231 26.62 -1.58 17.08
C PRO F 231 27.39 -1.08 15.87
N PHE F 232 26.92 -0.01 15.24
CA PHE F 232 27.62 0.54 14.09
C PHE F 232 28.99 1.11 14.48
N VAL F 233 29.06 1.79 15.61
CA VAL F 233 30.34 2.32 16.07
C VAL F 233 31.32 1.20 16.38
N ILE F 234 30.84 0.11 17.00
CA ILE F 234 31.73 -1.03 17.26
C ILE F 234 32.18 -1.68 15.96
N SER F 235 31.25 -1.89 15.03
CA SER F 235 31.59 -2.61 13.80
C SER F 235 32.52 -1.80 12.91
N GLY F 236 32.35 -0.49 12.86
CA GLY F 236 33.24 0.32 12.04
C GLY F 236 34.67 0.25 12.53
N ARG F 237 34.86 0.36 13.86
CA ARG F 237 36.21 0.26 14.41
C ARG F 237 36.77 -1.14 14.25
N LEU F 238 35.94 -2.17 14.38
CA LEU F 238 36.43 -3.53 14.15
C LEU F 238 36.86 -3.72 12.70
N MET F 239 36.11 -3.15 11.76
CA MET F 239 36.50 -3.20 10.35
C MET F 239 37.80 -2.46 10.09
N SER F 240 37.98 -1.31 10.74
CA SER F 240 39.15 -0.46 10.51
C SER F 240 40.42 -1.02 11.14
N ARG F 241 40.35 -2.15 11.83
CA ARG F 241 41.56 -2.72 12.39
C ARG F 241 41.85 -4.08 11.85
N SER F 242 40.86 -4.73 11.26
CA SER F 242 41.01 -6.10 10.79
C SER F 242 41.62 -6.18 9.39
N ILE F 243 42.01 -5.06 8.81
CA ILE F 243 42.59 -5.09 7.47
C ILE F 243 43.94 -5.80 7.48
N ASP F 244 44.69 -5.69 8.58
CA ASP F 244 46.00 -6.29 8.67
C ASP F 244 45.99 -7.39 9.72
N ASP F 245 45.60 -7.09 10.96
CA ASP F 245 45.79 -8.07 12.04
C ASP F 245 44.57 -8.99 12.18
N GLY F 246 43.42 -8.42 12.50
CA GLY F 246 42.20 -9.19 12.65
C GLY F 246 42.24 -10.18 13.81
N TYR F 247 42.75 -9.75 14.96
CA TYR F 247 42.73 -10.58 16.16
C TYR F 247 41.76 -10.08 17.23
N GLU F 248 41.60 -8.77 17.38
CA GLU F 248 40.58 -8.23 18.26
C GLU F 248 39.18 -8.59 17.79
N ALA F 249 38.92 -8.48 16.49
CA ALA F 249 37.61 -8.83 15.95
C ALA F 249 37.29 -10.31 16.16
N MET F 250 38.30 -11.18 16.03
CA MET F 250 38.08 -12.61 16.25
C MET F 250 37.65 -12.88 17.70
N PHE F 251 38.34 -12.27 18.66
CA PHE F 251 37.96 -12.42 20.06
C PHE F 251 36.55 -11.88 20.30
N VAL F 252 36.27 -10.68 19.78
CA VAL F 252 34.96 -10.07 19.99
C VAL F 252 33.87 -10.96 19.42
N GLN F 253 34.03 -11.46 18.20
CA GLN F 253 33.03 -12.33 17.60
C GLN F 253 32.85 -13.60 18.41
N ASP F 254 33.93 -14.32 18.69
CA ASP F 254 33.85 -15.62 19.35
C ASP F 254 33.41 -15.54 20.80
N VAL F 255 33.47 -14.36 21.43
CA VAL F 255 33.04 -14.23 22.82
C VAL F 255 31.67 -13.57 22.96
N LEU F 256 31.34 -12.58 22.14
CA LEU F 256 30.09 -11.84 22.30
C LEU F 256 29.02 -12.20 21.28
N ALA F 257 29.39 -12.64 20.08
CA ALA F 257 28.41 -12.91 19.03
C ALA F 257 28.04 -14.38 18.99
N GLU F 258 29.02 -15.28 18.84
CA GLU F 258 28.73 -16.70 18.72
C GLU F 258 28.76 -17.44 20.05
N GLU F 259 29.61 -17.03 20.98
CA GLU F 259 29.80 -17.73 22.25
C GLU F 259 30.13 -19.20 22.00
N SER F 260 31.01 -19.39 21.03
CA SER F 260 31.47 -20.68 20.60
C SER F 260 31.98 -21.49 21.75
N THR F 261 33.11 -21.06 22.30
CA THR F 261 33.69 -21.79 23.39
C THR F 261 33.52 -21.09 24.71
N ARG F 262 33.96 -19.83 24.80
CA ARG F 262 33.87 -19.08 26.04
C ARG F 262 32.68 -18.14 26.02
N ARG F 263 32.49 -17.42 27.12
CA ARG F 263 31.32 -16.57 27.30
C ARG F 263 31.60 -15.59 28.42
N MET F 264 31.10 -14.36 28.27
CA MET F 264 31.26 -13.32 29.30
C MET F 264 30.05 -13.39 30.22
N VAL F 265 30.28 -13.79 31.45
CA VAL F 265 29.21 -14.02 32.41
C VAL F 265 29.29 -12.97 33.51
N GLU F 266 28.16 -12.74 34.18
CA GLU F 266 28.09 -11.81 35.31
C GLU F 266 27.31 -12.52 36.43
N VAL F 267 28.06 -13.05 37.39
CA VAL F 267 27.47 -13.82 38.49
C VAL F 267 27.53 -13.00 39.78
N PRO F 268 26.43 -12.85 40.50
CA PRO F 268 26.45 -12.08 41.74
C PRO F 268 26.97 -12.89 42.91
N ILE F 269 27.23 -12.19 44.00
CA ILE F 269 27.71 -12.78 45.25
C ILE F 269 26.51 -12.90 46.20
N PRO F 270 26.12 -14.10 46.60
CA PRO F 270 24.97 -14.26 47.48
C PRO F 270 25.25 -13.74 48.89
N GLU F 271 24.22 -13.83 49.72
CA GLU F 271 24.33 -13.39 51.11
C GLU F 271 25.32 -14.24 51.87
N GLY F 272 26.35 -13.59 52.42
CA GLY F 272 27.40 -14.29 53.13
C GLY F 272 28.43 -14.89 52.19
N SER F 273 28.09 -16.03 51.57
CA SER F 273 28.88 -16.61 50.50
C SER F 273 30.27 -17.05 50.97
N LYS F 274 30.53 -16.87 52.27
CA LYS F 274 31.81 -17.19 52.87
C LYS F 274 32.96 -16.44 52.19
N LEU F 275 32.64 -15.36 51.48
CA LEU F 275 33.65 -14.61 50.76
C LEU F 275 33.48 -13.11 51.00
N GLU F 276 32.90 -12.74 52.11
CA GLU F 276 32.75 -11.34 52.34
C GLU F 276 34.03 -10.89 53.02
N GLY F 277 34.51 -9.73 52.61
CA GLY F 277 35.69 -9.10 53.16
C GLY F 277 37.00 -9.68 52.66
N VAL F 278 36.95 -10.78 51.91
CA VAL F 278 38.15 -11.41 51.37
C VAL F 278 38.64 -10.58 50.20
N SER F 279 39.93 -10.27 50.19
CA SER F 279 40.51 -9.50 49.10
C SER F 279 40.67 -10.38 47.86
N VAL F 280 40.83 -9.72 46.71
CA VAL F 280 41.01 -10.44 45.45
C VAL F 280 42.35 -11.19 45.45
N LEU F 281 43.39 -10.58 46.01
CA LEU F 281 44.70 -11.22 46.07
C LEU F 281 44.67 -12.51 46.88
N ASP F 282 43.89 -12.56 47.97
CA ASP F 282 43.74 -13.78 48.74
C ASP F 282 42.71 -14.74 48.17
N ALA F 283 41.74 -14.24 47.40
CA ALA F 283 40.75 -15.11 46.78
C ALA F 283 41.36 -15.91 45.64
N ASP F 284 42.08 -15.22 44.76
CA ASP F 284 42.67 -15.81 43.55
C ASP F 284 41.63 -16.56 42.77
N ILE F 285 40.66 -15.85 42.25
CA ILE F 285 39.59 -16.47 41.48
C ILE F 285 40.07 -17.08 40.19
N HIS F 286 41.09 -16.49 39.57
CA HIS F 286 41.63 -17.08 38.37
C HIS F 286 42.34 -18.40 38.66
N ASP F 287 43.22 -18.42 39.65
CA ASP F 287 43.96 -19.62 40.00
C ASP F 287 43.06 -20.71 40.59
N VAL F 288 41.91 -20.36 41.13
CA VAL F 288 40.99 -21.35 41.68
C VAL F 288 40.04 -21.92 40.64
N THR F 289 39.43 -21.10 39.79
CA THR F 289 38.39 -21.59 38.88
C THR F 289 38.80 -21.54 37.42
N GLY F 290 39.63 -20.58 37.02
CA GLY F 290 40.00 -20.43 35.63
C GLY F 290 39.28 -19.33 34.87
N VAL F 291 38.52 -18.48 35.55
CA VAL F 291 37.75 -17.41 34.92
C VAL F 291 38.53 -16.12 35.08
N ILE F 292 38.78 -15.45 33.96
CA ILE F 292 39.48 -14.17 33.99
C ILE F 292 38.54 -13.11 34.53
N ILE F 293 38.91 -12.46 35.62
CA ILE F 293 38.07 -11.46 36.26
C ILE F 293 38.30 -10.12 35.57
N ILE F 294 37.27 -9.63 34.88
CA ILE F 294 37.39 -8.35 34.19
C ILE F 294 37.18 -7.19 35.15
N GLY F 295 36.07 -7.22 35.90
CA GLY F 295 35.77 -6.15 36.82
C GLY F 295 34.70 -6.58 37.80
N VAL F 296 34.45 -5.70 38.78
CA VAL F 296 33.47 -5.93 39.83
C VAL F 296 32.52 -4.74 39.83
N GLY F 297 31.25 -4.99 39.50
CA GLY F 297 30.26 -3.94 39.50
C GLY F 297 29.56 -3.74 40.83
N ARG F 298 29.94 -2.69 41.56
CA ARG F 298 29.36 -2.42 42.87
C ARG F 298 28.46 -1.17 42.82
N GLY F 299 27.17 -1.42 42.58
CA GLY F 299 26.19 -0.34 42.60
C GLY F 299 26.26 0.60 41.41
N ASP F 300 25.96 0.08 40.22
CA ASP F 300 25.88 0.87 38.99
C ASP F 300 27.20 1.59 38.70
N GLU F 301 28.31 0.88 38.93
CA GLU F 301 29.62 1.35 38.50
C GLU F 301 30.56 0.16 38.33
N LEU F 302 31.29 0.12 37.22
CA LEU F 302 32.13 -1.02 36.87
C LEU F 302 33.58 -0.67 37.19
N ILE F 303 34.16 -1.39 38.13
CA ILE F 303 35.58 -1.21 38.48
C ILE F 303 36.41 -2.22 37.70
N ILE F 304 36.82 -1.84 36.50
CA ILE F 304 37.61 -2.75 35.67
C ILE F 304 38.99 -2.94 36.27
N ASP F 305 39.41 -4.20 36.37
CA ASP F 305 40.68 -4.58 36.98
C ASP F 305 40.82 -4.01 38.38
N PRO F 306 40.06 -4.53 39.34
CA PRO F 306 40.13 -4.00 40.71
C PRO F 306 41.50 -4.25 41.33
N PRO F 307 41.94 -3.37 42.23
CA PRO F 307 43.26 -3.58 42.85
C PRO F 307 43.28 -4.81 43.75
N ARG F 308 44.48 -5.19 44.14
CA ARG F 308 44.66 -6.35 45.01
C ARG F 308 44.18 -6.06 46.41
N ASP F 309 44.01 -4.79 46.72
CA ASP F 309 43.52 -4.36 48.03
C ASP F 309 42.01 -4.26 48.09
N TYR F 310 41.31 -4.44 46.98
CA TYR F 310 39.86 -4.39 46.97
C TYR F 310 39.28 -5.51 47.83
N SER F 311 38.22 -5.18 48.57
CA SER F 311 37.57 -6.13 49.47
C SER F 311 36.17 -6.41 48.93
N PHE F 312 35.84 -7.70 48.80
CA PHE F 312 34.53 -8.07 48.30
C PHE F 312 33.44 -7.73 49.31
N ARG F 313 32.19 -7.73 48.85
CA ARG F 313 31.06 -7.44 49.73
C ARG F 313 29.88 -8.32 49.40
N ALA F 314 28.71 -7.93 49.86
CA ALA F 314 27.50 -8.66 49.56
C ALA F 314 26.71 -7.92 48.49
N GLY F 315 26.20 -8.67 47.52
CA GLY F 315 25.48 -8.09 46.41
C GLY F 315 26.34 -7.63 45.25
N ASP F 316 27.66 -7.81 45.33
CA ASP F 316 28.52 -7.46 44.21
C ASP F 316 28.33 -8.44 43.06
N ILE F 317 28.62 -7.97 41.85
CA ILE F 317 28.48 -8.77 40.63
C ILE F 317 29.87 -8.93 40.03
N ILE F 318 30.25 -10.17 39.74
CA ILE F 318 31.55 -10.50 39.17
C ILE F 318 31.40 -10.67 37.67
N LEU F 319 32.19 -9.91 36.91
CA LEU F 319 32.17 -9.96 35.45
C LEU F 319 33.44 -10.64 34.97
N GLY F 320 33.28 -11.73 34.22
CA GLY F 320 34.41 -12.49 33.74
C GLY F 320 34.08 -13.27 32.48
N ILE F 321 35.13 -13.81 31.87
CA ILE F 321 35.01 -14.62 30.66
C ILE F 321 35.55 -16.01 30.98
N GLY F 322 34.75 -17.03 30.71
CA GLY F 322 35.17 -18.40 30.96
C GLY F 322 34.30 -19.39 30.21
N LYS F 323 34.78 -20.63 30.17
CA LYS F 323 34.04 -21.73 29.59
C LYS F 323 32.81 -22.05 30.44
N PRO F 324 31.81 -22.73 29.87
CA PRO F 324 30.63 -23.10 30.67
C PRO F 324 30.96 -23.97 31.86
N GLU F 325 32.03 -24.77 31.74
CA GLU F 325 32.53 -25.56 32.86
C GLU F 325 33.12 -24.68 33.96
N GLU F 326 33.94 -23.70 33.59
CA GLU F 326 34.59 -22.85 34.59
C GLU F 326 33.57 -21.92 35.24
N ILE F 327 32.56 -21.49 34.50
CA ILE F 327 31.50 -20.67 35.07
C ILE F 327 30.76 -21.46 36.17
N GLU F 328 30.47 -22.73 35.90
CA GLU F 328 29.85 -23.58 36.90
C GLU F 328 30.78 -23.78 38.10
N ARG F 329 32.08 -23.92 37.82
CA ARG F 329 33.10 -24.09 38.85
C ARG F 329 33.25 -22.89 39.74
N LEU F 330 32.93 -21.72 39.21
CA LEU F 330 32.94 -20.48 39.98
C LEU F 330 31.65 -20.21 40.74
N LYS F 331 30.51 -20.45 40.12
CA LYS F 331 29.24 -20.24 40.80
C LYS F 331 29.10 -21.16 42.02
N ASN F 332 29.51 -22.41 41.90
CA ASN F 332 29.55 -23.30 43.04
C ASN F 332 30.63 -22.91 44.04
N TYR F 333 31.75 -22.34 43.57
CA TYR F 333 32.82 -21.94 44.48
C TYR F 333 32.42 -20.78 45.37
N ILE F 334 31.66 -19.81 44.83
CA ILE F 334 31.28 -18.64 45.62
C ILE F 334 30.03 -18.87 46.46
N SER F 335 29.49 -20.08 46.46
CA SER F 335 28.34 -20.37 47.31
C SER F 335 28.78 -20.49 48.77
N ALA F 336 27.85 -20.24 49.68
CA ALA F 336 28.13 -20.30 51.11
C ALA F 336 28.35 -21.75 51.55
N ALA G 20 -15.85 -33.01 3.29
CA ALA G 20 -16.89 -32.00 3.23
C ALA G 20 -18.26 -32.59 3.58
N THR G 21 -18.40 -33.90 3.35
CA THR G 21 -19.64 -34.62 3.65
C THR G 21 -19.45 -35.58 4.81
N ARG G 22 -18.34 -35.46 5.52
CA ARG G 22 -18.06 -36.30 6.66
C ARG G 22 -19.05 -36.02 7.79
N ILE G 23 -19.45 -34.76 7.93
CA ILE G 23 -20.39 -34.38 8.98
C ILE G 23 -21.74 -35.06 8.76
N LEU G 24 -22.16 -35.23 7.50
CA LEU G 24 -23.41 -35.92 7.23
C LEU G 24 -23.34 -37.37 7.69
N LEU G 25 -22.23 -38.05 7.42
CA LEU G 25 -22.03 -39.40 7.93
C LEU G 25 -22.01 -39.44 9.45
N LEU G 26 -21.35 -38.46 10.07
CA LEU G 26 -21.29 -38.44 11.53
C LEU G 26 -22.68 -38.28 12.15
N VAL G 27 -23.48 -37.36 11.61
CA VAL G 27 -24.83 -37.15 12.15
C VAL G 27 -25.75 -38.32 11.84
N LEU G 28 -25.61 -38.96 10.67
CA LEU G 28 -26.37 -40.18 10.42
C LEU G 28 -25.99 -41.28 11.40
N ALA G 29 -24.70 -41.39 11.73
CA ALA G 29 -24.27 -42.38 12.72
C ALA G 29 -24.87 -42.09 14.09
N VAL G 30 -24.91 -40.82 14.49
CA VAL G 30 -25.51 -40.47 15.78
C VAL G 30 -27.00 -40.79 15.77
N ILE G 31 -27.70 -40.48 14.69
CA ILE G 31 -29.13 -40.77 14.61
C ILE G 31 -29.37 -42.28 14.69
N ILE G 32 -28.55 -43.07 13.98
CA ILE G 32 -28.70 -44.51 14.00
C ILE G 32 -28.42 -45.07 15.40
N TYR G 33 -27.37 -44.53 16.03
CA TYR G 33 -26.96 -44.93 17.37
C TYR G 33 -28.05 -44.62 18.36
N GLY G 34 -28.80 -43.57 18.12
CA GLY G 34 -29.84 -43.21 19.05
C GLY G 34 -31.00 -44.12 18.85
N THR G 35 -31.38 -44.26 17.60
CA THR G 35 -32.53 -45.09 17.26
C THR G 35 -32.36 -46.52 17.75
N ALA G 36 -31.14 -47.07 17.64
CA ALA G 36 -30.86 -48.42 18.07
C ALA G 36 -30.59 -48.54 19.57
N GLY G 37 -31.01 -47.54 20.34
CA GLY G 37 -30.88 -47.60 21.78
C GLY G 37 -32.14 -48.11 22.46
N PHE G 38 -33.29 -47.57 22.05
CA PHE G 38 -34.57 -47.97 22.63
C PHE G 38 -34.83 -49.45 22.40
N HIS G 39 -34.74 -49.88 21.15
CA HIS G 39 -34.98 -51.27 20.79
C HIS G 39 -33.94 -52.22 21.37
N PHE G 40 -32.71 -51.76 21.52
CA PHE G 40 -31.63 -52.58 22.06
C PHE G 40 -31.46 -52.43 23.57
N ILE G 41 -32.43 -51.80 24.22
CA ILE G 41 -32.38 -51.60 25.67
C ILE G 41 -33.69 -51.98 26.33
N GLU G 42 -34.73 -51.21 26.02
CA GLU G 42 -36.06 -51.44 26.58
C GLU G 42 -36.92 -52.21 25.58
N GLY G 43 -36.52 -52.18 24.32
CA GLY G 43 -37.25 -52.86 23.27
C GLY G 43 -38.69 -52.41 23.17
N GLU G 44 -38.89 -51.09 23.20
CA GLU G 44 -40.23 -50.52 23.11
C GLU G 44 -40.86 -50.82 21.75
N SER G 45 -40.37 -50.14 20.73
CA SER G 45 -40.88 -50.32 19.37
C SER G 45 -39.86 -49.79 18.36
N TRP G 46 -39.63 -50.55 17.30
CA TRP G 46 -38.67 -50.14 16.29
C TRP G 46 -39.12 -48.90 15.52
N THR G 47 -40.35 -48.45 15.73
CA THR G 47 -40.87 -47.26 15.06
C THR G 47 -40.87 -46.05 15.98
N VAL G 48 -41.09 -46.26 17.28
CA VAL G 48 -41.15 -45.16 18.23
C VAL G 48 -39.73 -44.75 18.61
N SER G 49 -38.77 -45.62 18.35
CA SER G 49 -37.37 -45.32 18.68
C SER G 49 -36.83 -44.29 17.71
N LEU G 50 -37.24 -44.43 16.45
CA LEU G 50 -36.83 -43.52 15.41
C LEU G 50 -37.36 -42.12 15.69
N TYR G 51 -38.60 -42.06 16.17
CA TYR G 51 -39.25 -40.82 16.50
C TYR G 51 -38.58 -40.19 17.72
N TRP G 52 -38.53 -40.92 18.82
CA TRP G 52 -37.92 -40.40 20.04
C TRP G 52 -36.51 -39.86 19.83
N THR G 53 -35.74 -40.53 19.00
CA THR G 53 -34.40 -40.03 18.68
C THR G 53 -34.44 -38.70 17.95
N PHE G 54 -35.40 -38.50 17.05
CA PHE G 54 -35.53 -37.23 16.35
C PHE G 54 -36.07 -36.11 17.22
N VAL G 55 -37.02 -36.39 18.12
CA VAL G 55 -37.52 -35.31 18.97
C VAL G 55 -36.49 -34.93 20.02
N THR G 56 -35.68 -35.89 20.48
CA THR G 56 -34.66 -35.58 21.48
C THR G 56 -33.54 -34.71 20.93
N ILE G 57 -33.08 -34.97 19.70
CA ILE G 57 -32.03 -34.18 19.10
C ILE G 57 -32.47 -32.73 18.85
N ALA G 58 -33.69 -32.53 18.36
CA ALA G 58 -34.22 -31.20 18.09
C ALA G 58 -34.77 -30.52 19.34
N THR G 59 -34.35 -31.01 20.49
CA THR G 59 -34.73 -30.42 21.75
C THR G 59 -36.23 -30.17 21.89
N VAL G 60 -37.02 -30.74 21.00
CA VAL G 60 -38.46 -30.53 21.10
C VAL G 60 -39.01 -31.12 22.39
N GLY G 61 -38.52 -32.28 22.81
CA GLY G 61 -38.92 -32.83 24.07
C GLY G 61 -40.37 -32.97 24.45
N TYR G 62 -41.16 -33.65 23.63
CA TYR G 62 -42.55 -33.86 23.96
C TYR G 62 -42.72 -34.46 25.34
N GLY G 63 -42.09 -35.61 25.56
CA GLY G 63 -42.20 -36.32 26.82
C GLY G 63 -43.20 -37.45 26.85
N ASP G 64 -43.75 -37.83 25.71
CA ASP G 64 -44.72 -38.92 25.68
C ASP G 64 -44.10 -40.24 26.13
N TYR G 65 -42.89 -40.49 25.63
CA TYR G 65 -42.13 -41.70 25.91
C TYR G 65 -40.79 -41.40 26.57
N SER G 66 -40.77 -41.28 27.87
CA SER G 66 -39.55 -40.96 28.61
C SER G 66 -38.97 -42.22 29.22
N PRO G 67 -37.64 -42.30 29.35
CA PRO G 67 -37.03 -43.49 29.95
C PRO G 67 -37.33 -43.57 31.44
N SER G 68 -37.31 -44.81 31.95
CA SER G 68 -37.54 -45.07 33.36
C SER G 68 -36.38 -45.75 34.07
N THR G 69 -35.63 -46.61 33.39
CA THR G 69 -34.49 -47.26 34.01
C THR G 69 -33.35 -46.25 34.20
N PRO G 70 -32.54 -46.41 35.25
CA PRO G 70 -31.38 -45.52 35.40
C PRO G 70 -30.42 -45.58 34.22
N LEU G 71 -30.23 -46.78 33.68
CA LEU G 71 -29.39 -46.96 32.52
C LEU G 71 -29.99 -46.21 31.33
N GLY G 72 -31.30 -46.36 31.15
CA GLY G 72 -31.99 -45.67 30.06
C GLY G 72 -31.92 -44.17 30.15
N MET G 73 -32.05 -43.61 31.36
CA MET G 73 -31.98 -42.16 31.50
C MET G 73 -30.56 -41.63 31.44
N TYR G 74 -29.59 -42.51 31.68
CA TYR G 74 -28.18 -42.16 31.56
C TYR G 74 -27.92 -42.07 30.06
N PHE G 75 -28.37 -43.09 29.32
CA PHE G 75 -28.23 -43.10 27.87
C PHE G 75 -28.88 -41.88 27.25
N THR G 76 -29.96 -41.39 27.87
CA THR G 76 -30.59 -40.16 27.40
C THR G 76 -29.67 -38.97 27.56
N VAL G 77 -28.97 -38.88 28.69
CA VAL G 77 -28.00 -37.80 28.90
C VAL G 77 -26.86 -37.91 27.90
N THR G 78 -26.39 -39.14 27.66
CA THR G 78 -25.33 -39.34 26.66
C THR G 78 -25.79 -38.90 25.28
N LEU G 79 -27.01 -39.26 24.88
CA LEU G 79 -27.56 -38.82 23.61
C LEU G 79 -27.71 -37.31 23.54
N ILE G 80 -28.14 -36.66 24.61
CA ILE G 80 -28.28 -35.21 24.63
C ILE G 80 -26.93 -34.53 24.44
N VAL G 81 -25.91 -34.96 25.18
CA VAL G 81 -24.61 -34.32 25.05
C VAL G 81 -24.00 -34.61 23.68
N LEU G 82 -24.22 -35.81 23.13
CA LEU G 82 -23.71 -36.11 21.79
C LEU G 82 -24.42 -35.27 20.74
N GLY G 83 -25.72 -35.05 20.89
CA GLY G 83 -26.44 -34.20 19.96
C GLY G 83 -25.99 -32.76 20.04
N ILE G 84 -25.71 -32.26 21.25
CA ILE G 84 -25.16 -30.92 21.39
C ILE G 84 -23.80 -30.83 20.71
N GLY G 85 -22.94 -31.84 20.91
CA GLY G 85 -21.65 -31.83 20.24
C GLY G 85 -21.77 -31.86 18.72
N THR G 86 -22.70 -32.65 18.18
CA THR G 86 -22.94 -32.67 16.75
C THR G 86 -23.47 -31.33 16.24
N PHE G 87 -24.36 -30.69 16.99
CA PHE G 87 -24.87 -29.40 16.57
C PHE G 87 -23.74 -28.39 16.54
N ALA G 88 -22.87 -28.41 17.55
CA ALA G 88 -21.76 -27.48 17.56
C ALA G 88 -20.92 -27.56 16.29
N VAL G 89 -20.62 -28.77 15.84
CA VAL G 89 -19.86 -28.97 14.62
C VAL G 89 -20.67 -28.50 13.41
N LEU G 90 -21.98 -28.72 13.47
CA LEU G 90 -22.85 -28.31 12.38
C LEU G 90 -22.76 -26.80 12.27
N VAL G 91 -22.94 -26.09 13.37
CA VAL G 91 -22.88 -24.63 13.33
C VAL G 91 -21.50 -24.14 12.89
N GLU G 92 -20.47 -24.84 13.34
CA GLU G 92 -19.11 -24.48 13.01
C GLU G 92 -18.84 -24.53 11.52
N ARG G 93 -19.28 -25.62 10.88
CA ARG G 93 -19.07 -25.79 9.44
C ARG G 93 -19.77 -24.71 8.65
N LEU G 94 -21.03 -24.44 8.99
CA LEU G 94 -21.79 -23.44 8.30
C LEU G 94 -21.10 -22.11 8.45
N LEU G 95 -20.81 -21.71 9.67
CA LEU G 95 -20.15 -20.43 9.95
C LEU G 95 -18.86 -20.27 9.18
N GLU G 96 -18.07 -21.31 9.13
CA GLU G 96 -16.83 -21.25 8.36
C GLU G 96 -17.13 -21.04 6.88
N PHE G 97 -18.12 -21.75 6.35
CA PHE G 97 -18.50 -21.56 4.95
C PHE G 97 -18.97 -20.14 4.68
N LEU G 98 -19.81 -19.57 5.55
CA LEU G 98 -20.29 -18.21 5.34
C LEU G 98 -19.15 -17.20 5.43
N ILE G 99 -18.25 -17.37 6.40
CA ILE G 99 -17.12 -16.45 6.53
C ILE G 99 -16.25 -16.52 5.28
N ASN G 100 -15.96 -17.73 4.80
CA ASN G 100 -15.14 -17.88 3.60
C ASN G 100 -15.81 -17.23 2.40
N ARG G 101 -17.11 -17.47 2.21
CA ARG G 101 -17.82 -16.89 1.09
C ARG G 101 -17.80 -15.37 1.14
N GLU G 102 -18.10 -14.80 2.31
CA GLU G 102 -18.17 -13.35 2.44
C GLU G 102 -16.80 -12.70 2.26
N GLN G 103 -15.78 -13.30 2.85
CA GLN G 103 -14.42 -12.78 2.75
C GLN G 103 -13.88 -12.89 1.34
N MET G 104 -14.32 -13.91 0.61
CA MET G 104 -13.87 -14.12 -0.76
C MET G 104 -14.57 -13.24 -1.78
N LYS G 105 -15.88 -13.09 -1.64
CA LYS G 105 -16.67 -12.30 -2.57
C LYS G 105 -16.71 -10.81 -2.27
N LEU G 106 -16.03 -10.41 -1.21
CA LEU G 106 -15.88 -9.00 -0.87
C LEU G 106 -14.77 -8.31 -1.66
N MET G 107 -13.68 -9.02 -1.88
CA MET G 107 -12.55 -8.50 -2.61
C MET G 107 -12.49 -9.01 -4.05
N GLY G 108 -13.62 -9.38 -4.61
CA GLY G 108 -13.65 -9.90 -5.97
C GLY G 108 -13.62 -11.42 -5.96
N LEU G 109 -12.77 -12.00 -6.82
CA LEU G 109 -12.52 -13.43 -6.83
C LEU G 109 -13.82 -14.23 -6.94
N ILE G 110 -14.75 -13.71 -7.70
CA ILE G 110 -16.03 -14.36 -7.88
C ILE G 110 -16.39 -14.42 -9.34
N ASP G 111 -16.81 -15.58 -9.81
CA ASP G 111 -17.18 -15.77 -11.20
C ASP G 111 -18.58 -15.21 -11.45
N VAL G 112 -18.80 -14.70 -12.66
CA VAL G 112 -20.06 -14.07 -13.02
C VAL G 112 -20.94 -15.09 -13.73
N ALA G 113 -22.20 -15.17 -13.33
CA ALA G 113 -23.15 -16.13 -13.88
C ALA G 113 -24.25 -15.47 -14.71
N LYS G 114 -24.16 -14.16 -14.93
CA LYS G 114 -25.18 -13.48 -15.72
C LYS G 114 -24.99 -13.69 -17.21
N SER G 115 -25.96 -13.29 -18.01
CA SER G 115 -25.86 -13.48 -19.45
C SER G 115 -26.38 -12.28 -20.25
N ARG G 116 -26.54 -11.13 -19.64
CA ARG G 116 -26.93 -9.96 -20.39
C ARG G 116 -26.42 -8.71 -19.70
N HIS G 117 -25.27 -8.80 -19.06
CA HIS G 117 -24.67 -7.70 -18.33
C HIS G 117 -23.83 -6.83 -19.28
N VAL G 118 -23.17 -5.82 -18.72
CA VAL G 118 -22.27 -4.94 -19.46
C VAL G 118 -20.94 -4.95 -18.72
N VAL G 119 -19.88 -5.42 -19.39
CA VAL G 119 -18.57 -5.49 -18.76
C VAL G 119 -17.77 -4.24 -19.08
N ILE G 120 -17.15 -3.66 -18.06
CA ILE G 120 -16.34 -2.45 -18.22
C ILE G 120 -14.93 -2.79 -17.80
N CYS G 121 -13.97 -2.60 -18.71
CA CYS G 121 -12.56 -2.85 -18.41
C CYS G 121 -11.88 -1.52 -18.11
N GLY G 122 -11.34 -1.39 -16.90
CA GLY G 122 -10.76 -0.14 -16.46
C GLY G 122 -11.79 0.80 -15.85
N TRP G 123 -11.27 1.82 -15.16
CA TRP G 123 -12.12 2.79 -14.48
C TRP G 123 -11.49 4.17 -14.58
N SER G 124 -12.13 5.06 -15.32
CA SER G 124 -11.71 6.45 -15.44
C SER G 124 -12.95 7.35 -15.31
N GLU G 125 -12.76 8.63 -15.59
CA GLU G 125 -13.87 9.57 -15.56
C GLU G 125 -14.87 9.34 -16.70
N SER G 126 -14.42 8.82 -17.83
CA SER G 126 -15.32 8.47 -18.93
C SER G 126 -16.27 7.33 -18.60
N THR G 127 -15.80 6.30 -17.90
CA THR G 127 -16.65 5.19 -17.51
C THR G 127 -17.52 5.50 -16.32
N LEU G 128 -17.22 6.56 -15.57
CA LEU G 128 -18.10 7.02 -14.50
C LEU G 128 -19.29 7.80 -15.03
N GLU G 129 -19.14 8.52 -16.15
CA GLU G 129 -20.25 9.24 -16.75
C GLU G 129 -21.22 8.34 -17.49
N CYS G 130 -20.77 7.20 -18.00
CA CYS G 130 -21.67 6.25 -18.63
C CYS G 130 -22.36 5.35 -17.63
N LEU G 131 -21.92 5.36 -16.37
CA LEU G 131 -22.63 4.64 -15.30
C LEU G 131 -23.91 5.35 -14.89
N ARG G 132 -24.03 6.62 -15.21
CA ARG G 132 -25.22 7.35 -14.80
C ARG G 132 -26.41 7.14 -15.73
N GLU G 133 -26.16 6.62 -16.91
CA GLU G 133 -27.21 6.25 -17.84
C GLU G 133 -27.40 4.74 -17.98
N LEU G 134 -26.77 3.94 -17.11
CA LEU G 134 -26.90 2.50 -17.16
C LEU G 134 -27.35 1.98 -15.80
N ARG G 135 -27.94 0.79 -15.81
CA ARG G 135 -28.39 0.16 -14.57
C ARG G 135 -27.19 -0.22 -13.72
N GLY G 136 -27.27 0.04 -12.42
CA GLY G 136 -26.16 -0.24 -11.54
C GLY G 136 -25.88 -1.72 -11.38
N SER G 137 -26.93 -2.53 -11.38
CA SER G 137 -26.79 -3.97 -11.16
C SER G 137 -26.43 -4.73 -12.42
N GLU G 138 -26.37 -4.12 -13.59
CA GLU G 138 -26.01 -4.89 -14.76
C GLU G 138 -24.58 -4.66 -15.20
N VAL G 139 -23.93 -3.65 -14.65
CA VAL G 139 -22.56 -3.33 -15.05
C VAL G 139 -21.57 -4.02 -14.11
N PHE G 140 -20.53 -4.61 -14.69
CA PHE G 140 -19.45 -5.25 -13.95
C PHE G 140 -18.14 -4.59 -14.35
N VAL G 141 -17.39 -4.11 -13.35
CA VAL G 141 -16.12 -3.44 -13.59
C VAL G 141 -14.99 -4.42 -13.30
N LEU G 142 -14.12 -4.60 -14.28
CA LEU G 142 -13.01 -5.56 -14.19
C LEU G 142 -11.70 -4.77 -14.08
N ALA G 143 -11.17 -4.71 -12.86
CA ALA G 143 -9.90 -4.05 -12.59
C ALA G 143 -9.14 -4.86 -11.56
N GLU G 144 -8.05 -4.30 -11.08
CA GLU G 144 -7.28 -4.95 -10.04
C GLU G 144 -6.72 -4.03 -8.95
N ASP G 145 -6.90 -2.73 -9.09
CA ASP G 145 -6.48 -1.82 -8.04
C ASP G 145 -7.46 -1.85 -6.88
N GLU G 146 -6.97 -1.48 -5.69
CA GLU G 146 -7.80 -1.54 -4.50
C GLU G 146 -8.70 -0.32 -4.37
N ASN G 147 -8.20 0.87 -4.70
CA ASN G 147 -9.02 2.07 -4.66
C ASN G 147 -10.15 2.02 -5.69
N VAL G 148 -9.90 1.37 -6.83
CA VAL G 148 -10.95 1.23 -7.84
C VAL G 148 -12.13 0.44 -7.28
N ARG G 149 -11.87 -0.55 -6.43
CA ARG G 149 -12.97 -1.30 -5.83
C ARG G 149 -13.88 -0.42 -5.00
N LYS G 150 -13.29 0.42 -4.15
CA LYS G 150 -14.09 1.33 -3.33
C LYS G 150 -14.82 2.35 -4.21
N LYS G 151 -14.16 2.87 -5.23
CA LYS G 151 -14.82 3.82 -6.13
C LYS G 151 -16.02 3.18 -6.83
N VAL G 152 -15.85 1.95 -7.32
CA VAL G 152 -16.94 1.26 -8.00
C VAL G 152 -18.08 0.98 -7.03
N LEU G 153 -17.76 0.53 -5.82
CA LEU G 153 -18.80 0.24 -4.84
C LEU G 153 -19.58 1.50 -4.49
N ARG G 154 -18.90 2.62 -4.32
CA ARG G 154 -19.60 3.89 -4.08
C ARG G 154 -20.46 4.28 -5.27
N SER G 155 -19.96 4.05 -6.49
CA SER G 155 -20.71 4.40 -7.68
C SER G 155 -22.00 3.58 -7.78
N GLY G 156 -21.92 2.29 -7.42
CA GLY G 156 -23.10 1.45 -7.43
C GLY G 156 -23.05 0.32 -8.44
N ALA G 157 -21.86 -0.19 -8.72
CA ALA G 157 -21.66 -1.27 -9.68
C ALA G 157 -21.04 -2.46 -8.96
N ASN G 158 -20.75 -3.51 -9.74
CA ASN G 158 -20.15 -4.73 -9.22
C ASN G 158 -18.69 -4.81 -9.66
N PHE G 159 -17.82 -5.19 -8.73
CA PHE G 159 -16.38 -5.20 -8.98
C PHE G 159 -15.89 -6.64 -9.12
N VAL G 160 -15.12 -6.89 -10.17
CA VAL G 160 -14.50 -8.19 -10.42
C VAL G 160 -12.99 -7.97 -10.47
N HIS G 161 -12.25 -8.73 -9.67
CA HIS G 161 -10.80 -8.56 -9.58
C HIS G 161 -10.12 -9.42 -10.64
N GLY G 162 -9.49 -8.77 -11.62
CA GLY G 162 -8.76 -9.50 -12.62
C GLY G 162 -8.00 -8.56 -13.55
N ASP G 163 -7.20 -9.11 -14.43
CA ASP G 163 -6.44 -8.32 -15.37
C ASP G 163 -7.19 -8.29 -16.68
N PRO G 164 -7.63 -7.13 -17.13
CA PRO G 164 -8.38 -7.06 -18.40
C PRO G 164 -7.61 -7.61 -19.59
N THR G 165 -6.27 -7.65 -19.51
CA THR G 165 -5.47 -8.14 -20.63
C THR G 165 -5.35 -9.66 -20.63
N ARG G 166 -5.74 -10.34 -19.56
CA ARG G 166 -5.63 -11.79 -19.50
C ARG G 166 -6.91 -12.44 -20.01
N VAL G 167 -6.76 -13.40 -20.93
CA VAL G 167 -7.91 -14.15 -21.41
C VAL G 167 -8.52 -14.99 -20.30
N SER G 168 -7.70 -15.51 -19.38
CA SER G 168 -8.22 -16.29 -18.26
C SER G 168 -9.09 -15.45 -17.34
N ASP G 169 -8.68 -14.21 -17.04
CA ASP G 169 -9.48 -13.32 -16.21
C ASP G 169 -10.62 -12.67 -16.99
N LEU G 170 -10.56 -12.69 -18.32
CA LEU G 170 -11.67 -12.20 -19.12
C LEU G 170 -12.85 -13.15 -19.12
N GLU G 171 -12.61 -14.46 -18.99
CA GLU G 171 -13.69 -15.42 -18.89
C GLU G 171 -14.36 -15.43 -17.53
N LYS G 172 -13.65 -14.97 -16.49
CA LYS G 172 -14.27 -14.84 -15.18
C LYS G 172 -15.39 -13.80 -15.22
N ALA G 173 -15.18 -12.71 -15.96
CA ALA G 173 -16.19 -11.68 -16.13
C ALA G 173 -17.29 -12.09 -17.11
N ASN G 174 -17.19 -13.28 -17.70
CA ASN G 174 -18.21 -13.80 -18.62
C ASN G 174 -18.44 -12.85 -19.79
N VAL G 175 -17.36 -12.59 -20.52
CA VAL G 175 -17.42 -11.76 -21.72
C VAL G 175 -18.20 -12.42 -22.84
N ARG G 176 -18.22 -13.75 -22.86
CA ARG G 176 -18.92 -14.50 -23.89
C ARG G 176 -20.37 -14.12 -24.00
N GLY G 177 -21.02 -14.07 -22.85
CA GLY G 177 -22.43 -13.76 -22.77
C GLY G 177 -22.77 -12.31 -22.51
N ALA G 178 -21.79 -11.41 -22.48
CA ALA G 178 -22.08 -10.02 -22.17
C ALA G 178 -22.81 -9.34 -23.34
N ARG G 179 -23.67 -8.38 -23.00
CA ARG G 179 -24.38 -7.62 -24.03
C ARG G 179 -23.40 -6.74 -24.80
N ALA G 180 -22.52 -6.03 -24.08
CA ALA G 180 -21.52 -5.19 -24.70
C ALA G 180 -20.36 -5.00 -23.72
N VAL G 181 -19.18 -4.75 -24.27
CA VAL G 181 -17.97 -4.56 -23.48
C VAL G 181 -17.39 -3.19 -23.79
N ILE G 182 -17.05 -2.44 -22.74
CA ILE G 182 -16.47 -1.12 -22.86
C ILE G 182 -15.04 -1.18 -22.36
N VAL G 183 -14.09 -0.86 -23.23
CA VAL G 183 -12.67 -0.96 -22.93
C VAL G 183 -12.08 0.43 -22.81
N ASP G 184 -11.61 0.77 -21.62
CA ASP G 184 -10.92 2.04 -21.38
C ASP G 184 -9.88 1.81 -20.29
N LEU G 185 -8.65 1.54 -20.71
CA LEU G 185 -7.57 1.19 -19.81
C LEU G 185 -6.58 2.35 -19.68
N GLU G 186 -5.52 2.13 -18.93
CA GLU G 186 -4.56 3.20 -18.64
C GLU G 186 -3.68 3.56 -19.83
N SER G 187 -3.64 2.72 -20.86
CA SER G 187 -2.79 2.97 -22.02
C SER G 187 -3.39 2.33 -23.26
N ASP G 188 -3.01 2.87 -24.42
CA ASP G 188 -3.46 2.32 -25.68
C ASP G 188 -2.94 0.91 -25.93
N SER G 189 -1.73 0.59 -25.47
CA SER G 189 -1.22 -0.77 -25.57
C SER G 189 -2.13 -1.74 -24.83
N GLU G 190 -2.52 -1.38 -23.60
CA GLU G 190 -3.41 -2.23 -22.83
C GLU G 190 -4.79 -2.33 -23.48
N THR G 191 -5.27 -1.22 -24.05
CA THR G 191 -6.57 -1.25 -24.73
C THR G 191 -6.53 -2.21 -25.92
N ILE G 192 -5.46 -2.13 -26.73
CA ILE G 192 -5.34 -3.01 -27.88
C ILE G 192 -5.24 -4.47 -27.44
N HIS G 193 -4.45 -4.73 -26.40
CA HIS G 193 -4.31 -6.10 -25.91
C HIS G 193 -5.64 -6.64 -25.40
N CYS G 194 -6.41 -5.81 -24.68
CA CYS G 194 -7.71 -6.24 -24.18
C CYS G 194 -8.68 -6.51 -25.31
N ILE G 195 -8.66 -5.68 -26.35
CA ILE G 195 -9.54 -5.91 -27.50
C ILE G 195 -9.18 -7.21 -28.19
N LEU G 196 -7.88 -7.48 -28.37
CA LEU G 196 -7.46 -8.74 -28.98
C LEU G 196 -7.90 -9.93 -28.12
N GLY G 197 -7.75 -9.82 -26.81
CA GLY G 197 -8.18 -10.90 -25.93
C GLY G 197 -9.68 -11.16 -25.99
N ILE G 198 -10.48 -10.08 -26.02
CA ILE G 198 -11.93 -10.24 -26.10
C ILE G 198 -12.33 -10.87 -27.43
N ARG G 199 -11.71 -10.42 -28.53
CA ARG G 199 -12.03 -11.01 -29.83
C ARG G 199 -11.56 -12.45 -29.91
N LYS G 200 -10.56 -12.83 -29.11
CA LYS G 200 -10.14 -14.22 -29.05
C LYS G 200 -11.23 -15.09 -28.43
N ILE G 201 -12.00 -14.55 -27.49
CA ILE G 201 -13.06 -15.29 -26.82
C ILE G 201 -14.31 -15.29 -27.67
N ASP G 202 -14.85 -14.11 -27.94
CA ASP G 202 -16.09 -13.96 -28.71
C ASP G 202 -15.85 -13.05 -29.90
N GLU G 203 -16.21 -13.51 -31.08
CA GLU G 203 -16.04 -12.76 -32.31
C GLU G 203 -17.26 -11.93 -32.69
N SER G 204 -18.32 -11.97 -31.88
CA SER G 204 -19.55 -11.25 -32.18
C SER G 204 -19.95 -10.22 -31.13
N VAL G 205 -19.33 -10.25 -29.94
CA VAL G 205 -19.69 -9.28 -28.90
C VAL G 205 -19.32 -7.88 -29.37
N ARG G 206 -20.07 -6.89 -28.90
CA ARG G 206 -19.85 -5.50 -29.28
C ARG G 206 -18.82 -4.87 -28.35
N ILE G 207 -17.78 -4.28 -28.92
CA ILE G 207 -16.68 -3.67 -28.17
C ILE G 207 -16.69 -2.18 -28.45
N ILE G 208 -16.58 -1.39 -27.38
CA ILE G 208 -16.52 0.07 -27.48
C ILE G 208 -15.23 0.48 -26.78
N ALA G 209 -14.30 1.07 -27.53
CA ALA G 209 -12.99 1.43 -27.02
C ALA G 209 -12.77 2.94 -27.05
N GLU G 210 -11.75 3.39 -26.31
CA GLU G 210 -11.37 4.79 -26.25
C GLU G 210 -9.90 4.91 -26.60
N ALA G 211 -9.57 5.88 -27.44
CA ALA G 211 -8.20 6.04 -27.95
C ALA G 211 -7.62 7.36 -27.45
N GLU G 212 -6.38 7.31 -26.97
CA GLU G 212 -5.66 8.54 -26.59
C GLU G 212 -5.01 9.17 -27.81
N ARG G 213 -4.11 8.44 -28.46
CA ARG G 213 -3.33 8.98 -29.57
C ARG G 213 -4.09 8.84 -30.88
N TYR G 214 -3.78 9.74 -31.82
CA TYR G 214 -4.40 9.69 -33.14
C TYR G 214 -3.85 8.53 -33.97
N GLU G 215 -2.63 8.07 -33.69
CA GLU G 215 -2.03 6.98 -34.43
C GLU G 215 -2.71 5.64 -34.17
N ASN G 216 -3.39 5.49 -33.03
CA ASN G 216 -3.95 4.21 -32.63
C ASN G 216 -5.42 4.06 -32.98
N ILE G 217 -6.03 5.06 -33.61
CA ILE G 217 -7.44 4.96 -33.98
C ILE G 217 -7.64 3.82 -34.97
N GLU G 218 -6.78 3.74 -36.00
CA GLU G 218 -6.87 2.66 -36.96
C GLU G 218 -6.48 1.31 -36.38
N GLN G 219 -5.51 1.28 -35.45
CA GLN G 219 -5.11 0.02 -34.85
C GLN G 219 -6.20 -0.54 -33.94
N LEU G 220 -6.94 0.33 -33.24
CA LEU G 220 -8.09 -0.15 -32.47
C LEU G 220 -9.17 -0.74 -33.36
N ARG G 221 -9.42 -0.14 -34.52
CA ARG G 221 -10.40 -0.69 -35.44
C ARG G 221 -9.93 -1.99 -36.08
N MET G 222 -8.62 -2.12 -36.35
CA MET G 222 -8.10 -3.38 -36.87
C MET G 222 -8.09 -4.48 -35.84
N ALA G 223 -7.91 -4.14 -34.55
CA ALA G 223 -7.94 -5.15 -33.51
C ALA G 223 -9.32 -5.78 -33.37
N GLY G 224 -10.38 -5.01 -33.64
CA GLY G 224 -11.72 -5.57 -33.60
C GLY G 224 -12.76 -4.70 -32.92
N ALA G 225 -12.38 -3.49 -32.53
CA ALA G 225 -13.31 -2.60 -31.85
C ALA G 225 -14.42 -2.17 -32.81
N ASP G 226 -15.66 -2.27 -32.34
CA ASP G 226 -16.80 -1.84 -33.15
C ASP G 226 -16.91 -0.33 -33.22
N GLN G 227 -16.70 0.36 -32.10
CA GLN G 227 -16.77 1.81 -32.04
C GLN G 227 -15.57 2.34 -31.28
N VAL G 228 -15.01 3.45 -31.77
CA VAL G 228 -13.82 4.06 -31.20
C VAL G 228 -14.15 5.52 -30.86
N ILE G 229 -13.73 5.98 -29.69
CA ILE G 229 -13.96 7.34 -29.28
C ILE G 229 -12.62 8.00 -28.99
N SER G 230 -12.41 9.22 -29.43
CA SER G 230 -11.14 9.92 -29.31
C SER G 230 -11.34 11.26 -28.60
N PRO G 231 -11.57 11.26 -27.28
CA PRO G 231 -11.81 12.52 -26.57
C PRO G 231 -10.63 13.47 -26.61
N PHE G 232 -9.41 12.94 -26.45
CA PHE G 232 -8.23 13.79 -26.51
C PHE G 232 -8.02 14.38 -27.90
N VAL G 233 -8.26 13.59 -28.95
CA VAL G 233 -8.13 14.10 -30.31
C VAL G 233 -9.17 15.18 -30.58
N ILE G 234 -10.40 15.00 -30.11
CA ILE G 234 -11.41 16.04 -30.29
C ILE G 234 -11.04 17.31 -29.52
N SER G 235 -10.61 17.15 -28.26
CA SER G 235 -10.34 18.31 -27.42
C SER G 235 -9.13 19.10 -27.90
N GLY G 236 -8.10 18.41 -28.39
CA GLY G 236 -6.95 19.13 -28.90
C GLY G 236 -7.29 20.00 -30.09
N ARG G 237 -8.06 19.46 -31.03
CA ARG G 237 -8.47 20.24 -32.19
C ARG G 237 -9.41 21.37 -31.79
N LEU G 238 -10.30 21.13 -30.82
CA LEU G 238 -11.16 22.21 -30.35
C LEU G 238 -10.34 23.32 -29.70
N MET G 239 -9.30 22.97 -28.94
CA MET G 239 -8.43 23.97 -28.35
C MET G 239 -7.67 24.74 -29.41
N SER G 240 -7.22 24.06 -30.46
CA SER G 240 -6.40 24.68 -31.51
C SER G 240 -7.21 25.57 -32.43
N ARG G 241 -8.52 25.69 -32.24
CA ARG G 241 -9.29 26.58 -33.08
C ARG G 241 -9.96 27.66 -32.29
N SER G 242 -10.08 27.49 -30.99
CA SER G 242 -10.82 28.44 -30.16
C SER G 242 -9.95 29.60 -29.71
N ILE G 243 -8.70 29.68 -30.16
CA ILE G 243 -7.83 30.78 -29.76
C ILE G 243 -8.35 32.11 -30.30
N ASP G 244 -8.97 32.10 -31.49
CA ASP G 244 -9.46 33.32 -32.10
C ASP G 244 -10.97 33.27 -32.18
N ASP G 245 -11.57 32.25 -32.79
CA ASP G 245 -13.01 32.30 -33.06
C ASP G 245 -13.82 31.73 -31.91
N GLY G 246 -13.63 30.44 -31.60
CA GLY G 246 -14.35 29.79 -30.53
C GLY G 246 -15.84 29.68 -30.74
N TYR G 247 -16.27 29.34 -31.95
CA TYR G 247 -17.67 29.10 -32.23
C TYR G 247 -18.02 27.63 -32.46
N GLU G 248 -17.13 26.86 -33.08
CA GLU G 248 -17.32 25.42 -33.18
C GLU G 248 -17.31 24.75 -31.82
N ALA G 249 -16.38 25.13 -30.94
CA ALA G 249 -16.33 24.57 -29.60
C ALA G 249 -17.58 24.88 -28.79
N MET G 250 -18.13 26.09 -28.96
CA MET G 250 -19.36 26.44 -28.25
C MET G 250 -20.52 25.53 -28.67
N PHE G 251 -20.69 25.32 -29.99
CA PHE G 251 -21.72 24.42 -30.48
C PHE G 251 -21.50 23.00 -29.96
N VAL G 252 -20.26 22.52 -30.04
CA VAL G 252 -19.96 21.16 -29.60
C VAL G 252 -20.29 20.99 -28.12
N GLN G 253 -19.85 21.93 -27.29
CA GLN G 253 -20.14 21.85 -25.86
C GLN G 253 -21.64 21.88 -25.60
N ASP G 254 -22.34 22.88 -26.13
CA ASP G 254 -23.75 23.07 -25.82
C ASP G 254 -24.65 21.99 -26.42
N VAL G 255 -24.17 21.22 -27.39
CA VAL G 255 -24.99 20.17 -27.98
C VAL G 255 -24.62 18.77 -27.48
N LEU G 256 -23.34 18.48 -27.27
CA LEU G 256 -22.91 17.14 -26.90
C LEU G 256 -22.54 16.98 -25.44
N ALA G 257 -22.07 18.03 -24.76
CA ALA G 257 -21.61 17.92 -23.38
C ALA G 257 -22.72 18.31 -22.41
N GLU G 258 -23.27 19.52 -22.53
CA GLU G 258 -24.27 19.99 -21.58
C GLU G 258 -25.69 19.69 -22.01
N GLU G 259 -25.98 19.71 -23.32
CA GLU G 259 -27.34 19.54 -23.83
C GLU G 259 -28.28 20.56 -23.20
N SER G 260 -27.76 21.77 -23.12
CA SER G 260 -28.46 22.91 -22.54
C SER G 260 -29.80 23.08 -23.16
N THR G 261 -29.82 23.48 -24.42
CA THR G 261 -31.08 23.71 -25.09
C THR G 261 -31.41 22.62 -26.08
N ARG G 262 -30.51 22.37 -27.02
CA ARG G 262 -30.76 21.38 -28.05
C ARG G 262 -30.05 20.07 -27.71
N ARG G 263 -30.24 19.07 -28.57
CA ARG G 263 -29.73 17.73 -28.32
C ARG G 263 -29.71 16.95 -29.62
N MET G 264 -28.70 16.11 -29.81
CA MET G 264 -28.59 15.28 -31.00
C MET G 264 -29.26 13.95 -30.72
N VAL G 265 -30.37 13.70 -31.39
CA VAL G 265 -31.19 12.53 -31.14
C VAL G 265 -31.12 11.58 -32.33
N GLU G 266 -31.40 10.31 -32.09
CA GLU G 266 -31.45 9.30 -33.15
C GLU G 266 -32.72 8.48 -32.96
N VAL G 267 -33.74 8.81 -33.74
CA VAL G 267 -35.05 8.17 -33.62
C VAL G 267 -35.27 7.24 -34.81
N PRO G 268 -35.66 5.99 -34.57
CA PRO G 268 -35.89 5.06 -35.68
C PRO G 268 -37.26 5.25 -36.31
N ILE G 269 -37.44 4.60 -37.46
CA ILE G 269 -38.68 4.62 -38.20
C ILE G 269 -39.42 3.31 -37.91
N PRO G 270 -40.60 3.36 -37.31
CA PRO G 270 -41.32 2.11 -36.98
C PRO G 270 -41.85 1.42 -38.23
N GLU G 271 -42.48 0.28 -38.00
CA GLU G 271 -43.05 -0.51 -39.10
C GLU G 271 -44.18 0.25 -39.77
N GLY G 272 -44.03 0.48 -41.07
CA GLY G 272 -45.00 1.24 -41.85
C GLY G 272 -44.82 2.72 -41.68
N SER G 273 -45.27 3.26 -40.54
CA SER G 273 -45.00 4.65 -40.15
C SER G 273 -45.60 5.66 -41.13
N LYS G 274 -46.32 5.15 -42.14
CA LYS G 274 -46.93 5.98 -43.18
C LYS G 274 -45.89 6.84 -43.89
N LEU G 275 -44.61 6.46 -43.80
CA LEU G 275 -43.55 7.25 -44.42
C LEU G 275 -42.57 6.34 -45.16
N GLU G 276 -43.04 5.19 -45.60
CA GLU G 276 -42.14 4.36 -46.33
C GLU G 276 -42.21 4.79 -47.77
N GLY G 277 -41.07 4.84 -48.41
CA GLY G 277 -40.92 5.19 -49.80
C GLY G 277 -41.01 6.67 -50.09
N VAL G 278 -41.34 7.49 -49.10
CA VAL G 278 -41.44 8.93 -49.26
C VAL G 278 -40.02 9.50 -49.30
N SER G 279 -39.76 10.35 -50.29
CA SER G 279 -38.46 10.97 -50.41
C SER G 279 -38.30 12.09 -49.38
N VAL G 280 -37.05 12.46 -49.13
CA VAL G 280 -36.77 13.54 -48.17
C VAL G 280 -37.31 14.87 -48.68
N LEU G 281 -37.19 15.12 -49.99
CA LEU G 281 -37.69 16.36 -50.56
C LEU G 281 -39.19 16.52 -50.39
N ASP G 282 -39.96 15.42 -50.49
CA ASP G 282 -41.39 15.48 -50.26
C ASP G 282 -41.76 15.40 -48.78
N ALA G 283 -40.89 14.81 -47.94
CA ALA G 283 -41.18 14.76 -46.51
C ALA G 283 -41.01 16.12 -45.86
N ASP G 284 -39.90 16.79 -46.16
CA ASP G 284 -39.55 18.09 -45.56
C ASP G 284 -39.62 18.01 -44.06
N ILE G 285 -38.77 17.20 -43.46
CA ILE G 285 -38.76 17.04 -42.02
C ILE G 285 -38.36 18.30 -41.29
N HIS G 286 -37.50 19.11 -41.88
CA HIS G 286 -37.14 20.38 -41.25
C HIS G 286 -38.31 21.34 -41.24
N ASP G 287 -38.96 21.54 -42.39
CA ASP G 287 -40.08 22.44 -42.50
C ASP G 287 -41.31 21.97 -41.72
N VAL G 288 -41.42 20.68 -41.44
CA VAL G 288 -42.55 20.16 -40.69
C VAL G 288 -42.32 20.20 -39.18
N THR G 289 -41.16 19.79 -38.69
CA THR G 289 -40.95 19.67 -37.25
C THR G 289 -39.95 20.65 -36.69
N GLY G 290 -38.95 21.06 -37.46
CA GLY G 290 -37.91 21.94 -36.98
C GLY G 290 -36.61 21.28 -36.59
N VAL G 291 -36.43 20.00 -36.91
CA VAL G 291 -35.23 19.25 -36.55
C VAL G 291 -34.33 19.19 -37.78
N ILE G 292 -33.08 19.64 -37.61
CA ILE G 292 -32.12 19.59 -38.71
C ILE G 292 -31.69 18.14 -38.91
N ILE G 293 -31.91 17.61 -40.11
CA ILE G 293 -31.59 16.22 -40.41
C ILE G 293 -30.13 16.14 -40.81
N ILE G 294 -29.31 15.47 -39.98
CA ILE G 294 -27.89 15.34 -40.28
C ILE G 294 -27.66 14.20 -41.25
N GLY G 295 -28.18 13.02 -40.94
CA GLY G 295 -27.99 11.87 -41.80
C GLY G 295 -28.98 10.77 -41.46
N VAL G 296 -28.96 9.72 -42.29
CA VAL G 296 -29.84 8.58 -42.15
C VAL G 296 -28.96 7.34 -42.09
N GLY G 297 -28.96 6.65 -40.95
CA GLY G 297 -28.18 5.44 -40.81
C GLY G 297 -28.93 4.18 -41.22
N ARG G 298 -28.60 3.64 -42.40
CA ARG G 298 -29.26 2.44 -42.91
C ARG G 298 -28.31 1.24 -42.90
N GLY G 299 -28.36 0.50 -41.81
CA GLY G 299 -27.58 -0.73 -41.68
C GLY G 299 -26.09 -0.51 -41.50
N ASP G 300 -25.71 0.06 -40.36
CA ASP G 300 -24.31 0.25 -39.98
C ASP G 300 -23.55 1.08 -41.02
N GLU G 301 -24.21 2.12 -41.54
CA GLU G 301 -23.55 3.10 -42.37
C GLU G 301 -24.32 4.41 -42.31
N LEU G 302 -23.60 5.52 -42.12
CA LEU G 302 -24.22 6.82 -41.93
C LEU G 302 -24.13 7.62 -43.23
N ILE G 303 -25.29 7.92 -43.82
CA ILE G 303 -25.35 8.74 -45.03
C ILE G 303 -25.58 10.19 -44.62
N ILE G 304 -24.50 10.93 -44.39
CA ILE G 304 -24.62 12.32 -43.97
C ILE G 304 -25.14 13.15 -45.14
N ASP G 305 -26.15 13.98 -44.87
CA ASP G 305 -26.81 14.82 -45.87
C ASP G 305 -27.29 13.98 -47.04
N PRO G 306 -28.33 13.18 -46.86
CA PRO G 306 -28.81 12.33 -47.96
C PRO G 306 -29.38 13.18 -49.09
N PRO G 307 -29.30 12.68 -50.32
CA PRO G 307 -29.83 13.47 -51.45
C PRO G 307 -31.35 13.58 -51.39
N ARG G 308 -31.88 14.47 -52.22
CA ARG G 308 -33.31 14.70 -52.28
C ARG G 308 -34.03 13.53 -52.92
N ASP G 309 -33.26 12.69 -53.61
CA ASP G 309 -33.81 11.51 -54.25
C ASP G 309 -33.80 10.27 -53.35
N TYR G 310 -33.23 10.38 -52.15
CA TYR G 310 -33.21 9.26 -51.22
C TYR G 310 -34.63 8.90 -50.80
N SER G 311 -34.89 7.60 -50.70
CA SER G 311 -36.21 7.09 -50.33
C SER G 311 -36.10 6.42 -48.97
N PHE G 312 -36.99 6.79 -48.05
CA PHE G 312 -36.97 6.22 -46.72
C PHE G 312 -37.41 4.76 -46.75
N ARG G 313 -37.14 4.02 -45.67
CA ARG G 313 -37.51 2.62 -45.58
C ARG G 313 -37.99 2.29 -44.20
N ALA G 314 -38.01 1.00 -43.88
CA ALA G 314 -38.40 0.55 -42.56
C ALA G 314 -37.15 0.16 -41.77
N GLY G 315 -37.10 0.57 -40.51
CA GLY G 315 -35.94 0.31 -39.69
C GLY G 315 -34.83 1.32 -39.79
N ASP G 316 -34.98 2.35 -40.62
CA ASP G 316 -33.97 3.40 -40.71
C ASP G 316 -33.96 4.23 -39.44
N ILE G 317 -32.81 4.84 -39.16
CA ILE G 317 -32.62 5.68 -37.98
C ILE G 317 -32.31 7.08 -38.45
N ILE G 318 -33.05 8.05 -37.92
CA ILE G 318 -32.91 9.46 -38.30
C ILE G 318 -32.05 10.16 -37.25
N LEU G 319 -30.97 10.78 -37.68
CA LEU G 319 -30.05 11.49 -36.80
C LEU G 319 -30.22 12.98 -37.03
N GLY G 320 -30.57 13.72 -35.96
CA GLY G 320 -30.81 15.14 -36.06
C GLY G 320 -30.57 15.83 -34.74
N ILE G 321 -30.56 17.17 -34.80
CA ILE G 321 -30.38 18.01 -33.63
C ILE G 321 -31.61 18.89 -33.50
N GLY G 322 -32.24 18.87 -32.33
CA GLY G 322 -33.43 19.66 -32.08
C GLY G 322 -33.70 19.82 -30.60
N LYS G 323 -34.61 20.73 -30.29
CA LYS G 323 -35.07 20.94 -28.93
C LYS G 323 -35.89 19.75 -28.47
N PRO G 324 -36.06 19.57 -27.15
CA PRO G 324 -36.88 18.45 -26.66
C PRO G 324 -38.33 18.51 -27.16
N GLU G 325 -38.82 19.72 -27.40
CA GLU G 325 -40.14 19.90 -28.00
C GLU G 325 -40.19 19.43 -29.44
N GLU G 326 -39.18 19.80 -30.24
CA GLU G 326 -39.17 19.42 -31.65
C GLU G 326 -38.92 17.93 -31.82
N ILE G 327 -38.13 17.34 -30.92
CA ILE G 327 -37.92 15.89 -30.97
C ILE G 327 -39.23 15.16 -30.74
N GLU G 328 -40.03 15.63 -29.77
CA GLU G 328 -41.35 15.05 -29.54
C GLU G 328 -42.26 15.27 -30.75
N ARG G 329 -42.16 16.43 -31.36
CA ARG G 329 -42.94 16.79 -32.55
C ARG G 329 -42.61 15.92 -33.75
N LEU G 330 -41.39 15.44 -33.80
CA LEU G 330 -40.95 14.52 -34.85
C LEU G 330 -41.28 13.07 -34.58
N LYS G 331 -41.07 12.60 -33.34
CA LYS G 331 -41.38 11.22 -33.01
C LYS G 331 -42.87 10.93 -33.19
N ASN G 332 -43.73 11.86 -32.79
CA ASN G 332 -45.16 11.73 -33.05
C ASN G 332 -45.50 11.88 -34.51
N TYR G 333 -44.74 12.70 -35.25
CA TYR G 333 -45.00 12.89 -36.67
C TYR G 333 -44.70 11.65 -37.49
N ILE G 334 -43.65 10.91 -37.14
CA ILE G 334 -43.28 9.73 -37.92
C ILE G 334 -44.03 8.48 -37.48
N SER G 335 -44.97 8.59 -36.54
CA SER G 335 -45.77 7.45 -36.14
C SER G 335 -46.80 7.12 -37.22
N ALA G 336 -47.22 5.86 -37.25
CA ALA G 336 -48.21 5.41 -38.23
C ALA G 336 -49.58 6.00 -37.94
N ALA H 20 -34.98 -11.07 -1.41
CA ALA H 20 -34.70 -10.63 -0.06
C ALA H 20 -35.82 -11.03 0.89
N THR H 21 -37.03 -11.17 0.35
CA THR H 21 -38.20 -11.55 1.14
C THR H 21 -38.69 -12.94 0.76
N ARG H 22 -37.86 -13.68 0.01
CA ARG H 22 -38.20 -15.04 -0.38
C ARG H 22 -38.24 -15.96 0.83
N ILE H 23 -37.36 -15.70 1.80
CA ILE H 23 -37.32 -16.53 3.01
C ILE H 23 -38.62 -16.40 3.80
N LEU H 24 -39.23 -15.21 3.80
CA LEU H 24 -40.50 -15.03 4.49
C LEU H 24 -41.59 -15.89 3.84
N LEU H 25 -41.63 -15.90 2.51
CA LEU H 25 -42.56 -16.78 1.82
C LEU H 25 -42.28 -18.26 2.10
N LEU H 26 -41.01 -18.64 2.12
CA LEU H 26 -40.65 -20.03 2.39
C LEU H 26 -41.11 -20.46 3.78
N VAL H 27 -40.86 -19.62 4.79
CA VAL H 27 -41.27 -19.97 6.15
C VAL H 27 -42.78 -19.93 6.32
N LEU H 28 -43.48 -19.00 5.66
CA LEU H 28 -44.94 -19.04 5.67
C LEU H 28 -45.47 -20.32 5.03
N ALA H 29 -44.84 -20.77 3.94
CA ALA H 29 -45.23 -22.02 3.32
C ALA H 29 -45.03 -23.21 4.25
N VAL H 30 -43.91 -23.23 4.98
CA VAL H 30 -43.67 -24.32 5.93
C VAL H 30 -44.70 -24.29 7.05
N ILE H 31 -45.01 -23.10 7.57
CA ILE H 31 -46.01 -23.00 8.64
C ILE H 31 -47.37 -23.47 8.13
N ILE H 32 -47.74 -23.07 6.92
CA ILE H 32 -49.04 -23.49 6.36
C ILE H 32 -49.06 -25.00 6.15
N TYR H 33 -47.97 -25.53 5.64
CA TYR H 33 -47.82 -26.97 5.39
C TYR H 33 -47.92 -27.75 6.66
N GLY H 34 -47.47 -27.16 7.76
CA GLY H 34 -47.52 -27.87 9.01
C GLY H 34 -48.92 -27.84 9.53
N THR H 35 -49.48 -26.64 9.53
CA THR H 35 -50.83 -26.46 10.04
C THR H 35 -51.84 -27.34 9.32
N ALA H 36 -51.69 -27.49 8.00
CA ALA H 36 -52.59 -28.29 7.20
C ALA H 36 -52.25 -29.78 7.23
N GLY H 37 -51.49 -30.22 8.23
CA GLY H 37 -51.17 -31.62 8.39
C GLY H 37 -52.10 -32.30 9.37
N PHE H 38 -52.33 -31.67 10.52
CA PHE H 38 -53.19 -32.24 11.55
C PHE H 38 -54.61 -32.41 11.03
N HIS H 39 -55.18 -31.34 10.48
CA HIS H 39 -56.54 -31.37 9.95
C HIS H 39 -56.69 -32.28 8.74
N PHE H 40 -55.62 -32.39 7.94
CA PHE H 40 -55.65 -33.22 6.74
C PHE H 40 -55.14 -34.63 6.97
N ILE H 41 -54.98 -35.00 8.24
CA ILE H 41 -54.50 -36.34 8.59
C ILE H 41 -55.36 -36.97 9.68
N GLU H 42 -55.30 -36.38 10.87
CA GLU H 42 -56.07 -36.87 12.00
C GLU H 42 -57.36 -36.06 12.17
N GLY H 43 -57.37 -34.87 11.58
CA GLY H 43 -58.53 -34.00 11.65
C GLY H 43 -58.91 -33.66 13.09
N GLU H 44 -57.91 -33.30 13.88
CA GLU H 44 -58.14 -32.96 15.28
C GLU H 44 -58.97 -31.69 15.40
N SER H 45 -58.36 -30.56 15.08
CA SER H 45 -59.05 -29.27 15.15
C SER H 45 -58.29 -28.24 14.31
N TRP H 46 -59.01 -27.45 13.52
CA TRP H 46 -58.38 -26.44 12.69
C TRP H 46 -57.74 -25.33 13.50
N THR H 47 -57.94 -25.31 14.82
CA THR H 47 -57.36 -24.29 15.69
C THR H 47 -56.15 -24.84 16.46
N VAL H 48 -56.19 -26.12 16.82
CA VAL H 48 -55.11 -26.73 17.59
C VAL H 48 -53.97 -27.07 16.65
N SER H 49 -54.25 -27.15 15.35
CA SER H 49 -53.21 -27.49 14.37
C SER H 49 -52.28 -26.32 14.20
N LEU H 50 -52.85 -25.12 14.21
CA LEU H 50 -52.10 -23.91 14.08
C LEU H 50 -51.14 -23.74 15.26
N TYR H 51 -51.63 -24.08 16.44
CA TYR H 51 -50.85 -24.01 17.66
C TYR H 51 -49.74 -25.05 17.64
N TRP H 52 -50.10 -26.32 17.48
CA TRP H 52 -49.11 -27.38 17.46
C TRP H 52 -47.98 -27.14 16.46
N THR H 53 -48.31 -26.59 15.31
CA THR H 53 -47.28 -26.26 14.35
C THR H 53 -46.33 -25.18 14.85
N PHE H 54 -46.84 -24.19 15.59
CA PHE H 54 -45.99 -23.16 16.15
C PHE H 54 -45.15 -23.63 17.33
N VAL H 55 -45.69 -24.50 18.19
CA VAL H 55 -44.88 -24.98 19.31
C VAL H 55 -43.81 -25.96 18.83
N THR H 56 -44.10 -26.73 17.78
CA THR H 56 -43.13 -27.68 17.26
C THR H 56 -41.94 -27.00 16.59
N ILE H 57 -42.17 -25.93 15.82
CA ILE H 57 -41.08 -25.22 15.18
C ILE H 57 -40.15 -24.55 16.20
N ALA H 58 -40.72 -23.92 17.23
CA ALA H 58 -39.93 -23.25 18.25
C ALA H 58 -39.40 -24.21 19.31
N THR H 59 -39.35 -25.48 18.96
CA THR H 59 -38.80 -26.49 19.83
C THR H 59 -39.33 -26.44 21.26
N VAL H 60 -40.40 -25.68 21.48
CA VAL H 60 -40.94 -25.60 22.82
C VAL H 60 -41.45 -26.96 23.29
N GLY H 61 -42.08 -27.71 22.41
CA GLY H 61 -42.49 -29.05 22.75
C GLY H 61 -43.28 -29.33 24.01
N TYR H 62 -44.41 -28.68 24.18
CA TYR H 62 -45.24 -28.93 25.35
C TYR H 62 -45.56 -30.42 25.50
N GLY H 63 -46.15 -31.00 24.46
CA GLY H 63 -46.53 -32.40 24.48
C GLY H 63 -47.99 -32.66 24.80
N ASP H 64 -48.83 -31.63 24.85
CA ASP H 64 -50.24 -31.81 25.17
C ASP H 64 -50.93 -32.66 24.09
N TYR H 65 -50.62 -32.35 22.84
CA TYR H 65 -51.18 -33.03 21.68
C TYR H 65 -50.11 -33.67 20.81
N SER H 66 -49.73 -34.90 21.14
CA SER H 66 -48.70 -35.60 20.39
C SER H 66 -49.33 -36.60 19.42
N PRO H 67 -48.70 -36.84 18.28
CA PRO H 67 -49.25 -37.80 17.32
C PRO H 67 -49.18 -39.23 17.85
N SER H 68 -50.10 -40.05 17.35
CA SER H 68 -50.15 -41.46 17.72
C SER H 68 -49.99 -42.42 16.56
N THR H 69 -50.45 -42.08 15.36
CA THR H 69 -50.28 -42.95 14.21
C THR H 69 -48.82 -42.93 13.76
N PRO H 70 -48.33 -44.04 13.21
CA PRO H 70 -46.95 -44.03 12.67
C PRO H 70 -46.76 -43.00 11.57
N LEU H 71 -47.77 -42.83 10.73
CA LEU H 71 -47.72 -41.83 9.67
C LEU H 71 -47.64 -40.45 10.30
N GLY H 72 -48.47 -40.21 11.31
CA GLY H 72 -48.47 -38.92 11.99
C GLY H 72 -47.16 -38.60 12.67
N MET H 73 -46.52 -39.58 13.30
CA MET H 73 -45.25 -39.32 13.96
C MET H 73 -44.09 -39.22 12.97
N TYR H 74 -44.27 -39.78 11.79
CA TYR H 74 -43.28 -39.68 10.73
C TYR H 74 -43.38 -38.24 10.22
N PHE H 75 -44.61 -37.78 9.97
CA PHE H 75 -44.83 -36.40 9.54
C PHE H 75 -44.27 -35.42 10.55
N THR H 76 -44.29 -35.79 11.84
CA THR H 76 -43.69 -34.95 12.86
C THR H 76 -42.18 -34.83 12.66
N VAL H 77 -41.52 -35.96 12.35
CA VAL H 77 -40.09 -35.93 12.08
C VAL H 77 -39.80 -35.10 10.84
N THR H 78 -40.62 -35.25 9.80
CA THR H 78 -40.45 -34.43 8.60
C THR H 78 -40.60 -32.95 8.90
N LEU H 79 -41.60 -32.58 9.69
CA LEU H 79 -41.77 -31.19 10.11
C LEU H 79 -40.60 -30.68 10.92
N ILE H 80 -40.07 -31.50 11.83
CA ILE H 80 -38.92 -31.09 12.65
C ILE H 80 -37.70 -30.84 11.77
N VAL H 81 -37.40 -31.75 10.85
CA VAL H 81 -36.21 -31.55 10.02
C VAL H 81 -36.41 -30.36 9.07
N LEU H 82 -37.64 -30.16 8.57
CA LEU H 82 -37.90 -29.00 7.71
C LEU H 82 -37.77 -27.70 8.49
N GLY H 83 -38.23 -27.69 9.75
CA GLY H 83 -38.08 -26.51 10.57
C GLY H 83 -36.63 -26.21 10.88
N ILE H 84 -35.82 -27.25 11.14
CA ILE H 84 -34.39 -27.05 11.33
C ILE H 84 -33.75 -26.49 10.07
N GLY H 85 -34.11 -27.02 8.89
CA GLY H 85 -33.59 -26.48 7.66
C GLY H 85 -33.96 -25.03 7.42
N THR H 86 -35.21 -24.67 7.73
CA THR H 86 -35.64 -23.28 7.64
C THR H 86 -34.91 -22.37 8.61
N PHE H 87 -34.68 -22.84 9.83
CA PHE H 87 -33.93 -22.04 10.79
C PHE H 87 -32.53 -21.83 10.30
N ALA H 88 -31.91 -22.86 9.76
CA ALA H 88 -30.54 -22.71 9.25
C ALA H 88 -30.44 -21.57 8.23
N VAL H 89 -31.38 -21.51 7.31
CA VAL H 89 -31.40 -20.46 6.30
C VAL H 89 -31.67 -19.12 6.97
N LEU H 90 -32.52 -19.11 8.00
CA LEU H 90 -32.83 -17.89 8.70
C LEU H 90 -31.55 -17.37 9.32
N VAL H 91 -30.83 -18.21 10.04
CA VAL H 91 -29.59 -17.77 10.67
C VAL H 91 -28.57 -17.32 9.63
N GLU H 92 -28.52 -18.03 8.52
CA GLU H 92 -27.59 -17.73 7.46
C GLU H 92 -27.80 -16.33 6.89
N ARG H 93 -29.06 -15.99 6.61
CA ARG H 93 -29.38 -14.68 6.05
C ARG H 93 -28.99 -13.56 7.01
N LEU H 94 -29.35 -13.72 8.27
CA LEU H 94 -29.04 -12.72 9.25
C LEU H 94 -27.55 -12.54 9.32
N LEU H 95 -26.81 -13.63 9.52
CA LEU H 95 -25.36 -13.58 9.62
C LEU H 95 -24.71 -12.91 8.44
N GLU H 96 -25.18 -13.22 7.25
CA GLU H 96 -24.66 -12.55 6.06
C GLU H 96 -24.93 -11.06 6.10
N PHE H 97 -26.13 -10.67 6.51
CA PHE H 97 -26.46 -9.25 6.63
C PHE H 97 -25.56 -8.55 7.64
N LEU H 98 -25.35 -9.16 8.81
CA LEU H 98 -24.49 -8.55 9.83
C LEU H 98 -23.06 -8.44 9.35
N ILE H 99 -22.53 -9.48 8.70
CA ILE H 99 -21.17 -9.44 8.20
C ILE H 99 -21.03 -8.34 7.16
N ASN H 100 -21.99 -8.23 6.25
CA ASN H 100 -21.94 -7.21 5.22
C ASN H 100 -21.96 -5.81 5.85
N ARG H 101 -22.88 -5.60 6.80
CA ARG H 101 -22.98 -4.30 7.46
C ARG H 101 -21.69 -3.93 8.16
N GLU H 102 -21.13 -4.87 8.94
CA GLU H 102 -19.93 -4.58 9.71
C GLU H 102 -18.73 -4.34 8.81
N GLN H 103 -18.59 -5.15 7.78
CA GLN H 103 -17.48 -5.03 6.85
C GLN H 103 -17.58 -3.73 6.03
N MET H 104 -18.80 -3.29 5.77
CA MET H 104 -19.00 -2.07 5.00
C MET H 104 -18.84 -0.80 5.81
N LYS H 105 -19.37 -0.79 7.02
CA LYS H 105 -19.29 0.39 7.87
C LYS H 105 -18.01 0.51 8.68
N LEU H 106 -17.10 -0.44 8.51
CA LEU H 106 -15.78 -0.39 9.13
C LEU H 106 -14.80 0.48 8.34
N MET H 107 -14.89 0.40 7.02
CA MET H 107 -14.02 1.15 6.15
C MET H 107 -14.69 2.37 5.55
N GLY H 108 -15.69 2.91 6.22
CA GLY H 108 -16.43 4.06 5.72
C GLY H 108 -17.67 3.64 4.97
N LEU H 109 -17.89 4.22 3.80
CA LEU H 109 -18.97 3.82 2.89
C LEU H 109 -20.32 3.79 3.60
N ILE H 110 -20.51 4.76 4.49
CA ILE H 110 -21.74 4.84 5.23
C ILE H 110 -22.27 6.25 5.21
N ASP H 111 -23.56 6.40 4.92
CA ASP H 111 -24.18 7.72 4.86
C ASP H 111 -24.48 8.23 6.27
N VAL H 112 -24.41 9.54 6.44
CA VAL H 112 -24.60 10.16 7.74
C VAL H 112 -26.04 10.64 7.85
N ALA H 113 -26.68 10.33 8.99
CA ALA H 113 -28.07 10.67 9.23
C ALA H 113 -28.25 11.73 10.30
N LYS H 114 -27.16 12.30 10.80
CA LYS H 114 -27.28 13.32 11.82
C LYS H 114 -27.64 14.68 11.25
N SER H 115 -27.97 15.63 12.11
CA SER H 115 -28.37 16.95 11.64
C SER H 115 -27.80 18.09 12.47
N ARG H 116 -26.79 17.83 13.28
CA ARG H 116 -26.16 18.92 14.01
C ARG H 116 -24.72 18.57 14.32
N HIS H 117 -24.08 17.83 13.42
CA HIS H 117 -22.71 17.40 13.59
C HIS H 117 -21.74 18.47 13.08
N VAL H 118 -20.45 18.17 13.11
CA VAL H 118 -19.40 19.05 12.60
C VAL H 118 -18.58 18.23 11.62
N VAL H 119 -18.56 18.66 10.36
CA VAL H 119 -17.82 17.93 9.33
C VAL H 119 -16.44 18.53 9.17
N ILE H 120 -15.42 17.66 9.13
CA ILE H 120 -14.03 18.08 8.98
C ILE H 120 -13.51 17.47 7.70
N CYS H 121 -13.05 18.32 6.78
CA CYS H 121 -12.46 17.85 5.53
C CYS H 121 -10.94 17.88 5.64
N GLY H 122 -10.32 16.71 5.50
CA GLY H 122 -8.89 16.59 5.68
C GLY H 122 -8.50 16.36 7.13
N TRP H 123 -7.26 15.95 7.31
CA TRP H 123 -6.74 15.62 8.64
C TRP H 123 -5.29 16.05 8.73
N SER H 124 -5.02 17.06 9.55
CA SER H 124 -3.67 17.53 9.84
C SER H 124 -3.53 17.76 11.35
N GLU H 125 -2.42 18.37 11.73
CA GLU H 125 -2.19 18.69 13.14
C GLU H 125 -3.13 19.79 13.64
N SER H 126 -3.57 20.70 12.76
CA SER H 126 -4.54 21.73 13.13
C SER H 126 -5.90 21.16 13.48
N THR H 127 -6.37 20.17 12.73
CA THR H 127 -7.66 19.56 13.00
C THR H 127 -7.62 18.58 14.17
N LEU H 128 -6.43 18.12 14.56
CA LEU H 128 -6.28 17.31 15.76
C LEU H 128 -6.35 18.12 17.04
N GLU H 129 -5.90 19.38 17.01
CA GLU H 129 -5.97 20.25 18.18
C GLU H 129 -7.38 20.78 18.43
N CYS H 130 -8.20 20.92 17.39
CA CYS H 130 -9.58 21.33 17.57
C CYS H 130 -10.48 20.17 17.96
N LEU H 131 -10.00 18.93 17.84
CA LEU H 131 -10.75 17.78 18.34
C LEU H 131 -10.72 17.68 19.85
N ARG H 132 -9.80 18.34 20.50
CA ARG H 132 -9.71 18.25 21.94
C ARG H 132 -10.68 19.18 22.66
N GLU H 133 -11.23 20.14 21.94
CA GLU H 133 -12.26 21.02 22.49
C GLU H 133 -13.65 20.74 21.90
N LEU H 134 -13.82 19.65 21.17
CA LEU H 134 -15.10 19.29 20.58
C LEU H 134 -15.49 17.88 21.00
N ARG H 135 -16.79 17.61 20.94
CA ARG H 135 -17.29 16.29 21.28
C ARG H 135 -16.83 15.27 20.26
N GLY H 136 -16.39 14.10 20.73
CA GLY H 136 -15.87 13.09 19.82
C GLY H 136 -16.94 12.51 18.91
N SER H 137 -18.16 12.36 19.43
CA SER H 137 -19.24 11.74 18.68
C SER H 137 -19.95 12.71 17.74
N GLU H 138 -19.64 13.99 17.74
CA GLU H 138 -20.34 14.87 16.81
C GLU H 138 -19.50 15.24 15.62
N VAL H 139 -18.20 14.94 15.63
CA VAL H 139 -17.31 15.30 14.54
C VAL H 139 -17.20 14.13 13.57
N PHE H 140 -17.28 14.44 12.28
CA PHE H 140 -17.11 13.47 11.21
C PHE H 140 -15.96 13.92 10.32
N VAL H 141 -14.99 13.04 10.12
CA VAL H 141 -13.83 13.36 9.29
C VAL H 141 -14.00 12.72 7.93
N LEU H 142 -13.90 13.53 6.89
CA LEU H 142 -14.12 13.10 5.50
C LEU H 142 -12.77 13.09 4.78
N ALA H 143 -12.20 11.90 4.61
CA ALA H 143 -10.94 11.74 3.90
C ALA H 143 -11.02 10.45 3.08
N GLU H 144 -9.90 10.06 2.51
CA GLU H 144 -9.84 8.82 1.76
C GLU H 144 -8.58 8.00 1.96
N ASP H 145 -7.60 8.51 2.69
CA ASP H 145 -6.41 7.72 2.99
C ASP H 145 -6.70 6.68 4.05
N GLU H 146 -5.91 5.62 4.05
CA GLU H 146 -6.14 4.51 4.99
C GLU H 146 -5.57 4.81 6.37
N ASN H 147 -4.38 5.41 6.43
CA ASN H 147 -3.79 5.78 7.71
C ASN H 147 -4.61 6.84 8.44
N VAL H 148 -5.26 7.73 7.68
CA VAL H 148 -6.12 8.74 8.29
C VAL H 148 -7.27 8.09 9.05
N ARG H 149 -7.79 6.97 8.54
CA ARG H 149 -8.87 6.28 9.24
C ARG H 149 -8.42 5.80 10.61
N LYS H 150 -7.25 5.17 10.69
CA LYS H 150 -6.74 4.72 11.98
C LYS H 150 -6.44 5.89 12.91
N LYS H 151 -5.87 6.97 12.37
CA LYS H 151 -5.60 8.13 13.19
C LYS H 151 -6.88 8.72 13.76
N VAL H 152 -7.93 8.83 12.94
CA VAL H 152 -9.19 9.39 13.40
C VAL H 152 -9.82 8.48 14.44
N LEU H 153 -9.78 7.16 14.21
CA LEU H 153 -10.36 6.23 15.17
C LEU H 153 -9.65 6.30 16.51
N ARG H 154 -8.32 6.40 16.49
CA ARG H 154 -7.58 6.58 17.74
C ARG H 154 -7.93 7.90 18.41
N SER H 155 -8.10 8.96 17.62
CA SER H 155 -8.45 10.26 18.18
C SER H 155 -9.81 10.22 18.87
N GLY H 156 -10.77 9.52 18.27
CA GLY H 156 -12.08 9.38 18.87
C GLY H 156 -13.20 10.04 18.09
N ALA H 157 -13.07 10.06 16.76
CA ALA H 157 -14.06 10.66 15.88
C ALA H 157 -14.60 9.60 14.93
N ASN H 158 -15.48 10.02 14.03
CA ASN H 158 -16.09 9.14 13.05
C ASN H 158 -15.49 9.42 11.67
N PHE H 159 -15.18 8.36 10.93
CA PHE H 159 -14.50 8.47 9.65
C PHE H 159 -15.48 8.17 8.51
N VAL H 160 -15.50 9.04 7.52
CA VAL H 160 -16.32 8.87 6.31
C VAL H 160 -15.37 8.86 5.13
N HIS H 161 -15.46 7.82 4.30
CA HIS H 161 -14.56 7.66 3.16
C HIS H 161 -15.15 8.39 1.96
N GLY H 162 -14.48 9.45 1.52
CA GLY H 162 -14.91 10.16 0.32
C GLY H 162 -13.92 11.23 -0.06
N ASP H 163 -14.15 11.87 -1.19
CA ASP H 163 -13.29 12.93 -1.66
C ASP H 163 -13.91 14.25 -1.30
N PRO H 164 -13.26 15.04 -0.45
CA PRO H 164 -13.84 16.33 -0.05
C PRO H 164 -14.14 17.25 -1.22
N THR H 165 -13.47 17.07 -2.36
CA THR H 165 -13.70 17.92 -3.52
C THR H 165 -14.90 17.50 -4.35
N ARG H 166 -15.45 16.31 -4.11
CA ARG H 166 -16.60 15.84 -4.88
C ARG H 166 -17.90 16.25 -4.20
N VAL H 167 -18.81 16.86 -4.97
CA VAL H 167 -20.13 17.19 -4.45
C VAL H 167 -20.91 15.94 -4.09
N SER H 168 -20.75 14.87 -4.85
CA SER H 168 -21.44 13.61 -4.54
C SER H 168 -20.99 13.03 -3.20
N ASP H 169 -19.70 13.06 -2.90
CA ASP H 169 -19.20 12.58 -1.61
C ASP H 169 -19.37 13.60 -0.51
N LEU H 170 -19.64 14.87 -0.83
CA LEU H 170 -19.96 15.85 0.17
C LEU H 170 -21.37 15.68 0.73
N GLU H 171 -22.30 15.17 -0.06
CA GLU H 171 -23.65 14.90 0.42
C GLU H 171 -23.72 13.65 1.27
N LYS H 172 -22.77 12.72 1.11
CA LYS H 172 -22.71 11.55 1.98
C LYS H 172 -22.42 11.97 3.42
N ALA H 173 -21.56 12.97 3.60
CA ALA H 173 -21.26 13.50 4.91
C ALA H 173 -22.35 14.41 5.46
N ASN H 174 -23.41 14.64 4.69
CA ASN H 174 -24.55 15.45 5.11
C ASN H 174 -24.11 16.85 5.51
N VAL H 175 -23.48 17.53 4.55
CA VAL H 175 -23.07 18.92 4.74
C VAL H 175 -24.24 19.87 4.87
N ARG H 176 -25.36 19.53 4.26
CA ARG H 176 -26.56 20.34 4.28
C ARG H 176 -26.99 20.68 5.67
N GLY H 177 -27.06 19.65 6.50
CA GLY H 177 -27.50 19.77 7.87
C GLY H 177 -26.43 19.96 8.91
N ALA H 178 -25.16 20.09 8.51
CA ALA H 178 -24.09 20.22 9.48
C ALA H 178 -24.13 21.57 10.16
N ARG H 179 -23.71 21.59 11.43
CA ARG H 179 -23.62 22.84 12.18
C ARG H 179 -22.55 23.75 11.60
N ALA H 180 -21.37 23.19 11.33
CA ALA H 180 -20.27 23.94 10.75
C ALA H 180 -19.33 22.96 10.05
N VAL H 181 -18.63 23.46 9.05
CA VAL H 181 -17.69 22.65 8.27
C VAL H 181 -16.31 23.29 8.36
N ILE H 182 -15.30 22.47 8.64
CA ILE H 182 -13.92 22.91 8.75
C ILE H 182 -13.13 22.29 7.61
N VAL H 183 -12.55 23.14 6.76
CA VAL H 183 -11.86 22.71 5.55
C VAL H 183 -10.36 22.93 5.75
N ASP H 184 -9.60 21.85 5.75
CA ASP H 184 -8.13 21.93 5.82
C ASP H 184 -7.59 20.73 5.04
N LEU H 185 -7.26 20.96 3.77
CA LEU H 185 -6.82 19.91 2.87
C LEU H 185 -5.32 20.04 2.61
N GLU H 186 -4.80 19.17 1.74
CA GLU H 186 -3.36 19.11 1.50
C GLU H 186 -2.86 20.28 0.67
N SER H 187 -3.74 21.03 0.02
CA SER H 187 -3.33 22.13 -0.84
C SER H 187 -4.41 23.19 -0.89
N ASP H 188 -4.00 24.42 -1.20
CA ASP H 188 -4.94 25.52 -1.34
C ASP H 188 -5.90 25.32 -2.51
N SER H 189 -5.45 24.70 -3.59
CA SER H 189 -6.36 24.37 -4.69
C SER H 189 -7.48 23.46 -4.22
N GLU H 190 -7.14 22.42 -3.46
CA GLU H 190 -8.15 21.51 -2.94
C GLU H 190 -9.06 22.22 -1.95
N THR H 191 -8.50 23.11 -1.13
CA THR H 191 -9.33 23.85 -0.18
C THR H 191 -10.34 24.74 -0.91
N ILE H 192 -9.90 25.44 -1.95
CA ILE H 192 -10.80 26.29 -2.72
C ILE H 192 -11.88 25.45 -3.40
N HIS H 193 -11.48 24.32 -3.99
CA HIS H 193 -12.46 23.46 -4.65
C HIS H 193 -13.49 22.92 -3.66
N CYS H 194 -13.05 22.53 -2.47
CA CYS H 194 -13.96 22.03 -1.45
C CYS H 194 -14.92 23.12 -0.99
N ILE H 195 -14.42 24.35 -0.82
CA ILE H 195 -15.29 25.46 -0.42
C ILE H 195 -16.34 25.72 -1.50
N LEU H 196 -15.93 25.71 -2.76
CA LEU H 196 -16.88 25.90 -3.85
C LEU H 196 -17.93 24.80 -3.87
N GLY H 197 -17.51 23.55 -3.66
CA GLY H 197 -18.45 22.45 -3.62
C GLY H 197 -19.44 22.56 -2.47
N ILE H 198 -18.97 22.95 -1.30
CA ILE H 198 -19.85 23.10 -0.15
C ILE H 198 -20.85 24.22 -0.38
N ARG H 199 -20.39 25.35 -0.92
CA ARG H 199 -21.29 26.45 -1.21
C ARG H 199 -22.28 26.09 -2.31
N LYS H 200 -21.91 25.15 -3.17
CA LYS H 200 -22.86 24.67 -4.17
C LYS H 200 -24.02 23.92 -3.53
N ILE H 201 -23.77 23.23 -2.42
CA ILE H 201 -24.80 22.47 -1.72
C ILE H 201 -25.61 23.38 -0.83
N ASP H 202 -24.95 24.02 0.14
CA ASP H 202 -25.62 24.88 1.10
C ASP H 202 -24.97 26.26 1.08
N GLU H 203 -25.79 27.30 0.92
CA GLU H 203 -25.31 28.67 0.87
C GLU H 203 -25.32 29.36 2.23
N SER H 204 -25.73 28.66 3.29
CA SER H 204 -25.82 29.24 4.61
C SER H 204 -24.96 28.56 5.67
N VAL H 205 -24.42 27.36 5.38
CA VAL H 205 -23.60 26.67 6.36
C VAL H 205 -22.32 27.47 6.61
N ARG H 206 -21.79 27.36 7.82
CA ARG H 206 -20.59 28.10 8.21
C ARG H 206 -19.36 27.30 7.84
N ILE H 207 -18.44 27.93 7.09
CA ILE H 207 -17.23 27.29 6.61
C ILE H 207 -16.03 27.97 7.26
N ILE H 208 -15.10 27.17 7.76
CA ILE H 208 -13.87 27.66 8.38
C ILE H 208 -12.73 27.00 7.63
N ALA H 209 -11.91 27.81 6.95
CA ALA H 209 -10.84 27.31 6.11
C ALA H 209 -9.47 27.75 6.62
N GLU H 210 -8.43 27.08 6.14
CA GLU H 210 -7.05 27.38 6.48
C GLU H 210 -6.27 27.63 5.20
N ALA H 211 -5.46 28.69 5.19
CA ALA H 211 -4.72 29.10 4.01
C ALA H 211 -3.22 28.95 4.24
N GLU H 212 -2.53 28.37 3.26
CA GLU H 212 -1.07 28.31 3.31
C GLU H 212 -0.44 29.59 2.80
N ARG H 213 -0.72 29.94 1.54
CA ARG H 213 -0.09 31.09 0.90
C ARG H 213 -0.86 32.36 1.20
N TYR H 214 -0.14 33.49 1.17
CA TYR H 214 -0.76 34.78 1.39
C TYR H 214 -1.62 35.22 0.21
N GLU H 215 -1.31 34.72 -0.99
CA GLU H 215 -2.07 35.07 -2.19
C GLU H 215 -3.48 34.51 -2.19
N ASN H 216 -3.73 33.43 -1.44
CA ASN H 216 -5.01 32.73 -1.48
C ASN H 216 -5.95 33.15 -0.37
N ILE H 217 -5.56 34.08 0.50
CA ILE H 217 -6.45 34.51 1.57
C ILE H 217 -7.69 35.17 1.00
N GLU H 218 -7.53 36.04 0.02
CA GLU H 218 -8.66 36.68 -0.63
C GLU H 218 -9.47 35.72 -1.48
N GLN H 219 -8.82 34.75 -2.13
CA GLN H 219 -9.55 33.78 -2.93
C GLN H 219 -10.39 32.84 -2.08
N LEU H 220 -9.91 32.47 -0.90
CA LEU H 220 -10.74 31.70 0.02
C LEU H 220 -11.96 32.48 0.47
N ARG H 221 -11.82 33.77 0.74
CA ARG H 221 -12.98 34.58 1.12
C ARG H 221 -13.94 34.78 -0.03
N MET H 222 -13.43 34.91 -1.26
CA MET H 222 -14.32 35.01 -2.42
C MET H 222 -15.03 33.71 -2.73
N ALA H 223 -14.39 32.56 -2.46
CA ALA H 223 -15.05 31.28 -2.69
C ALA H 223 -16.25 31.08 -1.77
N GLY H 224 -16.21 31.64 -0.57
CA GLY H 224 -17.36 31.56 0.32
C GLY H 224 -17.02 31.24 1.76
N ALA H 225 -15.73 31.16 2.10
CA ALA H 225 -15.34 30.85 3.46
C ALA H 225 -15.73 31.96 4.40
N ASP H 226 -16.36 31.58 5.52
CA ASP H 226 -16.75 32.58 6.52
C ASP H 226 -15.56 33.08 7.32
N GLN H 227 -14.65 32.17 7.70
CA GLN H 227 -13.46 32.53 8.47
C GLN H 227 -12.26 31.86 7.85
N VAL H 228 -11.13 32.58 7.80
CA VAL H 228 -9.90 32.11 7.19
C VAL H 228 -8.79 32.22 8.23
N ILE H 229 -7.96 31.19 8.33
CA ILE H 229 -6.85 31.20 9.27
C ILE H 229 -5.56 31.01 8.49
N SER H 230 -4.51 31.75 8.80
CA SER H 230 -3.25 31.73 8.08
C SER H 230 -2.10 31.43 9.04
N PRO H 231 -1.95 30.19 9.49
CA PRO H 231 -0.88 29.88 10.45
C PRO H 231 0.50 30.09 9.89
N PHE H 232 0.71 29.70 8.63
CA PHE H 232 2.02 29.90 8.01
C PHE H 232 2.34 31.38 7.83
N VAL H 233 1.36 32.17 7.42
CA VAL H 233 1.58 33.60 7.27
C VAL H 233 1.89 34.25 8.61
N ILE H 234 1.20 33.85 9.68
CA ILE H 234 1.52 34.39 11.00
C ILE H 234 2.91 33.97 11.45
N SER H 235 3.26 32.70 11.26
CA SER H 235 4.54 32.19 11.77
C SER H 235 5.71 32.78 11.01
N GLY H 236 5.57 32.98 9.69
CA GLY H 236 6.66 33.57 8.93
C GLY H 236 6.98 34.98 9.39
N ARG H 237 5.94 35.79 9.60
CA ARG H 237 6.15 37.15 10.08
C ARG H 237 6.69 37.15 11.51
N LEU H 238 6.24 36.22 12.35
CA LEU H 238 6.79 36.15 13.70
C LEU H 238 8.26 35.76 13.67
N MET H 239 8.65 34.86 12.77
CA MET H 239 10.05 34.50 12.62
C MET H 239 10.87 35.68 12.12
N SER H 240 10.32 36.46 11.19
CA SER H 240 11.05 37.56 10.57
C SER H 240 11.20 38.76 11.49
N ARG H 241 10.67 38.72 12.69
CA ARG H 241 10.85 39.84 13.59
C ARG H 241 11.57 39.44 14.85
N SER H 242 11.62 38.15 15.15
CA SER H 242 12.20 37.68 16.39
C SER H 242 13.71 37.50 16.30
N ILE H 243 14.33 37.86 15.18
CA ILE H 243 15.77 37.71 15.06
C ILE H 243 16.50 38.64 16.00
N ASP H 244 15.93 39.82 16.28
CA ASP H 244 16.58 40.79 17.14
C ASP H 244 15.76 40.97 18.40
N ASP H 245 14.47 41.32 18.30
CA ASP H 245 13.72 41.71 19.50
C ASP H 245 13.05 40.50 20.16
N GLY H 246 12.14 39.84 19.45
CA GLY H 246 11.44 38.69 19.98
C GLY H 246 10.55 38.98 21.17
N TYR H 247 9.79 40.09 21.11
CA TYR H 247 8.82 40.40 22.14
C TYR H 247 7.38 40.23 21.70
N GLU H 248 7.07 40.54 20.43
CA GLU H 248 5.74 40.25 19.90
C GLU H 248 5.45 38.75 19.85
N ALA H 249 6.43 37.95 19.43
CA ALA H 249 6.25 36.50 19.40
C ALA H 249 6.04 35.93 20.78
N MET H 250 6.72 36.46 21.79
CA MET H 250 6.53 35.98 23.16
C MET H 250 5.10 36.23 23.63
N PHE H 251 4.57 37.44 23.40
CA PHE H 251 3.19 37.73 23.74
C PHE H 251 2.23 36.83 22.99
N VAL H 252 2.44 36.67 21.68
CA VAL H 252 1.55 35.85 20.88
C VAL H 252 1.53 34.42 21.39
N GLN H 253 2.71 33.84 21.64
CA GLN H 253 2.77 32.48 22.15
C GLN H 253 2.09 32.36 23.50
N ASP H 254 2.46 33.20 24.47
CA ASP H 254 1.96 33.07 25.82
C ASP H 254 0.47 33.41 25.96
N VAL H 255 -0.11 34.09 24.98
CA VAL H 255 -1.53 34.42 25.05
C VAL H 255 -2.41 33.54 24.18
N LEU H 256 -1.96 33.14 22.98
CA LEU H 256 -2.78 32.38 22.07
C LEU H 256 -2.43 30.90 21.98
N ALA H 257 -1.18 30.52 22.23
CA ALA H 257 -0.76 29.13 22.07
C ALA H 257 -0.80 28.39 23.40
N GLU H 258 -0.11 28.89 24.42
CA GLU H 258 -0.03 28.20 25.70
C GLU H 258 -1.10 28.64 26.68
N GLU H 259 -1.50 29.91 26.66
CA GLU H 259 -2.43 30.47 27.64
C GLU H 259 -1.93 30.21 29.06
N SER H 260 -0.64 30.45 29.21
CA SER H 260 0.07 30.27 30.45
C SER H 260 -0.60 31.01 31.56
N THR H 261 -0.53 32.33 31.50
CA THR H 261 -1.11 33.13 32.55
C THR H 261 -2.39 33.80 32.10
N ARG H 262 -2.34 34.56 31.02
CA ARG H 262 -3.49 35.29 30.54
C ARG H 262 -4.16 34.54 29.38
N ARG H 263 -5.26 35.10 28.89
CA ARG H 263 -6.08 34.45 27.88
C ARG H 263 -6.97 35.48 27.22
N MET H 264 -7.19 35.34 25.91
CA MET H 264 -8.06 36.25 25.18
C MET H 264 -9.46 35.65 25.18
N VAL H 265 -10.38 36.32 25.87
CA VAL H 265 -11.72 35.82 26.07
C VAL H 265 -12.71 36.69 25.30
N GLU H 266 -13.88 36.12 25.00
CA GLU H 266 -14.95 36.86 24.33
C GLU H 266 -16.25 36.55 25.08
N VAL H 267 -16.66 37.47 25.94
CA VAL H 267 -17.84 37.29 26.78
C VAL H 267 -18.97 38.18 26.28
N PRO H 268 -20.16 37.64 26.07
CA PRO H 268 -21.28 38.45 25.58
C PRO H 268 -21.95 39.22 26.72
N ILE H 269 -22.81 40.15 26.32
CA ILE H 269 -23.59 40.98 27.24
C ILE H 269 -25.00 40.39 27.31
N PRO H 270 -25.44 39.92 28.47
CA PRO H 270 -26.78 39.31 28.56
C PRO H 270 -27.88 40.36 28.43
N GLU H 271 -29.12 39.87 28.48
CA GLU H 271 -30.28 40.74 28.36
C GLU H 271 -30.36 41.70 29.53
N GLY H 272 -30.35 42.99 29.25
CA GLY H 272 -30.37 44.02 30.27
C GLY H 272 -29.00 44.26 30.86
N SER H 273 -28.55 43.36 31.74
CA SER H 273 -27.19 43.35 32.24
C SER H 273 -26.85 44.62 33.04
N LYS H 274 -27.84 45.50 33.19
CA LYS H 274 -27.68 46.78 33.88
C LYS H 274 -26.57 47.62 33.26
N LEU H 275 -26.20 47.32 32.01
CA LEU H 275 -25.13 48.04 31.34
C LEU H 275 -25.54 48.42 29.92
N GLU H 276 -26.82 48.56 29.68
CA GLU H 276 -27.20 48.95 28.36
C GLU H 276 -27.17 50.45 28.33
N GLY H 277 -26.66 50.99 27.23
CA GLY H 277 -26.57 52.41 26.98
C GLY H 277 -25.44 53.11 27.70
N VAL H 278 -24.74 52.41 28.59
CA VAL H 278 -23.60 52.98 29.31
C VAL H 278 -22.42 53.05 28.38
N SER H 279 -21.78 54.22 28.34
CA SER H 279 -20.60 54.41 27.50
C SER H 279 -19.39 53.71 28.11
N VAL H 280 -18.38 53.48 27.27
CA VAL H 280 -17.15 52.84 27.74
C VAL H 280 -16.42 53.75 28.72
N LEU H 281 -16.41 55.05 28.48
CA LEU H 281 -15.75 56.00 29.36
C LEU H 281 -16.34 55.99 30.76
N ASP H 282 -17.67 55.85 30.87
CA ASP H 282 -18.32 55.74 32.17
C ASP H 282 -18.28 54.34 32.76
N ALA H 283 -18.16 53.31 31.92
CA ALA H 283 -18.06 51.94 32.44
C ALA H 283 -16.71 51.70 33.08
N ASP H 284 -15.63 52.07 32.38
CA ASP H 284 -14.26 51.83 32.83
C ASP H 284 -14.06 50.37 33.17
N ILE H 285 -14.17 49.51 32.17
CA ILE H 285 -14.02 48.10 32.40
C ILE H 285 -12.61 47.72 32.81
N HIS H 286 -11.61 48.44 32.32
CA HIS H 286 -10.25 48.15 32.75
C HIS H 286 -10.04 48.52 34.21
N ASP H 287 -10.44 49.72 34.61
CA ASP H 287 -10.27 50.16 35.99
C ASP H 287 -11.14 49.39 36.98
N VAL H 288 -12.22 48.77 36.52
CA VAL H 288 -13.08 47.99 37.39
C VAL H 288 -12.63 46.54 37.54
N THR H 289 -12.28 45.86 36.45
CA THR H 289 -11.99 44.43 36.52
C THR H 289 -10.53 44.09 36.24
N GLY H 290 -9.84 44.87 35.42
CA GLY H 290 -8.48 44.56 35.06
C GLY H 290 -8.28 43.90 33.70
N VAL H 291 -9.32 43.83 32.88
CA VAL H 291 -9.25 43.20 31.57
C VAL H 291 -9.09 44.28 30.52
N ILE H 292 -8.05 44.15 29.69
CA ILE H 292 -7.83 45.10 28.62
C ILE H 292 -8.85 44.86 27.52
N ILE H 293 -9.65 45.87 27.21
CA ILE H 293 -10.70 45.74 26.22
C ILE H 293 -10.09 45.99 24.84
N ILE H 294 -10.07 44.95 24.00
CA ILE H 294 -9.52 45.08 22.66
C ILE H 294 -10.55 45.68 21.72
N GLY H 295 -11.74 45.09 21.67
CA GLY H 295 -12.77 45.58 20.79
C GLY H 295 -14.13 45.03 21.17
N VAL H 296 -15.15 45.53 20.49
CA VAL H 296 -16.54 45.14 20.73
C VAL H 296 -17.12 44.67 19.40
N GLY H 297 -17.46 43.39 19.31
CA GLY H 297 -18.04 42.85 18.10
C GLY H 297 -19.56 42.95 18.06
N ARG H 298 -20.08 43.91 17.28
CA ARG H 298 -21.52 44.12 17.16
C ARG H 298 -22.03 43.69 15.79
N GLY H 299 -22.46 42.44 15.70
CA GLY H 299 -23.05 41.92 14.48
C GLY H 299 -22.08 41.69 13.35
N ASP H 300 -21.17 40.72 13.54
CA ASP H 300 -20.22 40.30 12.50
C ASP H 300 -19.35 41.46 12.03
N GLU H 301 -18.93 42.29 12.98
CA GLU H 301 -17.93 43.33 12.71
C GLU H 301 -17.21 43.70 14.00
N LEU H 302 -15.89 43.76 13.96
CA LEU H 302 -15.08 43.99 15.14
C LEU H 302 -14.63 45.45 15.17
N ILE H 303 -15.08 46.18 16.18
CA ILE H 303 -14.67 47.57 16.36
C ILE H 303 -13.51 47.62 17.33
N ILE H 304 -12.29 47.51 16.81
CA ILE H 304 -11.11 47.52 17.67
C ILE H 304 -10.91 48.91 18.25
N ASP H 305 -10.68 48.96 19.56
CA ASP H 305 -10.51 50.19 20.31
C ASP H 305 -11.70 51.13 20.08
N PRO H 306 -12.87 50.81 20.62
CA PRO H 306 -14.04 51.66 20.41
C PRO H 306 -13.85 53.03 21.06
N PRO H 307 -14.47 54.06 20.50
CA PRO H 307 -14.31 55.40 21.09
C PRO H 307 -14.98 55.50 22.45
N ARG H 308 -14.68 56.58 23.15
CA ARG H 308 -15.23 56.82 24.48
C ARG H 308 -16.71 57.16 24.39
N ASP H 309 -17.15 57.53 23.20
CA ASP H 309 -18.55 57.85 22.97
C ASP H 309 -19.38 56.65 22.56
N TYR H 310 -18.77 55.49 22.38
CA TYR H 310 -19.51 54.28 22.03
C TYR H 310 -20.46 53.89 23.16
N SER H 311 -21.66 53.45 22.79
CA SER H 311 -22.69 53.06 23.75
C SER H 311 -22.92 51.56 23.63
N PHE H 312 -22.88 50.86 24.76
CA PHE H 312 -23.08 49.43 24.75
C PHE H 312 -24.53 49.09 24.42
N ARG H 313 -24.78 47.82 24.07
CA ARG H 313 -26.13 47.38 23.75
C ARG H 313 -26.37 46.00 24.28
N ALA H 314 -27.40 45.35 23.77
CA ALA H 314 -27.70 43.98 24.15
C ALA H 314 -27.25 43.02 23.06
N GLY H 315 -26.62 41.92 23.47
CA GLY H 315 -26.08 40.97 22.54
C GLY H 315 -24.68 41.26 22.04
N ASP H 316 -24.07 42.35 22.49
CA ASP H 316 -22.69 42.65 22.10
C ASP H 316 -21.73 41.66 22.76
N ILE H 317 -20.58 41.47 22.12
CA ILE H 317 -19.55 40.56 22.60
C ILE H 317 -18.31 41.38 22.91
N ILE H 318 -17.77 41.21 24.12
CA ILE H 318 -16.60 41.95 24.57
C ILE H 318 -15.37 41.07 24.40
N LEU H 319 -14.38 41.58 23.68
CA LEU H 319 -13.14 40.85 23.41
C LEU H 319 -12.02 41.50 24.23
N GLY H 320 -11.38 40.71 25.08
CA GLY H 320 -10.33 41.21 25.94
C GLY H 320 -9.36 40.12 26.35
N ILE H 321 -8.26 40.56 26.96
CA ILE H 321 -7.22 39.66 27.45
C ILE H 321 -7.11 39.88 28.95
N GLY H 322 -7.21 38.80 29.73
CA GLY H 322 -7.11 38.89 31.17
C GLY H 322 -6.82 37.54 31.78
N LYS H 323 -6.45 37.56 33.06
CA LYS H 323 -6.24 36.36 33.83
C LYS H 323 -7.58 35.65 34.08
N PRO H 324 -7.55 34.34 34.41
CA PRO H 324 -8.80 33.63 34.69
C PRO H 324 -9.58 34.25 35.84
N GLU H 325 -8.88 34.85 36.79
CA GLU H 325 -9.51 35.58 37.88
C GLU H 325 -10.23 36.84 37.38
N GLU H 326 -9.56 37.62 36.54
CA GLU H 326 -10.16 38.87 36.05
C GLU H 326 -11.31 38.59 35.10
N ILE H 327 -11.22 37.50 34.33
CA ILE H 327 -12.33 37.13 33.46
C ILE H 327 -13.57 36.81 34.28
N GLU H 328 -13.39 36.08 35.38
CA GLU H 328 -14.51 35.80 36.28
C GLU H 328 -15.02 37.09 36.91
N ARG H 329 -14.12 38.00 37.25
CA ARG H 329 -14.47 39.29 37.83
C ARG H 329 -15.26 40.17 36.89
N LEU H 330 -15.06 39.99 35.60
CA LEU H 330 -15.80 40.71 34.58
C LEU H 330 -17.13 40.06 34.23
N LYS H 331 -17.16 38.74 34.08
CA LYS H 331 -18.41 38.05 33.77
C LYS H 331 -19.46 38.26 34.86
N ASN H 332 -19.04 38.21 36.13
CA ASN H 332 -19.93 38.53 37.23
C ASN H 332 -20.27 40.01 37.29
N TYR H 333 -19.34 40.88 36.87
CA TYR H 333 -19.61 42.32 36.89
C TYR H 333 -20.65 42.73 35.87
N ILE H 334 -20.66 42.11 34.68
CA ILE H 334 -21.62 42.49 33.65
C ILE H 334 -22.96 41.78 33.79
N SER H 335 -23.14 40.99 34.84
CA SER H 335 -24.44 40.35 35.07
C SER H 335 -25.45 41.37 35.57
N ALA H 336 -26.73 41.09 35.33
CA ALA H 336 -27.80 41.98 35.76
C ALA H 336 -27.96 41.98 37.26
K K I . -34.95 -25.85 22.41
#